data_5TZZ
#
_entry.id   5TZZ
#
_cell.length_a   55.749
_cell.length_b   73.119
_cell.length_c   91.043
_cell.angle_alpha   109.300
_cell.angle_beta   90.910
_cell.angle_gamma   91.150
#
_symmetry.space_group_name_H-M   'P 1'
#
loop_
_entity.id
_entity.type
_entity.pdbx_description
1 polymer "cGMP-dependent 3',5'-cyclic phosphodiesterase"
2 non-polymer (3-bromo-4-fluorophenyl)[(5S)-3,3-difluoro-5-(5-methyl[1,2,4]triazolo[1,5-a]pyrimidin-7-yl)piperidin-1-yl]methanone
3 non-polymer 'ZINC ION'
4 non-polymer 'MAGNESIUM ION'
5 water water
#
_entity_poly.entity_id   1
_entity_poly.type   'polypeptide(L)'
_entity_poly.pdbx_seq_one_letter_code
;SAMDDEYTKLLHDGIQPVAAIDSNFASFTYTPRSLPEDDTSMAILSMLQDMNFINNYKIDCPTLARFCLMVKKGYRDPPY
HNWMHAFSVSHFCYLLYKNLELTNYLEDIEIFALFISCMCHDLDHRGTNNSFQVASKSVLAALYSSEGSVMERHHFAQAI
AILNTHGCNIFDHFSRKDYQRMLDLMRDIILATDLAHHLRIFKDLQKMAEVGYDRNNKQHHRLLLCLLMTSCDLSDQTKG
WKTTRKIAELIYKEFFSQGDLEKAMGNRPMEMMDREKAYIPELQISFMEHIAMPIYKLLQDLFPKAAELYERVASNREHW
TKVSHKFTIRGLPSNNSLDFLDEE
;
_entity_poly.pdbx_strand_id   A,B,C,D
#
loop_
_chem_comp.id
_chem_comp.type
_chem_comp.name
_chem_comp.formula
7OJ non-polymer (3-bromo-4-fluorophenyl)[(5S)-3,3-difluoro-5-(5-methyl[1,2,4]triazolo[1,5-a]pyrimidin-7-yl)piperidin-1-yl]methanone 'C18 H15 Br F3 N5 O'
MG non-polymer 'MAGNESIUM ION' 'Mg 2'
ZN non-polymer 'ZINC ION' 'Zn 2'
#
# COMPACT_ATOMS: atom_id res chain seq x y z
N SER A 1 0.98 17.99 13.59
CA SER A 1 0.62 19.14 14.40
C SER A 1 1.85 19.80 14.98
N ALA A 2 2.91 19.00 15.12
CA ALA A 2 4.17 19.52 15.62
C ALA A 2 4.78 20.51 14.64
N MET A 3 4.85 20.13 13.36
CA MET A 3 5.32 21.09 12.36
C MET A 3 4.40 22.29 12.24
N ASP A 4 3.10 22.11 12.51
CA ASP A 4 2.18 23.23 12.43
C ASP A 4 2.51 24.29 13.47
N ASP A 5 2.75 23.87 14.71
CA ASP A 5 3.07 24.87 15.73
C ASP A 5 4.44 25.46 15.50
N GLU A 6 5.41 24.63 15.10
CA GLU A 6 6.71 25.16 14.75
C GLU A 6 6.61 26.16 13.60
N TYR A 7 5.75 25.88 12.62
CA TYR A 7 5.52 26.81 11.51
C TYR A 7 4.95 28.12 12.01
N THR A 8 3.92 28.04 12.85
CA THR A 8 3.24 29.23 13.34
C THR A 8 4.22 30.19 14.00
N LYS A 9 5.10 29.67 14.87
CA LYS A 9 6.08 30.50 15.54
C LYS A 9 7.09 31.08 14.56
N LEU A 10 7.60 30.23 13.67
CA LEU A 10 8.54 30.68 12.65
C LEU A 10 7.97 31.85 11.85
N LEU A 11 6.70 31.75 11.46
CA LEU A 11 6.10 32.77 10.62
C LEU A 11 5.78 34.04 11.41
N HIS A 12 5.20 33.90 12.61
CA HIS A 12 4.63 35.05 13.30
C HIS A 12 5.53 35.65 14.36
N ASP A 13 6.57 34.95 14.83
CA ASP A 13 7.40 35.50 15.89
C ASP A 13 8.41 36.53 15.38
N GLY A 14 8.75 36.48 14.11
CA GLY A 14 9.81 37.33 13.60
C GLY A 14 11.13 36.58 13.48
N ILE A 15 12.01 37.12 12.65
CA ILE A 15 13.29 36.49 12.33
C ILE A 15 14.35 37.06 13.26
N GLN A 16 14.89 36.24 14.14
CA GLN A 16 15.86 36.68 15.13
C GLN A 16 17.11 37.23 14.45
N PRO A 17 17.69 38.33 14.97
CA PRO A 17 18.95 38.82 14.41
C PRO A 17 20.03 37.76 14.49
N VAL A 18 20.88 37.71 13.46
CA VAL A 18 21.88 36.67 13.38
C VAL A 18 22.86 36.75 14.56
N ALA A 19 23.16 37.96 15.04
CA ALA A 19 24.06 38.12 16.19
C ALA A 19 23.47 37.56 17.47
N ALA A 20 22.15 37.43 17.55
CA ALA A 20 21.51 36.89 18.74
C ALA A 20 21.56 35.37 18.78
N ILE A 21 21.94 34.74 17.67
CA ILE A 21 22.17 33.30 17.68
C ILE A 21 23.45 32.98 18.46
N ASP A 22 24.54 33.64 18.09
CA ASP A 22 25.83 33.53 18.77
C ASP A 22 26.65 34.75 18.40
N SER A 23 27.56 35.14 19.31
CA SER A 23 28.36 36.33 19.07
C SER A 23 29.46 36.08 18.03
N ASN A 24 29.91 34.84 17.88
CA ASN A 24 30.88 34.47 16.87
C ASN A 24 30.25 33.74 15.68
N PHE A 25 28.94 33.93 15.48
CA PHE A 25 28.21 33.11 14.50
C PHE A 25 28.73 33.29 13.08
N ALA A 26 29.34 34.45 12.77
CA ALA A 26 29.79 34.75 11.41
C ALA A 26 31.29 34.51 11.23
N SER A 27 31.91 33.79 12.15
CA SER A 27 33.35 33.57 12.15
C SER A 27 33.64 32.14 11.73
N PHE A 28 34.76 31.98 11.00
CA PHE A 28 35.23 30.64 10.63
C PHE A 28 35.51 29.75 11.84
N THR A 29 35.66 30.33 13.04
CA THR A 29 35.91 29.51 14.22
C THR A 29 34.64 29.03 14.90
N TYR A 30 33.47 29.49 14.48
CA TYR A 30 32.22 29.02 15.06
C TYR A 30 31.92 27.60 14.60
N THR A 31 31.39 26.78 15.51
CA THR A 31 31.02 25.40 15.18
C THR A 31 29.51 25.31 15.17
N PRO A 32 28.85 25.28 14.00
CA PRO A 32 27.38 25.34 14.00
C PRO A 32 26.73 24.12 14.61
N ARG A 33 27.45 22.99 14.73
CA ARG A 33 26.90 21.87 15.47
C ARG A 33 26.70 22.17 16.95
N SER A 34 27.25 23.28 17.44
CA SER A 34 26.95 23.71 18.80
C SER A 34 25.53 24.21 18.96
N LEU A 35 24.88 24.58 17.85
CA LEU A 35 23.54 25.12 17.92
C LEU A 35 22.55 24.00 18.19
N PRO A 36 21.66 24.14 19.17
CA PRO A 36 20.62 23.13 19.37
C PRO A 36 19.79 22.95 18.11
N GLU A 37 19.43 21.70 17.83
CA GLU A 37 18.73 21.40 16.59
C GLU A 37 17.41 22.14 16.52
N ASP A 38 16.75 22.34 17.67
CA ASP A 38 15.47 23.04 17.69
C ASP A 38 15.60 24.49 17.24
N ASP A 39 16.80 25.06 17.25
CA ASP A 39 17.02 26.46 16.88
C ASP A 39 17.47 26.62 15.44
N THR A 40 17.65 25.52 14.70
CA THR A 40 18.32 25.61 13.42
C THR A 40 17.44 26.15 12.31
N SER A 41 16.14 25.85 12.31
CA SER A 41 15.29 26.40 11.24
C SER A 41 15.22 27.91 11.34
N MET A 42 15.14 28.43 12.56
CA MET A 42 15.18 29.88 12.70
C MET A 42 16.52 30.45 12.26
N ALA A 43 17.61 29.75 12.57
CA ALA A 43 18.93 30.19 12.16
C ALA A 43 19.05 30.28 10.64
N ILE A 44 18.43 29.33 9.92
CA ILE A 44 18.38 29.38 8.47
C ILE A 44 17.72 30.68 8.01
N LEU A 45 16.57 31.02 8.61
CA LEU A 45 15.91 32.26 8.21
C LEU A 45 16.78 33.46 8.51
N SER A 46 17.41 33.46 9.70
CA SER A 46 18.30 34.55 10.07
C SER A 46 19.42 34.74 9.06
N MET A 47 19.99 33.64 8.57
CA MET A 47 21.07 33.75 7.60
C MET A 47 20.56 34.23 6.25
N LEU A 48 19.38 33.73 5.85
CA LEU A 48 18.80 34.18 4.58
C LEU A 48 18.46 35.65 4.63
N GLN A 49 17.99 36.12 5.79
CA GLN A 49 17.74 37.55 5.99
C GLN A 49 19.02 38.36 5.94
N ASP A 50 20.07 37.86 6.59
CA ASP A 50 21.30 38.63 6.73
C ASP A 50 22.01 38.79 5.39
N MET A 51 21.97 37.76 4.55
CA MET A 51 22.44 37.84 3.18
C MET A 51 21.46 38.60 2.27
N ASN A 52 20.33 39.05 2.82
CA ASN A 52 19.32 39.85 2.13
C ASN A 52 18.65 39.10 0.95
N PHE A 53 18.65 37.77 0.97
CA PHE A 53 17.96 37.04 -0.09
C PHE A 53 16.45 37.14 0.04
N ILE A 54 15.93 37.26 1.27
CA ILE A 54 14.48 37.38 1.47
C ILE A 54 13.95 38.65 0.78
N ASN A 55 14.54 39.80 1.08
CA ASN A 55 14.13 41.04 0.44
C ASN A 55 14.45 41.04 -1.05
N ASN A 56 15.68 40.66 -1.42
CA ASN A 56 16.11 40.81 -2.81
C ASN A 56 15.25 40.01 -3.77
N TYR A 57 14.90 38.78 -3.40
CA TYR A 57 14.08 37.91 -4.23
C TYR A 57 12.62 37.90 -3.81
N LYS A 58 12.24 38.81 -2.90
CA LYS A 58 10.86 38.95 -2.44
C LYS A 58 10.26 37.59 -2.09
N ILE A 59 10.94 36.90 -1.20
CA ILE A 59 10.53 35.55 -0.82
C ILE A 59 9.34 35.67 0.12
N ASP A 60 8.28 34.93 -0.18
CA ASP A 60 7.07 34.97 0.64
C ASP A 60 7.36 34.31 1.98
N CYS A 61 7.12 35.03 3.08
CA CYS A 61 7.52 34.51 4.38
C CYS A 61 6.78 33.23 4.77
N PRO A 62 5.44 33.13 4.63
CA PRO A 62 4.78 31.84 4.87
C PRO A 62 5.39 30.71 4.06
N THR A 63 5.62 30.94 2.77
CA THR A 63 6.19 29.90 1.93
C THR A 63 7.58 29.51 2.41
N LEU A 64 8.40 30.49 2.77
CA LEU A 64 9.77 30.20 3.19
C LEU A 64 9.78 29.42 4.50
N ALA A 65 8.90 29.78 5.42
CA ALA A 65 8.83 29.02 6.67
C ALA A 65 8.42 27.58 6.44
N ARG A 66 7.42 27.36 5.59
CA ARG A 66 7.03 26.00 5.25
C ARG A 66 8.17 25.28 4.56
N PHE A 67 8.84 25.96 3.62
CA PHE A 67 9.94 25.34 2.89
C PHE A 67 11.03 24.87 3.84
N CYS A 68 11.47 25.75 4.73
CA CYS A 68 12.59 25.39 5.61
C CYS A 68 12.22 24.20 6.48
N LEU A 69 10.99 24.14 6.96
CA LEU A 69 10.59 23.03 7.83
C LEU A 69 10.46 21.74 7.04
N MET A 70 10.03 21.83 5.78
CA MET A 70 9.92 20.65 4.95
C MET A 70 11.29 20.10 4.60
N VAL A 71 12.27 20.98 4.37
CA VAL A 71 13.63 20.51 4.11
C VAL A 71 14.18 19.79 5.34
N LYS A 72 14.03 20.40 6.53
CA LYS A 72 14.46 19.73 7.75
C LYS A 72 13.79 18.36 7.89
N LYS A 73 12.50 18.29 7.58
CA LYS A 73 11.74 17.04 7.74
C LYS A 73 12.15 15.99 6.71
N GLY A 74 12.80 16.40 5.63
CA GLY A 74 13.26 15.52 4.59
C GLY A 74 14.56 14.80 4.84
N TYR A 75 15.18 15.04 5.99
CA TYR A 75 16.39 14.32 6.39
C TYR A 75 16.01 13.24 7.39
N ARG A 76 16.63 12.08 7.22
CA ARG A 76 16.54 11.00 8.19
C ARG A 76 17.65 11.23 9.23
N ASP A 77 17.87 10.23 10.08
CA ASP A 77 18.80 10.40 11.18
C ASP A 77 19.93 9.38 11.19
N PRO A 78 20.64 9.14 10.09
CA PRO A 78 21.88 8.35 10.19
C PRO A 78 22.91 9.11 11.01
N PRO A 79 24.00 8.47 11.41
CA PRO A 79 24.97 9.19 12.25
C PRO A 79 25.49 10.48 11.65
N TYR A 80 25.82 10.50 10.35
CA TYR A 80 26.43 11.69 9.76
C TYR A 80 25.50 12.45 8.83
N HIS A 81 24.86 11.78 7.86
CA HIS A 81 24.10 12.48 6.81
C HIS A 81 22.66 12.76 7.26
N ASN A 82 22.56 13.64 8.25
CA ASN A 82 21.31 14.06 8.86
C ASN A 82 21.13 15.56 8.69
N TRP A 83 20.04 16.10 9.26
CA TRP A 83 19.78 17.53 9.07
C TRP A 83 20.91 18.37 9.66
N MET A 84 21.51 17.95 10.77
CA MET A 84 22.58 18.77 11.36
C MET A 84 23.80 18.87 10.43
N HIS A 85 24.03 17.85 9.61
CA HIS A 85 25.03 17.98 8.55
C HIS A 85 24.60 19.04 7.53
N ALA A 86 23.37 18.96 7.04
CA ALA A 86 22.92 19.96 6.05
C ALA A 86 22.93 21.36 6.65
N PHE A 87 22.56 21.49 7.94
CA PHE A 87 22.60 22.80 8.59
C PHE A 87 24.01 23.35 8.65
N SER A 88 24.96 22.50 9.06
CA SER A 88 26.34 22.98 9.20
C SER A 88 26.96 23.29 7.83
N VAL A 89 26.57 22.53 6.80
CA VAL A 89 27.05 22.82 5.45
C VAL A 89 26.51 24.15 4.97
N SER A 90 25.23 24.42 5.24
CA SER A 90 24.62 25.70 4.89
C SER A 90 25.27 26.86 5.63
N HIS A 91 25.56 26.65 6.92
CA HIS A 91 26.21 27.69 7.70
C HIS A 91 27.56 28.05 7.11
N PHE A 92 28.30 27.05 6.63
CA PHE A 92 29.59 27.38 6.04
C PHE A 92 29.41 28.21 4.79
N CYS A 93 28.38 27.92 4.00
CA CYS A 93 28.05 28.78 2.85
C CYS A 93 27.87 30.21 3.31
N TYR A 94 27.11 30.39 4.39
CA TYR A 94 26.93 31.73 4.95
C TYR A 94 28.29 32.34 5.35
N LEU A 95 29.15 31.55 5.97
CA LEU A 95 30.49 32.03 6.32
C LEU A 95 31.27 32.47 5.09
N LEU A 96 31.18 31.71 3.99
CA LEU A 96 31.86 32.12 2.76
C LEU A 96 31.34 33.46 2.29
N TYR A 97 30.01 33.64 2.33
CA TYR A 97 29.43 34.92 1.96
C TYR A 97 29.90 36.05 2.89
N LYS A 98 30.05 35.75 4.17
CA LYS A 98 30.35 36.84 5.10
C LYS A 98 31.83 37.19 5.14
N ASN A 99 32.70 36.26 4.71
CA ASN A 99 34.14 36.41 4.87
C ASN A 99 34.91 36.52 3.57
N LEU A 100 34.38 36.03 2.45
CA LEU A 100 35.19 35.90 1.24
C LEU A 100 34.76 36.77 0.09
N GLU A 101 33.76 37.63 0.27
CA GLU A 101 33.36 38.59 -0.77
C GLU A 101 32.98 37.87 -2.05
N LEU A 102 32.03 36.95 -1.93
CA LEU A 102 31.62 36.14 -3.06
C LEU A 102 31.00 36.97 -4.17
N THR A 103 30.47 38.15 -3.83
CA THR A 103 29.83 38.99 -4.81
C THR A 103 30.80 39.53 -5.86
N ASN A 104 32.11 39.42 -5.63
CA ASN A 104 33.09 39.78 -6.64
C ASN A 104 33.34 38.66 -7.64
N TYR A 105 32.83 37.45 -7.39
CA TYR A 105 33.05 36.28 -8.22
C TYR A 105 31.79 35.73 -8.87
N LEU A 106 30.66 35.79 -8.17
CA LEU A 106 29.44 35.09 -8.56
C LEU A 106 28.25 36.05 -8.63
N GLU A 107 27.28 35.69 -9.47
CA GLU A 107 26.03 36.46 -9.49
C GLU A 107 25.22 36.21 -8.21
N ASP A 108 24.31 37.15 -7.91
CA ASP A 108 23.45 37.00 -6.74
C ASP A 108 22.69 35.68 -6.81
N ILE A 109 22.17 35.34 -7.99
CA ILE A 109 21.32 34.16 -8.04
C ILE A 109 22.15 32.90 -7.86
N GLU A 110 23.43 32.94 -8.23
CA GLU A 110 24.29 31.79 -8.03
C GLU A 110 24.60 31.58 -6.56
N ILE A 111 24.83 32.67 -5.82
CA ILE A 111 25.08 32.56 -4.39
C ILE A 111 23.83 32.07 -3.66
N PHE A 112 22.65 32.54 -4.08
CA PHE A 112 21.40 32.09 -3.49
C PHE A 112 21.18 30.60 -3.75
N ALA A 113 21.41 30.17 -4.99
CA ALA A 113 21.28 28.76 -5.32
C ALA A 113 22.27 27.91 -4.55
N LEU A 114 23.49 28.42 -4.36
CA LEU A 114 24.45 27.67 -3.55
C LEU A 114 23.89 27.41 -2.16
N PHE A 115 23.31 28.43 -1.52
CA PHE A 115 22.84 28.27 -0.15
C PHE A 115 21.66 27.30 -0.08
N ILE A 116 20.67 27.48 -0.96
CA ILE A 116 19.53 26.57 -0.98
C ILE A 116 20.00 25.15 -1.28
N SER A 117 20.95 25.01 -2.20
CA SER A 117 21.48 23.69 -2.52
C SER A 117 22.12 23.05 -1.30
N CYS A 118 22.91 23.82 -0.55
CA CYS A 118 23.48 23.30 0.71
C CYS A 118 22.41 22.76 1.63
N MET A 119 21.29 23.49 1.77
CA MET A 119 20.22 23.02 2.65
C MET A 119 19.67 21.68 2.19
N CYS A 120 19.56 21.49 0.87
CA CYS A 120 18.89 20.34 0.27
C CYS A 120 19.81 19.20 -0.13
N HIS A 121 21.13 19.35 0.00
CA HIS A 121 22.00 18.54 -0.86
C HIS A 121 22.10 17.07 -0.46
N ASP A 122 21.67 16.69 0.74
CA ASP A 122 21.66 15.27 1.16
C ASP A 122 20.28 14.78 1.54
N LEU A 123 19.22 15.42 1.03
CA LEU A 123 17.85 15.10 1.42
C LEU A 123 17.55 13.60 1.30
N ASP A 124 16.97 13.04 2.37
CA ASP A 124 16.53 11.63 2.38
C ASP A 124 17.70 10.66 2.28
N HIS A 125 18.89 11.06 2.73
CA HIS A 125 20.02 10.15 2.77
C HIS A 125 19.71 8.97 3.70
N ARG A 126 20.08 7.76 3.25
CA ARG A 126 19.80 6.56 4.04
C ARG A 126 21.06 6.01 4.70
N GLY A 127 22.15 6.78 4.71
CA GLY A 127 23.37 6.35 5.34
C GLY A 127 24.17 5.33 4.56
N THR A 128 23.90 5.19 3.26
CA THR A 128 24.68 4.32 2.40
C THR A 128 25.09 5.10 1.16
N ASN A 129 26.20 4.67 0.54
CA ASN A 129 26.78 5.40 -0.58
C ASN A 129 26.15 4.98 -1.91
N ASN A 130 26.70 5.49 -3.02
CA ASN A 130 26.16 5.18 -4.34
C ASN A 130 26.38 3.72 -4.72
N SER A 131 27.57 3.18 -4.47
CA SER A 131 27.84 1.78 -4.82
C SER A 131 26.85 0.84 -4.14
N PHE A 132 26.46 1.16 -2.90
CA PHE A 132 25.52 0.30 -2.19
C PHE A 132 24.14 0.29 -2.87
N GLN A 133 23.70 1.43 -3.40
CA GLN A 133 22.42 1.45 -4.11
C GLN A 133 22.44 0.46 -5.27
N VAL A 134 23.52 0.45 -6.05
CA VAL A 134 23.63 -0.50 -7.16
C VAL A 134 23.68 -1.93 -6.63
N ALA A 135 24.60 -2.20 -5.71
CA ALA A 135 24.78 -3.57 -5.25
C ALA A 135 23.52 -4.12 -4.58
N SER A 136 22.80 -3.28 -3.86
CA SER A 136 21.57 -3.69 -3.20
C SER A 136 20.36 -3.63 -4.13
N LYS A 137 20.52 -3.17 -5.37
CA LYS A 137 19.41 -3.05 -6.32
C LYS A 137 18.26 -2.23 -5.71
N SER A 138 18.61 -1.08 -5.16
CA SER A 138 17.59 -0.26 -4.52
C SER A 138 16.74 0.44 -5.57
N VAL A 139 15.59 0.93 -5.12
CA VAL A 139 14.73 1.73 -6.00
C VAL A 139 15.52 2.88 -6.60
N LEU A 140 16.42 3.47 -5.81
CA LEU A 140 17.14 4.65 -6.29
C LEU A 140 18.04 4.29 -7.46
N ALA A 141 18.67 3.12 -7.37
CA ALA A 141 19.51 2.64 -8.46
C ALA A 141 18.67 2.29 -9.68
N ALA A 142 17.49 1.70 -9.48
CA ALA A 142 16.59 1.47 -10.60
C ALA A 142 16.31 2.77 -11.35
N LEU A 143 16.17 3.87 -10.62
CA LEU A 143 15.83 5.17 -11.22
C LEU A 143 17.03 5.80 -11.90
N TYR A 144 18.20 5.81 -11.25
CA TYR A 144 19.28 6.69 -11.65
C TYR A 144 20.61 6.03 -11.98
N SER A 145 20.78 4.71 -11.74
CA SER A 145 22.10 4.11 -11.85
C SER A 145 22.69 4.25 -13.25
N SER A 146 21.83 4.33 -14.27
CA SER A 146 22.30 4.53 -15.64
C SER A 146 22.98 5.88 -15.84
N GLU A 147 22.68 6.85 -14.98
CA GLU A 147 23.27 8.18 -15.07
C GLU A 147 24.42 8.43 -14.11
N GLY A 148 24.57 7.62 -13.08
CA GLY A 148 25.56 7.88 -12.05
C GLY A 148 25.05 8.84 -11.00
N SER A 149 25.86 9.02 -9.96
CA SER A 149 25.55 9.91 -8.84
C SER A 149 24.15 9.65 -8.30
N VAL A 150 23.89 8.38 -7.98
CA VAL A 150 22.54 7.94 -7.67
C VAL A 150 21.94 8.77 -6.54
N MET A 151 22.66 8.85 -5.41
CA MET A 151 22.10 9.54 -4.26
C MET A 151 21.91 11.01 -4.54
N GLU A 152 22.90 11.64 -5.19
CA GLU A 152 22.83 13.07 -5.47
C GLU A 152 21.66 13.40 -6.38
N ARG A 153 21.39 12.55 -7.37
CA ARG A 153 20.19 12.73 -8.20
C ARG A 153 18.94 12.62 -7.33
N HIS A 154 18.91 11.64 -6.42
CA HIS A 154 17.80 11.56 -5.48
C HIS A 154 17.68 12.81 -4.61
N HIS A 155 18.81 13.34 -4.12
CA HIS A 155 18.75 14.54 -3.29
C HIS A 155 18.10 15.68 -4.07
N PHE A 156 18.54 15.87 -5.31
CA PHE A 156 17.98 16.90 -6.17
C PHE A 156 16.50 16.66 -6.40
N ALA A 157 16.12 15.42 -6.75
CA ALA A 157 14.71 15.15 -7.02
C ALA A 157 13.84 15.42 -5.78
N GLN A 158 14.37 15.15 -4.58
CA GLN A 158 13.65 15.43 -3.35
C GLN A 158 13.49 16.93 -3.15
N ALA A 159 14.51 17.70 -3.48
CA ALA A 159 14.41 19.15 -3.38
C ALA A 159 13.30 19.68 -4.28
N ILE A 160 13.24 19.16 -5.51
CA ILE A 160 12.20 19.56 -6.45
C ILE A 160 10.82 19.14 -5.93
N ALA A 161 10.73 17.94 -5.33
CA ALA A 161 9.45 17.50 -4.82
C ALA A 161 8.98 18.40 -3.68
N ILE A 162 9.91 18.94 -2.89
CA ILE A 162 9.49 19.88 -1.86
C ILE A 162 8.97 21.17 -2.50
N LEU A 163 9.70 21.70 -3.48
CA LEU A 163 9.23 22.89 -4.19
C LEU A 163 7.86 22.66 -4.82
N ASN A 164 7.63 21.44 -5.33
CA ASN A 164 6.36 21.12 -5.99
C ASN A 164 5.25 20.77 -5.00
N THR A 165 5.50 20.87 -3.70
CA THR A 165 4.47 20.70 -2.69
C THR A 165 3.77 22.03 -2.46
N HIS A 166 2.44 21.99 -2.45
CA HIS A 166 1.66 23.22 -2.33
C HIS A 166 2.09 24.00 -1.10
N GLY A 167 2.37 25.28 -1.30
CA GLY A 167 2.75 26.20 -0.25
C GLY A 167 4.24 26.25 0.03
N CYS A 168 5.07 25.53 -0.72
CA CYS A 168 6.49 25.41 -0.43
C CYS A 168 7.39 25.95 -1.51
N ASN A 169 6.85 26.40 -2.65
CA ASN A 169 7.71 26.84 -3.74
C ASN A 169 8.13 28.28 -3.51
N ILE A 170 9.30 28.45 -2.89
CA ILE A 170 9.82 29.79 -2.62
C ILE A 170 10.21 30.53 -3.88
N PHE A 171 10.23 29.87 -5.04
CA PHE A 171 10.62 30.47 -6.31
C PHE A 171 9.43 30.71 -7.24
N ASP A 172 8.20 30.49 -6.79
CA ASP A 172 7.13 30.34 -7.78
C ASP A 172 6.68 31.67 -8.39
N HIS A 173 7.20 32.79 -7.91
CA HIS A 173 6.95 34.09 -8.51
C HIS A 173 8.09 34.55 -9.41
N PHE A 174 9.21 33.80 -9.45
CA PHE A 174 10.30 34.12 -10.37
C PHE A 174 9.79 34.14 -11.80
N SER A 175 10.49 34.91 -12.65
CA SER A 175 10.28 34.79 -14.07
C SER A 175 10.58 33.37 -14.52
N ARG A 176 9.97 32.97 -15.65
CA ARG A 176 10.22 31.65 -16.20
C ARG A 176 11.73 31.41 -16.37
N LYS A 177 12.44 32.41 -16.87
CA LYS A 177 13.88 32.25 -17.08
C LYS A 177 14.62 32.13 -15.76
N ASP A 178 14.28 32.96 -14.77
CA ASP A 178 14.96 32.88 -13.48
C ASP A 178 14.65 31.58 -12.75
N TYR A 179 13.40 31.10 -12.86
CA TYR A 179 13.04 29.82 -12.25
C TYR A 179 13.87 28.69 -12.86
N GLN A 180 13.90 28.63 -14.19
CA GLN A 180 14.70 27.63 -14.87
C GLN A 180 16.17 27.77 -14.50
N ARG A 181 16.66 29.00 -14.36
CA ARG A 181 18.06 29.19 -13.92
C ARG A 181 18.32 28.58 -12.55
N MET A 182 17.42 28.85 -11.59
CA MET A 182 17.60 28.41 -10.21
C MET A 182 17.63 26.89 -10.13
N LEU A 183 16.71 26.25 -10.84
CA LEU A 183 16.62 24.80 -10.71
C LEU A 183 17.79 24.14 -11.42
N ASP A 184 18.29 24.74 -12.50
CA ASP A 184 19.47 24.23 -13.17
C ASP A 184 20.72 24.38 -12.31
N LEU A 185 20.88 25.54 -11.66
CA LEU A 185 21.94 25.72 -10.67
C LEU A 185 21.85 24.66 -9.57
N MET A 186 20.64 24.43 -9.03
CA MET A 186 20.51 23.44 -7.95
C MET A 186 20.92 22.05 -8.43
N ARG A 187 20.53 21.68 -9.65
CA ARG A 187 20.99 20.42 -10.23
C ARG A 187 22.52 20.35 -10.25
N ASP A 188 23.16 21.39 -10.83
CA ASP A 188 24.61 21.34 -10.98
C ASP A 188 25.31 21.28 -9.62
N ILE A 189 24.85 22.11 -8.69
CA ILE A 189 25.52 22.21 -7.38
C ILE A 189 25.31 20.92 -6.57
N ILE A 190 24.09 20.38 -6.58
CA ILE A 190 23.86 19.18 -5.78
C ILE A 190 24.61 18.00 -6.37
N LEU A 191 24.61 17.89 -7.70
CA LEU A 191 25.35 16.81 -8.33
C LEU A 191 26.85 16.92 -8.07
N ALA A 192 27.36 18.14 -7.86
CA ALA A 192 28.77 18.33 -7.59
C ALA A 192 29.19 17.81 -6.23
N THR A 193 28.23 17.48 -5.35
CA THR A 193 28.57 16.90 -4.04
C THR A 193 29.00 15.45 -4.14
N ASP A 194 28.82 14.81 -5.30
CA ASP A 194 29.41 13.50 -5.55
C ASP A 194 30.92 13.67 -5.62
N LEU A 195 31.65 13.11 -4.65
CA LEU A 195 33.10 13.30 -4.67
C LEU A 195 33.74 12.74 -5.95
N ALA A 196 33.10 11.74 -6.60
CA ALA A 196 33.61 11.28 -7.90
C ALA A 196 33.59 12.41 -8.92
N HIS A 197 32.60 13.29 -8.83
CA HIS A 197 32.55 14.45 -9.73
C HIS A 197 33.66 15.43 -9.39
N HIS A 198 33.85 15.71 -8.09
CA HIS A 198 34.96 16.56 -7.70
C HIS A 198 36.26 16.04 -8.26
N LEU A 199 36.53 14.74 -8.06
CA LEU A 199 37.80 14.23 -8.53
C LEU A 199 37.92 14.32 -10.05
N ARG A 200 36.80 14.20 -10.78
CA ARG A 200 36.87 14.32 -12.23
C ARG A 200 37.22 15.75 -12.65
N ILE A 201 36.68 16.77 -11.99
CA ILE A 201 36.92 18.16 -12.40
C ILE A 201 38.14 18.79 -11.74
N PHE A 202 38.85 18.06 -10.89
CA PHE A 202 39.93 18.62 -10.07
C PHE A 202 40.98 19.34 -10.92
N LYS A 203 41.40 18.73 -12.03
CA LYS A 203 42.42 19.35 -12.87
C LYS A 203 41.89 20.65 -13.47
N ASP A 204 40.60 20.68 -13.85
CA ASP A 204 40.03 21.92 -14.35
C ASP A 204 40.02 22.99 -13.27
N LEU A 205 39.77 22.58 -12.01
CA LEU A 205 39.84 23.52 -10.90
C LEU A 205 41.26 24.03 -10.71
N GLN A 206 42.24 23.14 -10.78
CA GLN A 206 43.63 23.58 -10.73
C GLN A 206 43.94 24.56 -11.85
N LYS A 207 43.48 24.27 -13.07
CA LYS A 207 43.82 25.12 -14.19
C LYS A 207 43.21 26.50 -14.03
N MET A 208 41.96 26.56 -13.53
CA MET A 208 41.32 27.83 -13.24
C MET A 208 42.09 28.62 -12.19
N ALA A 209 42.50 27.95 -11.10
CA ALA A 209 43.30 28.65 -10.08
C ALA A 209 44.61 29.17 -10.66
N GLU A 210 45.24 28.40 -11.56
CA GLU A 210 46.55 28.81 -12.09
C GLU A 210 46.43 30.02 -13.00
N VAL A 211 45.44 30.00 -13.91
CA VAL A 211 45.36 31.08 -14.89
C VAL A 211 44.71 32.32 -14.29
N GLY A 212 43.85 32.14 -13.29
CA GLY A 212 43.20 33.25 -12.63
C GLY A 212 41.72 33.27 -12.93
N TYR A 213 40.91 33.44 -11.89
CA TYR A 213 39.46 33.45 -12.08
C TYR A 213 39.05 34.58 -13.03
N ASP A 214 38.28 34.22 -14.05
CA ASP A 214 37.73 35.19 -15.02
C ASP A 214 36.22 35.30 -14.77
N ARG A 215 35.79 36.39 -14.14
CA ARG A 215 34.36 36.53 -13.84
C ARG A 215 33.49 36.63 -15.09
N ASN A 216 34.08 36.84 -16.26
CA ASN A 216 33.32 36.86 -17.51
C ASN A 216 33.26 35.48 -18.16
N ASN A 217 33.82 34.46 -17.52
CA ASN A 217 33.92 33.13 -18.07
C ASN A 217 32.86 32.27 -17.39
N LYS A 218 31.84 31.86 -18.15
CA LYS A 218 30.74 31.13 -17.54
C LYS A 218 31.19 29.76 -17.04
N GLN A 219 32.16 29.14 -17.69
CA GLN A 219 32.66 27.88 -17.14
C GLN A 219 33.37 28.12 -15.81
N HIS A 220 34.04 29.26 -15.65
CA HIS A 220 34.69 29.54 -14.37
C HIS A 220 33.66 29.69 -13.26
N HIS A 221 32.52 30.32 -13.54
CA HIS A 221 31.46 30.35 -12.53
C HIS A 221 31.03 28.95 -12.14
N ARG A 222 30.86 28.06 -13.13
CA ARG A 222 30.38 26.73 -12.82
C ARG A 222 31.40 25.96 -12.00
N LEU A 223 32.68 26.02 -12.40
CA LEU A 223 33.72 25.35 -11.61
C LEU A 223 33.79 25.90 -10.20
N LEU A 224 33.72 27.22 -10.04
CA LEU A 224 33.83 27.78 -8.70
C LEU A 224 32.67 27.35 -7.81
N LEU A 225 31.45 27.30 -8.37
CA LEU A 225 30.31 26.80 -7.59
C LEU A 225 30.55 25.38 -7.12
N CYS A 226 31.13 24.54 -7.96
CA CYS A 226 31.44 23.17 -7.54
C CYS A 226 32.43 23.16 -6.39
N LEU A 227 33.49 23.98 -6.49
CA LEU A 227 34.52 24.00 -5.45
C LEU A 227 33.94 24.52 -4.15
N LEU A 228 33.16 25.59 -4.23
CA LEU A 228 32.52 26.13 -3.03
C LEU A 228 31.60 25.10 -2.40
N MET A 229 30.77 24.43 -3.20
CA MET A 229 29.88 23.40 -2.65
C MET A 229 30.68 22.32 -1.93
N THR A 230 31.73 21.82 -2.57
CA THR A 230 32.54 20.78 -1.94
C THR A 230 33.18 21.30 -0.66
N SER A 231 33.62 22.56 -0.68
CA SER A 231 34.21 23.18 0.51
C SER A 231 33.21 23.27 1.65
N CYS A 232 31.95 23.61 1.33
CA CYS A 232 30.90 23.58 2.34
C CYS A 232 30.67 22.16 2.86
N ASP A 233 30.62 21.19 1.95
CA ASP A 233 30.30 19.80 2.31
C ASP A 233 31.36 19.17 3.23
N LEU A 234 32.62 19.57 3.08
CA LEU A 234 33.72 19.02 3.90
C LEU A 234 34.09 19.94 5.06
N SER A 235 33.35 21.02 5.27
CA SER A 235 33.77 22.11 6.15
C SER A 235 33.90 21.71 7.60
N ASP A 236 33.37 20.54 8.02
CA ASP A 236 33.67 20.06 9.36
C ASP A 236 35.18 20.02 9.62
N GLN A 237 35.95 19.68 8.59
CA GLN A 237 37.38 19.51 8.76
C GLN A 237 38.13 20.82 8.97
N THR A 238 37.45 21.97 8.79
CA THR A 238 38.06 23.27 9.01
C THR A 238 37.88 23.77 10.44
N LYS A 239 37.25 22.98 11.31
CA LYS A 239 37.03 23.38 12.70
C LYS A 239 38.14 22.81 13.58
N GLY A 240 37.96 22.90 14.88
CA GLY A 240 38.95 22.41 15.82
C GLY A 240 38.99 20.90 15.88
N TRP A 241 40.04 20.39 16.53
CA TRP A 241 40.24 18.95 16.56
C TRP A 241 39.03 18.21 17.13
N LYS A 242 38.44 18.74 18.20
CA LYS A 242 37.33 18.05 18.85
C LYS A 242 36.15 17.88 17.90
N THR A 243 35.90 18.88 17.05
CA THR A 243 34.86 18.72 16.04
C THR A 243 35.20 17.60 15.08
N THR A 244 36.45 17.55 14.61
CA THR A 244 36.77 16.55 13.60
C THR A 244 36.85 15.16 14.20
N ARG A 245 37.24 15.05 15.46
CA ARG A 245 37.22 13.75 16.12
C ARG A 245 35.79 13.21 16.22
N LYS A 246 34.86 14.05 16.66
CA LYS A 246 33.47 13.64 16.74
C LYS A 246 32.91 13.31 15.36
N ILE A 247 33.30 14.09 14.35
CA ILE A 247 32.74 13.85 13.02
C ILE A 247 33.29 12.54 12.45
N ALA A 248 34.54 12.19 12.79
CA ALA A 248 35.07 10.89 12.35
C ALA A 248 34.30 9.76 12.99
N GLU A 249 33.95 9.92 14.27
CA GLU A 249 33.11 8.97 14.99
C GLU A 249 31.81 8.73 14.23
N LEU A 250 31.16 9.81 13.77
CA LEU A 250 29.89 9.67 13.10
C LEU A 250 30.05 9.05 11.72
N ILE A 251 31.09 9.44 10.99
CA ILE A 251 31.34 8.89 9.67
C ILE A 251 31.53 7.38 9.76
N TYR A 252 32.43 6.94 10.64
CA TYR A 252 32.73 5.51 10.66
C TYR A 252 31.58 4.71 11.24
N LYS A 253 30.77 5.29 12.14
CA LYS A 253 29.57 4.59 12.57
C LYS A 253 28.66 4.30 11.38
N GLU A 254 28.43 5.33 10.56
CA GLU A 254 27.60 5.18 9.36
C GLU A 254 28.24 4.21 8.38
N PHE A 255 29.54 4.37 8.11
CA PHE A 255 30.23 3.49 7.17
C PHE A 255 30.18 2.05 7.63
N PHE A 256 30.50 1.81 8.91
CA PHE A 256 30.56 0.45 9.40
C PHE A 256 29.18 -0.19 9.40
N SER A 257 28.13 0.60 9.62
CA SER A 257 26.78 0.07 9.50
C SER A 257 26.51 -0.39 8.07
N GLN A 258 26.93 0.39 7.08
CA GLN A 258 26.80 -0.07 5.70
C GLN A 258 27.59 -1.35 5.47
N GLY A 259 28.82 -1.39 5.96
CA GLY A 259 29.66 -2.58 5.76
C GLY A 259 29.07 -3.83 6.37
N ASP A 260 28.43 -3.70 7.53
CA ASP A 260 27.76 -4.85 8.13
C ASP A 260 26.66 -5.35 7.22
N LEU A 261 25.94 -4.44 6.57
CA LEU A 261 24.87 -4.83 5.65
C LEU A 261 25.43 -5.51 4.41
N GLU A 262 26.55 -5.00 3.90
CA GLU A 262 27.17 -5.62 2.73
C GLU A 262 27.64 -7.04 3.04
N LYS A 263 28.26 -7.24 4.21
CA LYS A 263 28.67 -8.60 4.61
C LYS A 263 27.45 -9.51 4.74
N ALA A 264 26.34 -8.98 5.24
CA ALA A 264 25.13 -9.79 5.36
C ALA A 264 24.57 -10.16 3.99
N MET A 265 24.90 -9.40 2.95
CA MET A 265 24.52 -9.70 1.57
C MET A 265 25.51 -10.62 0.87
N GLY A 266 26.63 -10.93 1.50
CA GLY A 266 27.66 -11.72 0.86
C GLY A 266 28.70 -10.93 0.12
N ASN A 267 28.84 -9.63 0.42
CA ASN A 267 29.72 -8.74 -0.32
C ASN A 267 30.83 -8.21 0.57
N ARG A 268 32.04 -8.20 0.05
CA ARG A 268 33.18 -7.61 0.74
C ARG A 268 33.03 -6.08 0.74
N PRO A 269 32.97 -5.43 1.89
CA PRO A 269 32.89 -3.97 1.90
C PRO A 269 34.21 -3.35 1.50
N MET A 270 34.13 -2.08 1.10
CA MET A 270 35.32 -1.23 1.04
C MET A 270 36.02 -1.31 2.40
N GLU A 271 37.35 -1.25 2.37
CA GLU A 271 38.11 -1.31 3.61
C GLU A 271 37.60 -0.27 4.61
N MET A 272 37.32 0.96 4.14
CA MET A 272 36.92 2.03 5.05
C MET A 272 35.54 1.82 5.64
N MET A 273 34.78 0.83 5.16
CA MET A 273 33.47 0.51 5.71
C MET A 273 33.46 -0.85 6.41
N ASP A 274 34.62 -1.48 6.54
CA ASP A 274 34.74 -2.79 7.17
C ASP A 274 35.30 -2.60 8.58
N ARG A 275 34.46 -2.83 9.59
CA ARG A 275 34.91 -2.53 10.94
C ARG A 275 35.99 -3.48 11.43
N GLU A 276 36.24 -4.57 10.71
CA GLU A 276 37.30 -5.53 11.04
C GLU A 276 38.63 -5.17 10.38
N LYS A 277 38.64 -4.28 9.38
CA LYS A 277 39.83 -3.94 8.64
C LYS A 277 40.21 -2.46 8.71
N ALA A 278 39.23 -1.56 8.82
CA ALA A 278 39.50 -0.13 8.78
C ALA A 278 40.42 0.28 9.90
N TYR A 279 41.51 0.95 9.55
CA TYR A 279 42.44 1.53 10.53
C TYR A 279 42.24 3.03 10.45
N ILE A 280 41.46 3.56 11.38
CA ILE A 280 40.93 4.90 11.23
C ILE A 280 42.01 5.97 11.06
N PRO A 281 43.11 5.98 11.84
CA PRO A 281 44.09 7.06 11.64
C PRO A 281 44.66 7.10 10.23
N GLU A 282 44.98 5.93 9.68
CA GLU A 282 45.50 5.85 8.32
C GLU A 282 44.46 6.31 7.31
N LEU A 283 43.19 5.93 7.51
CA LEU A 283 42.14 6.33 6.58
C LEU A 283 41.89 7.82 6.64
N GLN A 284 41.87 8.39 7.84
CA GLN A 284 41.67 9.84 7.98
C GLN A 284 42.83 10.61 7.38
N ILE A 285 44.07 10.16 7.62
CA ILE A 285 45.22 10.82 7.02
C ILE A 285 45.13 10.77 5.50
N SER A 286 44.72 9.62 4.94
CA SER A 286 44.58 9.51 3.50
C SER A 286 43.47 10.44 2.98
N PHE A 287 42.33 10.47 3.69
CA PHE A 287 41.26 11.37 3.29
C PHE A 287 41.73 12.82 3.33
N MET A 288 42.42 13.21 4.41
CA MET A 288 42.84 14.60 4.55
C MET A 288 43.87 14.96 3.49
N GLU A 289 44.86 14.09 3.28
CA GLU A 289 45.97 14.41 2.38
C GLU A 289 45.53 14.45 0.93
N HIS A 290 44.74 13.48 0.50
CA HIS A 290 44.43 13.31 -0.91
C HIS A 290 43.13 13.96 -1.31
N ILE A 291 42.21 14.24 -0.37
CA ILE A 291 40.95 14.86 -0.74
C ILE A 291 40.77 16.23 -0.08
N ALA A 292 40.81 16.29 1.26
CA ALA A 292 40.38 17.51 1.93
C ALA A 292 41.41 18.62 1.81
N MET A 293 42.67 18.32 2.07
CA MET A 293 43.69 19.37 1.99
C MET A 293 43.79 19.99 0.60
N PRO A 294 43.82 19.23 -0.51
CA PRO A 294 43.90 19.90 -1.82
C PRO A 294 42.71 20.80 -2.12
N ILE A 295 41.52 20.44 -1.62
CA ILE A 295 40.35 21.27 -1.82
C ILE A 295 40.54 22.65 -1.17
N TYR A 296 41.00 22.66 0.09
CA TYR A 296 41.12 23.94 0.76
C TYR A 296 42.37 24.69 0.34
N LYS A 297 43.38 23.98 -0.20
CA LYS A 297 44.47 24.68 -0.86
C LYS A 297 43.98 25.41 -2.10
N LEU A 298 43.12 24.76 -2.90
CA LEU A 298 42.54 25.44 -4.06
C LEU A 298 41.74 26.65 -3.63
N LEU A 299 40.96 26.52 -2.56
CA LEU A 299 40.17 27.64 -2.06
C LEU A 299 41.06 28.80 -1.65
N GLN A 300 42.17 28.50 -0.96
CA GLN A 300 43.12 29.53 -0.58
C GLN A 300 43.76 30.17 -1.80
N ASP A 301 44.07 29.38 -2.83
CA ASP A 301 44.69 29.95 -4.01
C ASP A 301 43.78 30.96 -4.68
N LEU A 302 42.47 30.72 -4.63
CA LEU A 302 41.47 31.61 -5.22
C LEU A 302 41.04 32.72 -4.28
N PHE A 303 41.04 32.46 -2.97
CA PHE A 303 40.62 33.42 -1.95
C PHE A 303 41.70 33.44 -0.89
N PRO A 304 42.61 34.43 -0.92
CA PRO A 304 43.68 34.46 0.09
C PRO A 304 43.16 34.53 1.52
N LYS A 305 41.98 35.11 1.74
CA LYS A 305 41.40 35.14 3.09
C LYS A 305 40.96 33.75 3.58
N ALA A 306 40.99 32.73 2.73
CA ALA A 306 40.66 31.36 3.11
C ALA A 306 41.86 30.58 3.63
N ALA A 307 43.03 31.22 3.72
CA ALA A 307 44.24 30.51 4.13
C ALA A 307 44.04 29.81 5.47
N GLU A 308 43.41 30.48 6.43
CA GLU A 308 43.26 29.89 7.75
C GLU A 308 42.46 28.60 7.71
N LEU A 309 41.57 28.46 6.72
CA LEU A 309 40.81 27.21 6.59
C LEU A 309 41.74 26.06 6.23
N TYR A 310 42.61 26.27 5.24
CA TYR A 310 43.59 25.26 4.87
C TYR A 310 44.51 24.93 6.04
N GLU A 311 45.00 25.95 6.77
CA GLU A 311 45.90 25.69 7.88
C GLU A 311 45.25 24.79 8.92
N ARG A 312 43.96 25.02 9.18
CA ARG A 312 43.25 24.18 10.14
C ARG A 312 43.14 22.75 9.65
N VAL A 313 42.77 22.56 8.38
CA VAL A 313 42.70 21.21 7.84
C VAL A 313 44.07 20.54 7.91
N ALA A 314 45.13 21.27 7.60
CA ALA A 314 46.48 20.70 7.72
C ALA A 314 46.79 20.34 9.18
N SER A 315 46.49 21.26 10.11
CA SER A 315 46.72 20.98 11.53
C SER A 315 45.98 19.73 11.97
N ASN A 316 44.72 19.57 11.55
CA ASN A 316 43.95 18.40 11.91
C ASN A 316 44.55 17.13 11.33
N ARG A 317 45.10 17.20 10.11
CA ARG A 317 45.75 16.03 9.53
C ARG A 317 46.98 15.63 10.33
N GLU A 318 47.78 16.62 10.74
CA GLU A 318 48.94 16.30 11.56
C GLU A 318 48.52 15.75 12.93
N HIS A 319 47.36 16.17 13.43
CA HIS A 319 46.90 15.65 14.71
C HIS A 319 46.62 14.14 14.63
N TRP A 320 46.08 13.67 13.50
CA TRP A 320 45.85 12.24 13.34
C TRP A 320 47.16 11.46 13.44
N THR A 321 48.25 12.02 12.88
CA THR A 321 49.55 11.39 13.05
C THR A 321 49.94 11.34 14.53
N LYS A 322 49.62 12.40 15.27
CA LYS A 322 50.07 12.48 16.66
C LYS A 322 49.34 11.50 17.57
N VAL A 323 48.10 11.15 17.25
CA VAL A 323 47.31 10.26 18.10
C VAL A 323 47.27 8.83 17.58
N SER A 324 47.91 8.54 16.44
CA SER A 324 47.80 7.21 15.84
C SER A 324 48.26 6.12 16.80
N HIS A 325 49.30 6.41 17.59
CA HIS A 325 49.85 5.39 18.49
C HIS A 325 48.84 4.94 19.52
N LYS A 326 47.84 5.76 19.83
CA LYS A 326 46.84 5.37 20.82
C LYS A 326 45.89 4.29 20.31
N PHE A 327 45.92 3.97 19.02
CA PHE A 327 45.15 2.84 18.51
C PHE A 327 45.88 1.52 18.69
N THR A 328 47.07 1.54 19.28
CA THR A 328 47.78 0.34 19.67
C THR A 328 47.55 0.11 21.16
N ILE A 329 47.21 -1.13 21.50
CA ILE A 329 46.92 -1.49 22.89
C ILE A 329 48.24 -1.77 23.60
N ARG A 330 48.64 -0.85 24.48
CA ARG A 330 49.82 -1.02 25.32
C ARG A 330 49.42 -1.59 26.67
N GLY A 331 50.24 -2.50 27.19
CA GLY A 331 49.89 -3.14 28.44
C GLY A 331 48.66 -4.01 28.29
N LEU A 332 47.87 -4.06 29.35
CA LEU A 332 46.60 -4.76 29.36
C LEU A 332 45.47 -3.80 29.10
N PRO A 333 44.34 -4.28 28.57
CA PRO A 333 43.13 -3.46 28.54
C PRO A 333 42.73 -3.05 29.95
N SER A 334 41.89 -2.02 30.03
CA SER A 334 41.52 -1.45 31.33
C SER A 334 40.99 -2.51 32.28
N ASN A 335 40.25 -3.48 31.76
CA ASN A 335 39.70 -4.54 32.60
C ASN A 335 40.74 -5.57 33.03
N ASN A 336 42.01 -5.39 32.67
CA ASN A 336 43.08 -6.35 32.96
C ASN A 336 42.85 -7.72 32.35
N SER A 337 41.96 -7.79 31.36
CA SER A 337 41.54 -9.06 30.79
C SER A 337 42.03 -9.18 29.36
N LEU A 338 42.47 -10.38 28.99
CA LEU A 338 42.79 -10.71 27.61
C LEU A 338 41.65 -11.43 26.92
N ASP A 339 40.44 -11.41 27.51
CA ASP A 339 39.29 -12.12 26.97
C ASP A 339 39.01 -11.77 25.52
N PHE A 340 39.31 -10.53 25.12
CA PHE A 340 39.06 -10.11 23.75
C PHE A 340 39.89 -10.88 22.75
N LEU A 341 40.97 -11.56 23.18
CA LEU A 341 41.76 -12.36 22.26
C LEU A 341 40.95 -13.53 21.71
N ASP A 342 40.08 -14.12 22.53
CA ASP A 342 39.16 -15.14 22.05
C ASP A 342 37.93 -14.47 21.43
N MET B 3 -14.25 9.45 -4.69
CA MET B 3 -13.06 8.66 -4.95
C MET B 3 -12.97 7.48 -3.99
N ASP B 4 -13.23 7.74 -2.70
CA ASP B 4 -13.37 6.65 -1.75
C ASP B 4 -14.57 5.78 -2.10
N ASP B 5 -15.68 6.42 -2.50
CA ASP B 5 -16.83 5.68 -3.02
C ASP B 5 -16.41 4.78 -4.16
N GLU B 6 -15.58 5.30 -5.06
CA GLU B 6 -15.10 4.52 -6.19
C GLU B 6 -14.25 3.34 -5.71
N TYR B 7 -13.34 3.57 -4.76
CA TYR B 7 -12.50 2.48 -4.25
C TYR B 7 -13.35 1.39 -3.60
N THR B 8 -14.30 1.79 -2.76
CA THR B 8 -15.16 0.83 -2.10
C THR B 8 -15.87 -0.07 -3.10
N LYS B 9 -16.43 0.53 -4.16
CA LYS B 9 -17.13 -0.29 -5.15
C LYS B 9 -16.14 -1.12 -5.95
N LEU B 10 -15.01 -0.53 -6.33
CA LEU B 10 -14.03 -1.26 -7.11
C LEU B 10 -13.50 -2.46 -6.33
N LEU B 11 -13.44 -2.35 -5.00
CA LEU B 11 -12.95 -3.45 -4.20
C LEU B 11 -14.04 -4.47 -3.86
N HIS B 12 -15.23 -4.02 -3.45
CA HIS B 12 -16.17 -4.94 -2.84
C HIS B 12 -17.26 -5.46 -3.78
N ASP B 13 -17.49 -4.81 -4.92
CA ASP B 13 -18.34 -5.40 -5.95
C ASP B 13 -17.55 -6.49 -6.69
N GLY B 14 -18.28 -7.45 -7.27
CA GLY B 14 -17.60 -8.44 -8.10
C GLY B 14 -17.01 -7.80 -9.35
N ILE B 15 -15.89 -8.35 -9.81
CA ILE B 15 -15.33 -7.90 -11.08
C ILE B 15 -16.21 -8.42 -12.21
N GLN B 16 -16.76 -7.50 -12.99
CA GLN B 16 -17.73 -7.83 -14.02
C GLN B 16 -17.08 -8.67 -15.13
N PRO B 17 -17.80 -9.65 -15.70
CA PRO B 17 -17.26 -10.33 -16.88
C PRO B 17 -17.07 -9.36 -18.03
N VAL B 18 -16.04 -9.59 -18.85
CA VAL B 18 -15.71 -8.62 -19.90
C VAL B 18 -16.86 -8.49 -20.90
N ALA B 19 -17.55 -9.60 -21.19
CA ALA B 19 -18.64 -9.56 -22.15
C ALA B 19 -19.83 -8.74 -21.64
N ALA B 20 -19.93 -8.52 -20.33
CA ALA B 20 -21.01 -7.70 -19.82
C ALA B 20 -20.72 -6.20 -19.93
N ILE B 21 -19.44 -5.82 -20.05
CA ILE B 21 -19.11 -4.43 -20.36
C ILE B 21 -19.72 -4.03 -21.70
N ASP B 22 -19.51 -4.88 -22.71
CA ASP B 22 -20.01 -4.66 -24.06
C ASP B 22 -19.85 -5.96 -24.82
N SER B 23 -20.85 -6.30 -25.63
CA SER B 23 -20.80 -7.57 -26.36
C SER B 23 -19.61 -7.65 -27.30
N ASN B 24 -19.06 -6.52 -27.74
CA ASN B 24 -17.94 -6.47 -28.66
C ASN B 24 -16.62 -6.10 -27.99
N PHE B 25 -16.55 -6.22 -26.66
CA PHE B 25 -15.41 -5.69 -25.91
C PHE B 25 -14.09 -6.31 -26.33
N ALA B 26 -14.10 -7.56 -26.79
CA ALA B 26 -12.86 -8.27 -27.12
C ALA B 26 -12.57 -8.31 -28.62
N SER B 27 -13.27 -7.47 -29.41
CA SER B 27 -13.08 -7.40 -30.85
C SER B 27 -12.21 -6.22 -31.24
N PHE B 28 -11.44 -6.37 -32.32
CA PHE B 28 -10.65 -5.27 -32.85
C PHE B 28 -11.50 -4.10 -33.28
N THR B 29 -12.81 -4.30 -33.49
CA THR B 29 -13.68 -3.21 -33.90
C THR B 29 -14.16 -2.37 -32.73
N TYR B 30 -13.99 -2.83 -31.50
CA TYR B 30 -14.44 -2.07 -30.34
C TYR B 30 -13.60 -0.81 -30.16
N THR B 31 -14.26 0.29 -29.82
CA THR B 31 -13.58 1.53 -29.50
C THR B 31 -13.58 1.75 -27.98
N PRO B 32 -12.47 1.49 -27.28
CA PRO B 32 -12.46 1.67 -25.82
C PRO B 32 -12.72 3.10 -25.38
N ARG B 33 -12.43 4.10 -26.21
CA ARG B 33 -12.78 5.45 -25.83
C ARG B 33 -14.29 5.68 -25.74
N SER B 34 -15.10 4.70 -26.20
CA SER B 34 -16.55 4.79 -26.03
C SER B 34 -16.96 4.56 -24.58
N LEU B 35 -16.18 3.79 -23.84
CA LEU B 35 -16.54 3.49 -22.47
C LEU B 35 -16.44 4.74 -21.60
N PRO B 36 -17.43 5.03 -20.77
CA PRO B 36 -17.34 6.19 -19.88
C PRO B 36 -16.11 6.10 -18.98
N GLU B 37 -15.48 7.24 -18.74
CA GLU B 37 -14.26 7.24 -17.94
C GLU B 37 -14.49 6.66 -16.55
N ASP B 38 -15.71 6.78 -16.02
CA ASP B 38 -15.99 6.24 -14.70
C ASP B 38 -16.00 4.72 -14.67
N ASP B 39 -16.08 4.07 -15.83
CA ASP B 39 -16.10 2.61 -15.90
C ASP B 39 -14.75 2.02 -16.25
N THR B 40 -13.72 2.84 -16.48
CA THR B 40 -12.46 2.32 -17.02
C THR B 40 -11.67 1.53 -15.98
N SER B 41 -11.63 2.00 -14.73
CA SER B 41 -10.88 1.24 -13.72
C SER B 41 -11.50 -0.14 -13.51
N MET B 42 -12.84 -0.23 -13.48
CA MET B 42 -13.48 -1.54 -13.38
C MET B 42 -13.18 -2.39 -14.61
N ALA B 43 -13.14 -1.77 -15.79
CA ALA B 43 -12.80 -2.51 -17.00
C ALA B 43 -11.37 -3.03 -16.97
N ILE B 44 -10.44 -2.27 -16.38
CA ILE B 44 -9.08 -2.77 -16.18
C ILE B 44 -9.12 -4.07 -15.38
N LEU B 45 -9.91 -4.07 -14.30
CA LEU B 45 -10.01 -5.28 -13.48
C LEU B 45 -10.65 -6.42 -14.26
N SER B 46 -11.68 -6.13 -15.06
CA SER B 46 -12.30 -7.17 -15.87
C SER B 46 -11.29 -7.80 -16.82
N MET B 47 -10.41 -6.98 -17.40
CA MET B 47 -9.42 -7.50 -18.33
C MET B 47 -8.36 -8.32 -17.62
N LEU B 48 -7.86 -7.83 -16.48
CA LEU B 48 -6.89 -8.61 -15.71
C LEU B 48 -7.47 -9.94 -15.26
N GLN B 49 -8.74 -9.95 -14.87
CA GLN B 49 -9.40 -11.20 -14.49
C GLN B 49 -9.52 -12.13 -15.68
N ASP B 50 -9.97 -11.61 -16.82
CA ASP B 50 -10.12 -12.46 -17.99
C ASP B 50 -8.79 -13.00 -18.50
N MET B 51 -7.70 -12.26 -18.28
CA MET B 51 -6.38 -12.80 -18.61
C MET B 51 -5.82 -13.69 -17.53
N ASN B 52 -6.59 -13.94 -16.47
CA ASN B 52 -6.20 -14.81 -15.36
C ASN B 52 -4.93 -14.34 -14.66
N PHE B 53 -4.63 -13.04 -14.69
CA PHE B 53 -3.43 -12.57 -14.00
C PHE B 53 -3.65 -12.43 -12.50
N ILE B 54 -4.87 -12.11 -12.09
CA ILE B 54 -5.15 -11.94 -10.67
C ILE B 54 -4.90 -13.25 -9.94
N ASN B 55 -5.12 -14.38 -10.61
CA ASN B 55 -4.86 -15.69 -10.02
C ASN B 55 -3.39 -16.10 -10.20
N ASN B 56 -2.86 -16.03 -11.43
CA ASN B 56 -1.49 -16.48 -11.68
C ASN B 56 -0.51 -15.81 -10.72
N TYR B 57 -0.75 -14.55 -10.37
CA TYR B 57 0.16 -13.76 -9.55
C TYR B 57 -0.44 -13.40 -8.20
N LYS B 58 -1.49 -14.13 -7.80
CA LYS B 58 -2.09 -14.06 -6.46
C LYS B 58 -2.22 -12.63 -5.97
N ILE B 59 -2.76 -11.78 -6.82
CA ILE B 59 -2.73 -10.35 -6.54
C ILE B 59 -3.81 -10.01 -5.51
N ASP B 60 -3.37 -9.41 -4.41
CA ASP B 60 -4.28 -8.94 -3.36
C ASP B 60 -5.28 -7.96 -3.95
N CYS B 61 -6.57 -8.25 -3.77
CA CYS B 61 -7.61 -7.41 -4.37
C CYS B 61 -7.56 -5.97 -3.88
N PRO B 62 -7.48 -5.68 -2.57
CA PRO B 62 -7.34 -4.26 -2.18
C PRO B 62 -6.14 -3.61 -2.79
N THR B 63 -5.02 -4.34 -2.89
CA THR B 63 -3.82 -3.75 -3.45
C THR B 63 -4.02 -3.42 -4.93
N LEU B 64 -4.66 -4.32 -5.66
CA LEU B 64 -4.88 -4.12 -7.08
C LEU B 64 -5.85 -2.97 -7.33
N ALA B 65 -6.88 -2.83 -6.48
CA ALA B 65 -7.80 -1.72 -6.65
C ALA B 65 -7.11 -0.39 -6.35
N ARG B 66 -6.34 -0.33 -5.25
CA ARG B 66 -5.56 0.87 -4.98
C ARG B 66 -4.57 1.16 -6.10
N PHE B 67 -3.92 0.13 -6.63
CA PHE B 67 -2.97 0.36 -7.72
C PHE B 67 -3.65 0.98 -8.93
N CYS B 68 -4.80 0.43 -9.35
CA CYS B 68 -5.49 0.92 -10.52
C CYS B 68 -5.90 2.39 -10.35
N LEU B 69 -6.38 2.76 -9.16
CA LEU B 69 -6.82 4.14 -8.98
C LEU B 69 -5.64 5.09 -8.87
N MET B 70 -4.53 4.64 -8.27
CA MET B 70 -3.32 5.46 -8.21
C MET B 70 -2.72 5.69 -9.59
N VAL B 71 -2.71 4.66 -10.44
CA VAL B 71 -2.26 4.84 -11.82
C VAL B 71 -3.13 5.87 -12.52
N LYS B 72 -4.46 5.73 -12.39
CA LYS B 72 -5.36 6.69 -13.05
C LYS B 72 -5.09 8.11 -12.54
N LYS B 73 -4.99 8.26 -11.22
CA LYS B 73 -4.71 9.54 -10.57
C LYS B 73 -3.39 10.12 -11.04
N GLY B 74 -2.47 9.28 -11.47
CA GLY B 74 -1.16 9.70 -11.90
C GLY B 74 -1.07 10.32 -13.27
N TYR B 75 -2.17 10.37 -14.01
CA TYR B 75 -2.21 11.08 -15.28
C TYR B 75 -2.72 12.49 -15.07
N ARG B 76 -2.15 13.44 -15.83
CA ARG B 76 -2.71 14.78 -15.89
C ARG B 76 -3.75 14.80 -17.01
N ASP B 77 -4.18 15.99 -17.43
CA ASP B 77 -5.25 16.12 -18.42
C ASP B 77 -4.86 16.99 -19.62
N PRO B 78 -3.73 16.71 -20.27
CA PRO B 78 -3.50 17.32 -21.59
C PRO B 78 -4.51 16.77 -22.57
N PRO B 79 -4.66 17.36 -23.76
CA PRO B 79 -5.69 16.85 -24.69
C PRO B 79 -5.54 15.39 -25.07
N TYR B 80 -4.32 14.90 -25.32
CA TYR B 80 -4.14 13.50 -25.72
C TYR B 80 -3.54 12.61 -24.64
N HIS B 81 -2.40 12.99 -24.03
CA HIS B 81 -1.68 12.04 -23.18
C HIS B 81 -2.25 12.05 -21.76
N ASN B 82 -3.46 11.49 -21.64
CA ASN B 82 -4.20 11.46 -20.39
C ASN B 82 -4.60 10.01 -20.07
N TRP B 83 -5.40 9.79 -19.03
CA TRP B 83 -5.73 8.41 -18.63
C TRP B 83 -6.52 7.66 -19.71
N MET B 84 -7.41 8.35 -20.43
CA MET B 84 -8.15 7.64 -21.47
C MET B 84 -7.24 7.11 -22.57
N HIS B 85 -6.13 7.80 -22.83
CA HIS B 85 -5.10 7.23 -23.71
C HIS B 85 -4.53 5.97 -23.11
N ALA B 86 -4.09 6.04 -21.85
CA ALA B 86 -3.50 4.87 -21.21
C ALA B 86 -4.49 3.72 -21.17
N PHE B 87 -5.76 3.99 -20.84
CA PHE B 87 -6.78 2.96 -20.84
C PHE B 87 -6.93 2.32 -22.21
N SER B 88 -7.01 3.14 -23.26
CA SER B 88 -7.24 2.59 -24.60
C SER B 88 -6.05 1.75 -25.05
N VAL B 89 -4.85 2.19 -24.69
CA VAL B 89 -3.64 1.45 -25.01
C VAL B 89 -3.66 0.11 -24.28
N SER B 90 -4.04 0.12 -22.99
CA SER B 90 -4.12 -1.12 -22.23
C SER B 90 -5.21 -2.02 -22.80
N HIS B 91 -6.32 -1.43 -23.26
CA HIS B 91 -7.35 -2.27 -23.86
C HIS B 91 -6.82 -2.97 -25.11
N PHE B 92 -5.99 -2.28 -25.89
CA PHE B 92 -5.49 -2.90 -27.11
C PHE B 92 -4.55 -4.05 -26.79
N CYS B 93 -3.75 -3.91 -25.73
CA CYS B 93 -2.94 -5.04 -25.25
C CYS B 93 -3.82 -6.25 -24.96
N TYR B 94 -4.94 -6.03 -24.26
CA TYR B 94 -5.89 -7.10 -24.03
C TYR B 94 -6.43 -7.67 -25.34
N LEU B 95 -6.73 -6.81 -26.31
CA LEU B 95 -7.17 -7.32 -27.61
C LEU B 95 -6.12 -8.21 -28.27
N LEU B 96 -4.84 -7.83 -28.18
CA LEU B 96 -3.80 -8.68 -28.75
C LEU B 96 -3.71 -10.02 -28.03
N TYR B 97 -3.75 -9.99 -26.69
CA TYR B 97 -3.78 -11.23 -25.92
C TYR B 97 -4.90 -12.14 -26.38
N LYS B 98 -6.10 -11.59 -26.53
CA LYS B 98 -7.27 -12.40 -26.85
C LYS B 98 -7.30 -12.84 -28.30
N ASN B 99 -6.93 -11.94 -29.22
CA ASN B 99 -7.12 -12.24 -30.64
C ASN B 99 -5.89 -12.86 -31.29
N LEU B 100 -4.69 -12.56 -30.80
CA LEU B 100 -3.46 -13.10 -31.38
C LEU B 100 -2.89 -14.26 -30.59
N GLU B 101 -3.54 -14.64 -29.47
CA GLU B 101 -3.11 -15.77 -28.64
C GLU B 101 -1.65 -15.63 -28.21
N LEU B 102 -1.38 -14.55 -27.47
CA LEU B 102 -0.02 -14.22 -27.08
C LEU B 102 0.62 -15.25 -26.16
N THR B 103 -0.20 -16.05 -25.45
CA THR B 103 0.39 -17.09 -24.59
C THR B 103 1.15 -18.14 -25.38
N ASN B 104 0.91 -18.23 -26.69
CA ASN B 104 1.70 -19.10 -27.56
C ASN B 104 3.02 -18.49 -27.99
N TYR B 105 3.27 -17.21 -27.70
CA TYR B 105 4.50 -16.56 -28.11
C TYR B 105 5.33 -16.01 -26.96
N LEU B 106 4.70 -15.60 -25.87
CA LEU B 106 5.40 -14.90 -24.80
C LEU B 106 5.11 -15.59 -23.48
N GLU B 107 6.09 -15.54 -22.57
CA GLU B 107 5.85 -15.99 -21.22
C GLU B 107 4.75 -15.17 -20.57
N ASP B 108 4.03 -15.80 -19.64
CA ASP B 108 2.96 -15.11 -18.94
C ASP B 108 3.47 -13.87 -18.19
N ILE B 109 4.67 -13.96 -17.61
CA ILE B 109 5.21 -12.81 -16.90
C ILE B 109 5.46 -11.64 -17.85
N GLU B 110 5.80 -11.94 -19.11
CA GLU B 110 6.06 -10.90 -20.10
C GLU B 110 4.77 -10.22 -20.53
N ILE B 111 3.70 -11.00 -20.74
CA ILE B 111 2.41 -10.42 -21.09
C ILE B 111 1.92 -9.52 -19.97
N PHE B 112 2.05 -10.00 -18.73
CA PHE B 112 1.70 -9.20 -17.56
C PHE B 112 2.48 -7.90 -17.53
N ALA B 113 3.80 -7.98 -17.67
CA ALA B 113 4.62 -6.76 -17.72
C ALA B 113 4.16 -5.83 -18.84
N LEU B 114 3.82 -6.38 -20.01
CA LEU B 114 3.37 -5.54 -21.12
C LEU B 114 2.09 -4.79 -20.74
N PHE B 115 1.12 -5.50 -20.13
CA PHE B 115 -0.15 -4.87 -19.80
C PHE B 115 0.02 -3.81 -18.72
N ILE B 116 0.76 -4.12 -17.66
CA ILE B 116 0.98 -3.13 -16.60
C ILE B 116 1.74 -1.94 -17.18
N SER B 117 2.69 -2.21 -18.09
CA SER B 117 3.41 -1.13 -18.74
C SER B 117 2.46 -0.23 -19.52
N CYS B 118 1.51 -0.81 -20.24
CA CYS B 118 0.52 0.00 -20.97
C CYS B 118 -0.23 0.94 -20.03
N MET B 119 -0.65 0.44 -18.87
CA MET B 119 -1.36 1.28 -17.90
C MET B 119 -0.50 2.46 -17.48
N CYS B 120 0.81 2.26 -17.36
CA CYS B 120 1.71 3.24 -16.77
C CYS B 120 2.51 4.08 -17.76
N HIS B 121 2.44 3.79 -19.05
CA HIS B 121 3.53 4.16 -19.95
C HIS B 121 3.60 5.66 -20.22
N ASP B 122 2.56 6.42 -19.88
CA ASP B 122 2.59 7.87 -20.06
C ASP B 122 2.36 8.62 -18.74
N LEU B 123 2.59 7.98 -17.59
CA LEU B 123 2.29 8.60 -16.31
C LEU B 123 2.91 9.99 -16.19
N ASP B 124 2.10 10.91 -15.69
CA ASP B 124 2.55 12.28 -15.39
C ASP B 124 2.99 13.04 -16.63
N HIS B 125 2.53 12.62 -17.81
CA HIS B 125 2.78 13.41 -19.03
C HIS B 125 2.23 14.82 -18.88
N ARG B 126 3.02 15.80 -19.36
CA ARG B 126 2.65 17.20 -19.24
C ARG B 126 2.15 17.80 -20.55
N GLY B 127 2.01 17.00 -21.59
CA GLY B 127 1.65 17.51 -22.91
C GLY B 127 2.81 18.04 -23.71
N THR B 128 4.05 17.69 -23.35
CA THR B 128 5.22 18.18 -24.07
C THR B 128 6.12 17.01 -24.43
N ASN B 129 6.89 17.16 -25.50
CA ASN B 129 7.71 16.07 -25.98
C ASN B 129 9.07 16.08 -25.29
N ASN B 130 9.93 15.13 -25.69
CA ASN B 130 11.26 15.03 -25.09
C ASN B 130 12.11 16.25 -25.44
N SER B 131 12.05 16.72 -26.68
CA SER B 131 12.84 17.87 -27.08
C SER B 131 12.56 19.08 -26.20
N PHE B 132 11.29 19.29 -25.85
CA PHE B 132 10.93 20.40 -24.98
C PHE B 132 11.62 20.29 -23.62
N GLN B 133 11.69 19.07 -23.07
CA GLN B 133 12.37 18.88 -21.78
C GLN B 133 13.82 19.34 -21.85
N VAL B 134 14.54 18.88 -22.87
CA VAL B 134 15.96 19.22 -22.97
C VAL B 134 16.15 20.71 -23.25
N ALA B 135 15.36 21.25 -24.18
CA ALA B 135 15.55 22.65 -24.58
C ALA B 135 15.24 23.61 -23.44
N SER B 136 14.26 23.28 -22.60
CA SER B 136 13.89 24.10 -21.46
C SER B 136 14.64 23.73 -20.19
N LYS B 137 15.57 22.78 -20.27
CA LYS B 137 16.31 22.29 -19.10
C LYS B 137 15.37 21.99 -17.93
N SER B 138 14.33 21.23 -18.22
CA SER B 138 13.39 20.82 -17.17
C SER B 138 14.10 19.92 -16.17
N VAL B 139 13.46 19.74 -15.00
CA VAL B 139 14.04 18.87 -13.99
C VAL B 139 14.09 17.44 -14.49
N LEU B 140 13.17 17.05 -15.39
CA LEU B 140 13.21 15.72 -15.96
C LEU B 140 14.44 15.53 -16.83
N ALA B 141 14.75 16.52 -17.67
CA ALA B 141 15.98 16.46 -18.45
C ALA B 141 17.21 16.56 -17.58
N ALA B 142 17.10 17.26 -16.44
CA ALA B 142 18.24 17.38 -15.54
C ALA B 142 18.59 16.03 -14.91
N LEU B 143 17.59 15.22 -14.62
CA LEU B 143 17.86 13.90 -14.05
C LEU B 143 18.32 12.92 -15.12
N TYR B 144 17.62 12.89 -16.26
CA TYR B 144 17.88 11.89 -17.30
C TYR B 144 18.67 12.52 -18.44
N SER B 145 19.93 12.88 -18.13
CA SER B 145 20.72 13.76 -18.98
C SER B 145 21.48 13.04 -20.09
N SER B 146 21.53 11.71 -20.11
CA SER B 146 22.37 11.00 -21.09
C SER B 146 21.62 10.60 -22.35
N GLU B 147 20.60 9.75 -22.22
CA GLU B 147 19.77 9.39 -23.36
C GLU B 147 18.61 10.37 -23.53
N GLY B 148 17.99 10.33 -24.70
CA GLY B 148 16.97 11.30 -25.08
C GLY B 148 15.56 10.98 -24.65
N SER B 149 15.30 9.74 -24.21
CA SER B 149 13.96 9.29 -23.81
C SER B 149 13.59 9.84 -22.44
N VAL B 150 13.67 11.17 -22.31
CA VAL B 150 13.49 11.80 -21.01
C VAL B 150 12.12 11.49 -20.42
N MET B 151 11.04 11.67 -21.20
CA MET B 151 9.71 11.45 -20.65
C MET B 151 9.49 10.00 -20.29
N GLU B 152 9.99 9.09 -21.13
CA GLU B 152 9.74 7.67 -20.87
C GLU B 152 10.46 7.19 -19.62
N ARG B 153 11.67 7.70 -19.37
CA ARG B 153 12.34 7.45 -18.10
C ARG B 153 11.50 7.95 -16.93
N HIS B 154 10.89 9.12 -17.07
CA HIS B 154 10.05 9.60 -16.00
C HIS B 154 8.80 8.74 -15.82
N HIS B 155 8.17 8.33 -16.93
CA HIS B 155 6.98 7.47 -16.81
C HIS B 155 7.30 6.21 -16.04
N PHE B 156 8.42 5.57 -16.38
CA PHE B 156 8.87 4.42 -15.60
C PHE B 156 9.08 4.78 -14.14
N ALA B 157 9.74 5.92 -13.87
CA ALA B 157 9.99 6.34 -12.49
C ALA B 157 8.70 6.51 -11.71
N GLN B 158 7.68 7.10 -12.34
CA GLN B 158 6.38 7.26 -11.70
C GLN B 158 5.73 5.91 -11.43
N ALA B 159 5.88 4.95 -12.36
CA ALA B 159 5.34 3.62 -12.15
C ALA B 159 6.00 2.95 -10.93
N ILE B 160 7.33 3.04 -10.84
CA ILE B 160 8.04 2.46 -9.70
C ILE B 160 7.62 3.12 -8.41
N ALA B 161 7.42 4.44 -8.44
CA ALA B 161 6.99 5.15 -7.23
C ALA B 161 5.62 4.67 -6.77
N ILE B 162 4.70 4.42 -7.71
CA ILE B 162 3.40 3.85 -7.34
C ILE B 162 3.58 2.46 -6.74
N LEU B 163 4.35 1.60 -7.40
CA LEU B 163 4.54 0.24 -6.89
C LEU B 163 5.19 0.25 -5.53
N ASN B 164 5.96 1.29 -5.20
CA ASN B 164 6.57 1.40 -3.89
C ASN B 164 5.70 2.14 -2.87
N THR B 165 4.52 2.59 -3.26
CA THR B 165 3.60 3.22 -2.31
C THR B 165 2.93 2.15 -1.46
N HIS B 166 2.81 2.42 -0.15
CA HIS B 166 2.17 1.51 0.78
C HIS B 166 0.82 1.08 0.24
N GLY B 167 0.63 -0.24 0.08
CA GLY B 167 -0.65 -0.76 -0.33
C GLY B 167 -0.89 -0.81 -1.83
N CYS B 168 0.13 -0.54 -2.65
CA CYS B 168 -0.03 -0.55 -4.10
C CYS B 168 0.89 -1.52 -4.80
N ASN B 169 1.64 -2.36 -4.08
CA ASN B 169 2.64 -3.19 -4.76
C ASN B 169 1.96 -4.46 -5.25
N ILE B 170 1.43 -4.39 -6.46
CA ILE B 170 0.79 -5.55 -7.07
C ILE B 170 1.80 -6.63 -7.46
N PHE B 171 3.10 -6.36 -7.33
CA PHE B 171 4.14 -7.35 -7.58
C PHE B 171 4.62 -8.02 -6.31
N ASP B 172 3.91 -7.84 -5.21
CA ASP B 172 4.34 -8.39 -3.93
C ASP B 172 4.53 -9.90 -3.98
N HIS B 173 3.78 -10.61 -4.83
CA HIS B 173 3.87 -12.06 -4.84
C HIS B 173 5.15 -12.60 -5.47
N PHE B 174 5.87 -11.78 -6.23
CA PHE B 174 7.05 -12.27 -6.93
C PHE B 174 8.21 -12.48 -5.97
N SER B 175 9.02 -13.51 -6.27
CA SER B 175 10.33 -13.63 -5.65
C SER B 175 11.15 -12.38 -5.98
N ARG B 176 12.21 -12.16 -5.19
CA ARG B 176 13.07 -11.00 -5.47
C ARG B 176 13.66 -11.08 -6.87
N LYS B 177 13.93 -12.30 -7.37
CA LYS B 177 14.44 -12.44 -8.74
C LYS B 177 13.39 -12.03 -9.77
N ASP B 178 12.15 -12.51 -9.60
CA ASP B 178 11.11 -12.16 -10.55
C ASP B 178 10.67 -10.71 -10.41
N TYR B 179 10.71 -10.16 -9.20
CA TYR B 179 10.43 -8.72 -9.02
C TYR B 179 11.42 -7.89 -9.84
N GLN B 180 12.71 -8.18 -9.71
CA GLN B 180 13.70 -7.50 -10.53
C GLN B 180 13.40 -7.65 -12.02
N ARG B 181 13.10 -8.89 -12.45
CA ARG B 181 12.81 -9.12 -13.86
C ARG B 181 11.64 -8.27 -14.32
N MET B 182 10.62 -8.12 -13.46
CA MET B 182 9.45 -7.32 -13.80
C MET B 182 9.84 -5.87 -13.97
N LEU B 183 10.61 -5.32 -13.03
CA LEU B 183 11.04 -3.93 -13.14
C LEU B 183 11.83 -3.71 -14.41
N ASP B 184 12.74 -4.62 -14.75
CA ASP B 184 13.55 -4.43 -15.95
C ASP B 184 12.73 -4.58 -17.21
N LEU B 185 11.78 -5.52 -17.23
CA LEU B 185 10.80 -5.59 -18.33
C LEU B 185 10.03 -4.27 -18.48
N MET B 186 9.47 -3.75 -17.39
CA MET B 186 8.71 -2.51 -17.49
C MET B 186 9.57 -1.36 -18.02
N ARG B 187 10.81 -1.23 -17.53
CA ARG B 187 11.69 -0.20 -18.06
C ARG B 187 11.87 -0.36 -19.56
N ASP B 188 12.13 -1.59 -20.02
CA ASP B 188 12.36 -1.81 -21.45
C ASP B 188 11.12 -1.49 -22.26
N ILE B 189 9.94 -1.91 -21.77
CA ILE B 189 8.71 -1.73 -22.53
C ILE B 189 8.31 -0.26 -22.57
N ILE B 190 8.43 0.43 -21.43
CA ILE B 190 8.09 1.85 -21.45
C ILE B 190 9.09 2.64 -22.28
N LEU B 191 10.37 2.24 -22.25
CA LEU B 191 11.35 2.96 -23.07
C LEU B 191 11.04 2.78 -24.55
N ALA B 192 10.48 1.63 -24.93
CA ALA B 192 10.10 1.34 -26.29
C ALA B 192 9.02 2.26 -26.84
N THR B 193 8.26 2.96 -25.98
CA THR B 193 7.25 3.89 -26.50
C THR B 193 7.87 5.16 -27.05
N ASP B 194 9.16 5.42 -26.83
CA ASP B 194 9.84 6.50 -27.53
C ASP B 194 9.92 6.10 -28.99
N LEU B 195 9.20 6.82 -29.87
CA LEU B 195 9.26 6.48 -31.28
C LEU B 195 10.67 6.59 -31.85
N ALA B 196 11.54 7.39 -31.22
CA ALA B 196 12.94 7.39 -31.61
C ALA B 196 13.55 6.01 -31.45
N HIS B 197 13.21 5.32 -30.36
CA HIS B 197 13.67 3.95 -30.14
C HIS B 197 13.10 3.01 -31.18
N HIS B 198 11.80 3.12 -31.47
CA HIS B 198 11.17 2.30 -32.49
C HIS B 198 11.90 2.45 -33.82
N LEU B 199 12.19 3.69 -34.23
CA LEU B 199 12.90 3.89 -35.48
C LEU B 199 14.28 3.26 -35.45
N ARG B 200 14.94 3.24 -34.29
CA ARG B 200 16.27 2.66 -34.20
C ARG B 200 16.24 1.14 -34.37
N ILE B 201 15.20 0.47 -33.83
CA ILE B 201 15.13 -0.98 -33.92
C ILE B 201 14.29 -1.45 -35.10
N PHE B 202 13.79 -0.53 -35.94
CA PHE B 202 12.89 -0.92 -37.02
C PHE B 202 13.51 -1.99 -37.93
N LYS B 203 14.79 -1.82 -38.28
CA LYS B 203 15.43 -2.79 -39.17
C LYS B 203 15.53 -4.17 -38.51
N ASP B 204 15.74 -4.21 -37.20
CA ASP B 204 15.75 -5.49 -36.49
C ASP B 204 14.36 -6.11 -36.43
N LEU B 205 13.32 -5.28 -36.26
CA LEU B 205 11.98 -5.82 -36.30
C LEU B 205 11.68 -6.39 -37.67
N GLN B 206 12.10 -5.70 -38.73
CA GLN B 206 11.91 -6.19 -40.08
C GLN B 206 12.57 -7.56 -40.26
N LYS B 207 13.82 -7.69 -39.82
CA LYS B 207 14.52 -8.96 -39.96
C LYS B 207 13.78 -10.07 -39.24
N MET B 208 13.31 -9.79 -38.02
CA MET B 208 12.55 -10.79 -37.28
C MET B 208 11.30 -11.19 -38.04
N ALA B 209 10.58 -10.23 -38.59
CA ALA B 209 9.40 -10.56 -39.40
C ALA B 209 9.77 -11.38 -40.63
N GLU B 210 10.96 -11.15 -41.18
CA GLU B 210 11.38 -11.90 -42.37
C GLU B 210 11.68 -13.35 -42.03
N VAL B 211 12.44 -13.58 -40.96
CA VAL B 211 12.87 -14.94 -40.64
C VAL B 211 11.79 -15.67 -39.86
N GLY B 212 10.95 -14.95 -39.13
CA GLY B 212 9.88 -15.56 -38.36
C GLY B 212 10.21 -15.58 -36.88
N TYR B 213 9.21 -15.25 -36.07
CA TYR B 213 9.39 -15.21 -34.63
C TYR B 213 9.81 -16.57 -34.08
N ASP B 214 10.84 -16.58 -33.25
CA ASP B 214 11.34 -17.80 -32.61
C ASP B 214 11.22 -17.62 -31.11
N ARG B 215 10.29 -18.35 -30.49
CA ARG B 215 10.08 -18.22 -29.05
C ARG B 215 11.32 -18.63 -28.25
N ASN B 216 12.22 -19.40 -28.83
CA ASN B 216 13.44 -19.78 -28.15
C ASN B 216 14.57 -18.79 -28.36
N ASN B 217 14.29 -17.65 -29.00
CA ASN B 217 15.27 -16.59 -29.24
C ASN B 217 14.95 -15.43 -28.30
N LYS B 218 15.78 -15.23 -27.28
CA LYS B 218 15.50 -14.18 -26.30
C LYS B 218 15.46 -12.80 -26.94
N GLN B 219 16.29 -12.56 -27.96
CA GLN B 219 16.24 -11.28 -28.64
C GLN B 219 14.91 -11.07 -29.35
N HIS B 220 14.31 -12.16 -29.85
CA HIS B 220 12.98 -12.05 -30.45
C HIS B 220 11.93 -11.67 -29.42
N HIS B 221 12.06 -12.17 -28.19
CA HIS B 221 11.15 -11.74 -27.12
C HIS B 221 11.24 -10.23 -26.91
N ARG B 222 12.46 -9.71 -26.79
CA ARG B 222 12.63 -8.27 -26.53
C ARG B 222 12.05 -7.44 -27.67
N LEU B 223 12.36 -7.82 -28.91
CA LEU B 223 11.85 -7.09 -30.06
C LEU B 223 10.32 -7.16 -30.15
N LEU B 224 9.76 -8.35 -29.92
CA LEU B 224 8.31 -8.51 -30.02
C LEU B 224 7.60 -7.68 -28.96
N LEU B 225 8.13 -7.66 -27.73
CA LEU B 225 7.54 -6.79 -26.72
C LEU B 225 7.55 -5.34 -27.16
N CYS B 226 8.66 -4.90 -27.78
CA CYS B 226 8.73 -3.53 -28.28
C CYS B 226 7.65 -3.28 -29.32
N LEU B 227 7.54 -4.17 -30.29
CA LEU B 227 6.59 -3.96 -31.38
C LEU B 227 5.16 -3.98 -30.86
N LEU B 228 4.85 -4.94 -29.97
CA LEU B 228 3.51 -4.97 -29.38
C LEU B 228 3.22 -3.69 -28.61
N MET B 229 4.19 -3.18 -27.85
CA MET B 229 3.96 -1.95 -27.10
C MET B 229 3.65 -0.79 -28.04
N THR B 230 4.48 -0.59 -29.07
CA THR B 230 4.20 0.43 -30.07
C THR B 230 2.85 0.21 -30.71
N SER B 231 2.50 -1.05 -31.02
CA SER B 231 1.23 -1.33 -31.67
C SER B 231 0.07 -0.89 -30.78
N CYS B 232 0.21 -1.08 -29.45
CA CYS B 232 -0.80 -0.58 -28.52
C CYS B 232 -0.82 0.95 -28.45
N ASP B 233 0.36 1.58 -28.39
CA ASP B 233 0.44 3.03 -28.26
C ASP B 233 -0.20 3.79 -29.43
N LEU B 234 -0.14 3.21 -30.64
CA LEU B 234 -0.68 3.86 -31.83
C LEU B 234 -2.05 3.29 -32.23
N SER B 235 -2.65 2.44 -31.38
CA SER B 235 -3.81 1.64 -31.76
C SER B 235 -5.06 2.49 -32.06
N ASP B 236 -5.08 3.76 -31.66
CA ASP B 236 -6.16 4.65 -32.06
C ASP B 236 -6.33 4.66 -33.56
N GLN B 237 -5.24 4.44 -34.30
CA GLN B 237 -5.28 4.51 -35.76
C GLN B 237 -5.87 3.25 -36.39
N THR B 238 -6.11 2.21 -35.60
CA THR B 238 -6.68 0.96 -36.09
C THR B 238 -8.20 0.92 -36.03
N LYS B 239 -8.85 2.01 -35.58
CA LYS B 239 -10.30 2.02 -35.47
C LYS B 239 -10.96 2.68 -36.69
N GLY B 240 -12.14 3.25 -36.52
CA GLY B 240 -12.84 3.89 -37.62
C GLY B 240 -12.33 5.30 -37.87
N TRP B 241 -12.86 5.92 -38.93
CA TRP B 241 -12.45 7.28 -39.27
C TRP B 241 -12.74 8.25 -38.12
N LYS B 242 -13.90 8.13 -37.49
CA LYS B 242 -14.29 9.08 -36.44
C LYS B 242 -13.28 9.09 -35.30
N THR B 243 -12.73 7.92 -34.96
CA THR B 243 -11.72 7.86 -33.91
C THR B 243 -10.43 8.54 -34.35
N THR B 244 -9.95 8.25 -35.57
CA THR B 244 -8.69 8.83 -35.99
C THR B 244 -8.82 10.34 -36.21
N ARG B 245 -10.03 10.80 -36.56
CA ARG B 245 -10.26 12.24 -36.70
C ARG B 245 -10.24 12.95 -35.35
N LYS B 246 -10.91 12.38 -34.35
CA LYS B 246 -10.92 13.02 -33.04
C LYS B 246 -9.54 12.98 -32.38
N ILE B 247 -8.80 11.88 -32.57
CA ILE B 247 -7.48 11.80 -31.95
C ILE B 247 -6.55 12.81 -32.60
N ALA B 248 -6.73 13.07 -33.90
CA ALA B 248 -6.00 14.16 -34.56
C ALA B 248 -6.25 15.49 -33.86
N GLU B 249 -7.53 15.82 -33.58
CA GLU B 249 -7.86 17.04 -32.86
C GLU B 249 -7.08 17.15 -31.56
N LEU B 250 -7.03 16.04 -30.80
CA LEU B 250 -6.38 16.07 -29.50
C LEU B 250 -4.88 16.22 -29.63
N ILE B 251 -4.28 15.45 -30.54
CA ILE B 251 -2.83 15.49 -30.73
C ILE B 251 -2.37 16.89 -31.15
N TYR B 252 -3.05 17.47 -32.14
CA TYR B 252 -2.56 18.77 -32.62
C TYR B 252 -2.85 19.89 -31.65
N LYS B 253 -3.95 19.82 -30.89
CA LYS B 253 -4.18 20.78 -29.81
C LYS B 253 -3.05 20.72 -28.79
N GLU B 254 -2.68 19.51 -28.37
CA GLU B 254 -1.56 19.35 -27.45
C GLU B 254 -0.27 19.89 -28.06
N PHE B 255 0.02 19.48 -29.31
CA PHE B 255 1.22 19.93 -29.99
C PHE B 255 1.28 21.45 -30.07
N PHE B 256 0.18 22.06 -30.51
CA PHE B 256 0.19 23.51 -30.72
C PHE B 256 0.31 24.28 -29.42
N SER B 257 -0.19 23.74 -28.31
CA SER B 257 0.03 24.39 -27.02
C SER B 257 1.52 24.41 -26.67
N GLN B 258 2.24 23.32 -26.95
CA GLN B 258 3.69 23.33 -26.73
C GLN B 258 4.35 24.38 -27.62
N GLY B 259 3.97 24.41 -28.89
CA GLY B 259 4.60 25.36 -29.81
C GLY B 259 4.37 26.80 -29.37
N ASP B 260 3.15 27.11 -28.90
CA ASP B 260 2.86 28.44 -28.40
C ASP B 260 3.82 28.82 -27.28
N LEU B 261 4.00 27.91 -26.33
CA LEU B 261 4.91 28.15 -25.20
C LEU B 261 6.33 28.35 -25.69
N GLU B 262 6.79 27.53 -26.62
CA GLU B 262 8.14 27.67 -27.15
C GLU B 262 8.34 29.02 -27.80
N LYS B 263 7.33 29.48 -28.56
CA LYS B 263 7.46 30.79 -29.19
C LYS B 263 7.61 31.88 -28.16
N ALA B 264 6.84 31.81 -27.07
CA ALA B 264 6.92 32.85 -26.04
C ALA B 264 8.28 32.82 -25.35
N MET B 265 8.87 31.63 -25.21
CA MET B 265 10.18 31.48 -24.61
C MET B 265 11.31 31.90 -25.54
N GLY B 266 11.03 32.12 -26.82
CA GLY B 266 12.06 32.41 -27.78
C GLY B 266 12.70 31.21 -28.43
N ASN B 267 12.10 30.03 -28.32
CA ASN B 267 12.58 28.83 -28.99
C ASN B 267 11.71 28.56 -30.21
N ARG B 268 12.33 28.00 -31.24
CA ARG B 268 11.62 27.79 -32.50
C ARG B 268 10.95 26.43 -32.46
N PRO B 269 9.62 26.36 -32.53
CA PRO B 269 8.94 25.07 -32.48
C PRO B 269 9.10 24.28 -33.77
N MET B 270 9.12 22.95 -33.62
CA MET B 270 8.96 22.07 -34.79
C MET B 270 7.76 22.52 -35.60
N GLU B 271 7.84 22.34 -36.92
CA GLU B 271 6.74 22.76 -37.79
C GLU B 271 5.43 22.12 -37.38
N MET B 272 5.45 20.84 -37.00
CA MET B 272 4.20 20.16 -36.63
C MET B 272 3.63 20.66 -35.31
N MET B 273 4.36 21.51 -34.59
CA MET B 273 3.87 22.07 -33.34
C MET B 273 3.55 23.56 -33.48
N ASP B 274 3.66 24.10 -34.67
CA ASP B 274 3.48 25.53 -34.92
C ASP B 274 2.13 25.75 -35.59
N ARG B 275 1.15 26.22 -34.82
CA ARG B 275 -0.20 26.35 -35.37
C ARG B 275 -0.26 27.28 -36.58
N GLU B 276 0.74 28.12 -36.80
CA GLU B 276 0.72 29.03 -37.93
C GLU B 276 1.38 28.46 -39.18
N LYS B 277 2.01 27.29 -39.09
CA LYS B 277 2.69 26.65 -40.20
C LYS B 277 2.20 25.23 -40.48
N ALA B 278 1.82 24.49 -39.44
CA ALA B 278 1.43 23.10 -39.60
C ALA B 278 0.23 22.95 -40.54
N TYR B 279 0.36 22.02 -41.50
CA TYR B 279 -0.74 21.68 -42.42
C TYR B 279 -1.16 20.25 -42.07
N ILE B 280 -2.24 20.16 -41.28
CA ILE B 280 -2.58 18.89 -40.63
C ILE B 280 -2.71 17.72 -41.60
N PRO B 281 -3.39 17.84 -42.75
CA PRO B 281 -3.54 16.67 -43.63
C PRO B 281 -2.21 16.09 -44.08
N GLU B 282 -1.28 16.94 -44.48
CA GLU B 282 0.03 16.48 -44.95
C GLU B 282 0.81 15.85 -43.82
N LEU B 283 0.77 16.46 -42.63
CA LEU B 283 1.43 15.89 -41.47
C LEU B 283 0.82 14.54 -41.12
N GLN B 284 -0.51 14.44 -41.16
CA GLN B 284 -1.18 13.19 -40.81
C GLN B 284 -0.82 12.10 -41.82
N ILE B 285 -0.93 12.42 -43.12
CA ILE B 285 -0.66 11.42 -44.15
C ILE B 285 0.77 10.91 -44.03
N SER B 286 1.72 11.81 -43.77
CA SER B 286 3.11 11.41 -43.60
C SER B 286 3.28 10.49 -42.39
N PHE B 287 2.67 10.85 -41.26
CA PHE B 287 2.75 10.01 -40.07
C PHE B 287 2.13 8.64 -40.33
N MET B 288 0.97 8.62 -40.99
CA MET B 288 0.30 7.35 -41.26
C MET B 288 1.10 6.49 -42.24
N GLU B 289 1.60 7.10 -43.32
CA GLU B 289 2.28 6.34 -44.35
C GLU B 289 3.64 5.84 -43.88
N HIS B 290 4.38 6.66 -43.14
CA HIS B 290 5.78 6.36 -42.85
C HIS B 290 6.01 5.83 -41.44
N ILE B 291 5.07 6.01 -40.52
CA ILE B 291 5.27 5.52 -39.17
C ILE B 291 4.22 4.46 -38.86
N ALA B 292 2.93 4.80 -38.96
CA ALA B 292 1.90 3.90 -38.46
C ALA B 292 1.71 2.68 -39.35
N MET B 293 1.63 2.88 -40.67
CA MET B 293 1.40 1.73 -41.56
C MET B 293 2.53 0.71 -41.48
N PRO B 294 3.82 1.10 -41.51
CA PRO B 294 4.88 0.09 -41.39
C PRO B 294 4.79 -0.71 -40.11
N ILE B 295 4.33 -0.10 -39.01
CA ILE B 295 4.22 -0.81 -37.73
C ILE B 295 3.18 -1.92 -37.82
N TYR B 296 2.02 -1.63 -38.41
CA TYR B 296 1.00 -2.66 -38.49
C TYR B 296 1.26 -3.66 -39.62
N LYS B 297 2.03 -3.26 -40.63
CA LYS B 297 2.51 -4.24 -41.59
C LYS B 297 3.41 -5.28 -40.92
N LEU B 298 4.33 -4.84 -40.06
CA LEU B 298 5.17 -5.78 -39.32
C LEU B 298 4.32 -6.71 -38.46
N LEU B 299 3.36 -6.16 -37.73
CA LEU B 299 2.46 -6.97 -36.92
C LEU B 299 1.74 -8.01 -37.78
N GLN B 300 1.23 -7.58 -38.94
CA GLN B 300 0.60 -8.51 -39.88
C GLN B 300 1.58 -9.57 -40.36
N ASP B 301 2.82 -9.17 -40.68
CA ASP B 301 3.81 -10.14 -41.15
C ASP B 301 4.08 -11.21 -40.10
N LEU B 302 4.04 -10.84 -38.82
CA LEU B 302 4.27 -11.77 -37.71
C LEU B 302 3.01 -12.52 -37.31
N PHE B 303 1.86 -11.86 -37.32
CA PHE B 303 0.60 -12.49 -36.93
C PHE B 303 -0.43 -12.25 -38.03
N PRO B 304 -0.72 -13.26 -38.86
CA PRO B 304 -1.73 -13.09 -39.91
C PRO B 304 -3.08 -12.60 -39.41
N LYS B 305 -3.44 -12.91 -38.16
CA LYS B 305 -4.71 -12.45 -37.61
C LYS B 305 -4.75 -10.95 -37.36
N ALA B 306 -3.60 -10.26 -37.40
CA ALA B 306 -3.58 -8.81 -37.28
C ALA B 306 -3.81 -8.12 -38.62
N ALA B 307 -4.11 -8.88 -39.68
CA ALA B 307 -4.22 -8.31 -41.02
C ALA B 307 -5.23 -7.16 -41.06
N GLU B 308 -6.37 -7.31 -40.38
CA GLU B 308 -7.39 -6.25 -40.45
C GLU B 308 -6.93 -4.97 -39.79
N LEU B 309 -5.96 -5.03 -38.88
CA LEU B 309 -5.45 -3.81 -38.26
C LEU B 309 -4.67 -2.99 -39.27
N TYR B 310 -3.76 -3.63 -40.02
CA TYR B 310 -3.05 -2.90 -41.08
C TYR B 310 -4.03 -2.34 -42.11
N GLU B 311 -5.04 -3.12 -42.50
CA GLU B 311 -5.98 -2.63 -43.49
C GLU B 311 -6.78 -1.43 -42.98
N ARG B 312 -7.13 -1.42 -41.70
CA ARG B 312 -7.83 -0.25 -41.16
C ARG B 312 -6.93 0.98 -41.15
N VAL B 313 -5.66 0.81 -40.78
CA VAL B 313 -4.74 1.95 -40.76
C VAL B 313 -4.51 2.46 -42.17
N ALA B 314 -4.37 1.55 -43.14
CA ALA B 314 -4.23 1.97 -44.53
C ALA B 314 -5.49 2.67 -45.02
N SER B 315 -6.66 2.15 -44.65
CA SER B 315 -7.92 2.80 -45.01
C SER B 315 -7.99 4.21 -44.42
N ASN B 316 -7.63 4.36 -43.15
CA ASN B 316 -7.66 5.67 -42.52
C ASN B 316 -6.67 6.62 -43.21
N ARG B 317 -5.52 6.09 -43.64
CA ARG B 317 -4.59 6.90 -44.41
C ARG B 317 -5.26 7.41 -45.69
N GLU B 318 -5.95 6.53 -46.41
CA GLU B 318 -6.65 6.93 -47.63
C GLU B 318 -7.69 8.00 -47.35
N HIS B 319 -8.35 7.92 -46.18
CA HIS B 319 -9.39 8.88 -45.85
C HIS B 319 -8.81 10.28 -45.67
N TRP B 320 -7.63 10.39 -45.07
CA TRP B 320 -7.01 11.70 -44.86
C TRP B 320 -6.69 12.38 -46.18
N THR B 321 -6.26 11.60 -47.20
CA THR B 321 -6.07 12.21 -48.51
C THR B 321 -7.40 12.68 -49.10
N LYS B 322 -8.46 11.89 -48.93
CA LYS B 322 -9.76 12.28 -49.48
C LYS B 322 -10.23 13.61 -48.91
N VAL B 323 -10.11 13.80 -47.59
CA VAL B 323 -10.60 15.04 -46.98
C VAL B 323 -9.52 16.12 -46.92
N SER B 324 -8.34 15.87 -47.49
CA SER B 324 -7.26 16.84 -47.39
C SER B 324 -7.63 18.16 -48.04
N HIS B 325 -8.33 18.11 -49.17
CA HIS B 325 -8.69 19.34 -49.87
C HIS B 325 -9.54 20.27 -49.02
N LYS B 326 -10.19 19.75 -47.97
CA LYS B 326 -11.07 20.58 -47.16
C LYS B 326 -10.31 21.60 -46.33
N PHE B 327 -9.00 21.42 -46.15
CA PHE B 327 -8.22 22.37 -45.38
C PHE B 327 -7.82 23.59 -46.19
N THR B 328 -8.15 23.63 -47.47
CA THR B 328 -8.08 24.85 -48.27
C THR B 328 -9.52 25.27 -48.52
N ILE B 329 -9.85 26.49 -48.08
CA ILE B 329 -11.24 26.93 -48.03
C ILE B 329 -11.72 27.27 -49.43
N ARG B 330 -12.63 26.47 -49.96
CA ARG B 330 -13.35 26.79 -51.19
C ARG B 330 -14.76 27.24 -50.84
N GLY B 331 -15.35 28.04 -51.72
CA GLY B 331 -16.58 28.68 -51.30
C GLY B 331 -16.29 29.66 -50.17
N LEU B 332 -17.34 29.97 -49.41
CA LEU B 332 -17.23 30.82 -48.25
C LEU B 332 -17.16 29.97 -46.99
N PRO B 333 -16.67 30.53 -45.89
CA PRO B 333 -16.84 29.87 -44.59
C PRO B 333 -18.31 29.70 -44.26
N SER B 334 -18.57 28.94 -43.19
CA SER B 334 -19.95 28.58 -42.86
C SER B 334 -20.80 29.81 -42.64
N ASN B 335 -20.24 30.86 -42.05
CA ASN B 335 -21.01 32.05 -41.72
C ASN B 335 -21.19 33.01 -42.91
N ASN B 336 -20.88 32.58 -44.13
CA ASN B 336 -21.00 33.43 -45.32
C ASN B 336 -20.20 34.71 -45.19
N SER B 337 -19.14 34.67 -44.37
CA SER B 337 -18.40 35.88 -44.02
C SER B 337 -16.94 35.71 -44.37
N LEU B 338 -16.35 36.77 -44.92
CA LEU B 338 -14.92 36.86 -45.15
C LEU B 338 -14.21 37.66 -44.07
N ASP B 339 -14.87 37.86 -42.92
CA ASP B 339 -14.29 38.69 -41.87
C ASP B 339 -12.95 38.15 -41.41
N PHE B 340 -12.73 36.84 -41.52
CA PHE B 340 -11.46 36.26 -41.11
C PHE B 340 -10.28 36.85 -41.88
N LEU B 341 -10.52 37.48 -43.02
CA LEU B 341 -9.46 38.13 -43.79
C LEU B 341 -8.90 39.33 -43.04
N ILE C 15 -41.59 -36.88 10.61
CA ILE C 15 -41.04 -36.41 9.35
C ILE C 15 -41.74 -37.14 8.21
N GLN C 16 -42.27 -36.42 7.23
CA GLN C 16 -43.13 -37.10 6.27
C GLN C 16 -42.43 -37.25 4.91
N PRO C 17 -42.86 -38.21 4.09
CA PRO C 17 -42.15 -38.47 2.83
C PRO C 17 -42.39 -37.36 1.82
N VAL C 18 -41.44 -37.21 0.89
CA VAL C 18 -41.56 -36.11 -0.08
C VAL C 18 -42.69 -36.38 -1.06
N ALA C 19 -43.03 -37.65 -1.29
CA ALA C 19 -44.20 -37.96 -2.11
C ALA C 19 -45.46 -37.39 -1.46
N ALA C 20 -45.49 -37.32 -0.14
CA ALA C 20 -46.63 -36.77 0.58
C ALA C 20 -46.64 -35.24 0.59
N ILE C 21 -45.58 -34.59 0.13
CA ILE C 21 -45.57 -33.14 -0.04
C ILE C 21 -46.10 -32.75 -1.41
N ASP C 22 -45.61 -33.43 -2.44
CA ASP C 22 -45.99 -33.22 -3.82
C ASP C 22 -45.43 -34.38 -4.62
N SER C 23 -46.21 -34.88 -5.59
CA SER C 23 -45.72 -35.97 -6.43
C SER C 23 -44.52 -35.58 -7.27
N ASN C 24 -44.34 -34.28 -7.49
CA ASN C 24 -43.30 -33.74 -8.36
C ASN C 24 -42.12 -33.15 -7.58
N PHE C 25 -42.05 -33.42 -6.26
CA PHE C 25 -41.15 -32.67 -5.38
C PHE C 25 -39.68 -32.84 -5.75
N ALA C 26 -39.29 -33.98 -6.30
CA ALA C 26 -37.88 -34.23 -6.61
C ALA C 26 -37.54 -33.96 -8.08
N SER C 27 -38.40 -33.25 -8.80
CA SER C 27 -38.18 -32.94 -10.21
C SER C 27 -37.62 -31.54 -10.39
N PHE C 28 -36.73 -31.39 -11.38
CA PHE C 28 -36.24 -30.08 -11.79
C PHE C 28 -37.37 -29.14 -12.22
N THR C 29 -38.54 -29.67 -12.59
CA THR C 29 -39.65 -28.79 -12.94
C THR C 29 -40.39 -28.25 -11.72
N TYR C 30 -40.20 -28.84 -10.54
CA TYR C 30 -40.91 -28.36 -9.37
C TYR C 30 -40.44 -26.95 -8.99
N THR C 31 -41.40 -26.12 -8.59
CA THR C 31 -41.09 -24.77 -8.12
C THR C 31 -41.26 -24.71 -6.61
N PRO C 32 -40.18 -24.81 -5.83
CA PRO C 32 -40.32 -24.82 -4.36
C PRO C 32 -40.96 -23.57 -3.79
N ARG C 33 -40.91 -22.45 -4.50
CA ARG C 33 -41.60 -21.27 -3.98
C ARG C 33 -43.12 -21.45 -3.99
N SER C 34 -43.64 -22.50 -4.63
CA SER C 34 -45.06 -22.80 -4.58
C SER C 34 -45.46 -23.40 -3.23
N LEU C 35 -44.51 -23.88 -2.44
CA LEU C 35 -44.84 -24.48 -1.16
C LEU C 35 -45.18 -23.40 -0.14
N PRO C 36 -46.28 -23.53 0.58
CA PRO C 36 -46.58 -22.56 1.65
C PRO C 36 -45.41 -22.40 2.59
N GLU C 37 -45.11 -21.14 2.95
CA GLU C 37 -43.94 -20.87 3.80
C GLU C 37 -44.06 -21.57 5.15
N ASP C 38 -45.29 -21.80 5.62
CA ASP C 38 -45.50 -22.53 6.87
C ASP C 38 -45.16 -24.01 6.75
N ASP C 39 -45.03 -24.53 5.53
CA ASP C 39 -44.72 -25.94 5.32
C ASP C 39 -43.24 -26.17 4.96
N THR C 40 -42.43 -25.10 4.95
CA THR C 40 -41.04 -25.21 4.50
C THR C 40 -40.12 -25.88 5.52
N SER C 41 -40.36 -25.68 6.82
CA SER C 41 -39.53 -26.33 7.84
C SER C 41 -39.70 -27.85 7.75
N MET C 42 -40.93 -28.33 7.63
CA MET C 42 -41.15 -29.77 7.50
C MET C 42 -40.54 -30.30 6.22
N ALA C 43 -40.57 -29.50 5.14
CA ALA C 43 -39.97 -29.94 3.89
C ALA C 43 -38.46 -30.06 4.02
N ILE C 44 -37.83 -29.15 4.78
CA ILE C 44 -36.39 -29.27 5.06
C ILE C 44 -36.09 -30.62 5.71
N LEU C 45 -36.78 -30.94 6.82
CA LEU C 45 -36.61 -32.23 7.48
C LEU C 45 -36.86 -33.37 6.51
N SER C 46 -37.94 -33.28 5.72
CA SER C 46 -38.27 -34.36 4.80
C SER C 46 -37.17 -34.56 3.76
N MET C 47 -36.54 -33.49 3.30
CA MET C 47 -35.41 -33.64 2.39
C MET C 47 -34.23 -34.29 3.08
N LEU C 48 -33.88 -33.79 4.27
CA LEU C 48 -32.79 -34.39 5.04
C LEU C 48 -33.04 -35.87 5.33
N GLN C 49 -34.31 -36.23 5.63
CA GLN C 49 -34.66 -37.65 5.81
C GLN C 49 -34.55 -38.42 4.50
N ASP C 50 -35.08 -37.87 3.43
CA ASP C 50 -35.08 -38.56 2.13
C ASP C 50 -33.66 -38.82 1.65
N MET C 51 -32.73 -37.91 1.94
CA MET C 51 -31.31 -38.14 1.68
C MET C 51 -30.69 -39.07 2.71
N ASN C 52 -31.45 -39.46 3.74
CA ASN C 52 -30.99 -40.30 4.86
C ASN C 52 -29.79 -39.71 5.58
N PHE C 53 -29.70 -38.38 5.71
CA PHE C 53 -28.60 -37.82 6.49
C PHE C 53 -28.85 -37.91 7.99
N ILE C 54 -30.12 -37.81 8.40
CA ILE C 54 -30.45 -37.92 9.82
C ILE C 54 -30.00 -39.27 10.38
N ASN C 55 -30.36 -40.35 9.69
CA ASN C 55 -30.01 -41.66 10.20
C ASN C 55 -28.51 -41.95 10.06
N ASN C 56 -27.91 -41.53 8.95
CA ASN C 56 -26.51 -41.90 8.71
C ASN C 56 -25.56 -41.17 9.64
N TYR C 57 -25.83 -39.90 9.97
CA TYR C 57 -25.02 -39.16 10.92
C TYR C 57 -25.61 -39.13 12.33
N LYS C 58 -26.66 -39.92 12.58
CA LYS C 58 -27.33 -40.01 13.89
C LYS C 58 -27.68 -38.63 14.43
N ILE C 59 -28.21 -37.76 13.56
CA ILE C 59 -28.66 -36.44 13.98
C ILE C 59 -29.84 -36.58 14.92
N ASP C 60 -29.83 -35.78 16.00
CA ASP C 60 -30.92 -35.78 16.97
C ASP C 60 -32.06 -34.93 16.43
N CYS C 61 -33.23 -35.55 16.23
CA CYS C 61 -34.33 -34.86 15.55
C CYS C 61 -34.87 -33.67 16.32
N PRO C 62 -34.98 -33.69 17.66
CA PRO C 62 -35.36 -32.44 18.34
C PRO C 62 -34.37 -31.32 18.11
N THR C 63 -33.07 -31.61 18.17
CA THR C 63 -32.07 -30.59 17.89
C THR C 63 -32.16 -30.10 16.45
N LEU C 64 -32.35 -31.02 15.51
CA LEU C 64 -32.48 -30.65 14.11
C LEU C 64 -33.72 -29.78 13.87
N ALA C 65 -34.81 -30.07 14.59
CA ALA C 65 -36.02 -29.28 14.45
C ALA C 65 -35.82 -27.86 14.95
N ARG C 66 -35.22 -27.73 16.14
CA ARG C 66 -34.94 -26.39 16.67
C ARG C 66 -33.93 -25.64 15.80
N PHE C 67 -32.92 -26.36 15.29
CA PHE C 67 -31.95 -25.72 14.40
C PHE C 67 -32.64 -25.16 13.15
N CYS C 68 -33.47 -25.97 12.50
CA CYS C 68 -34.16 -25.53 11.30
C CYS C 68 -35.03 -24.31 11.58
N LEU C 69 -35.75 -24.30 12.71
CA LEU C 69 -36.63 -23.17 13.00
C LEU C 69 -35.82 -21.92 13.32
N MET C 70 -34.68 -22.08 13.99
CA MET C 70 -33.80 -20.94 14.24
C MET C 70 -33.21 -20.38 12.95
N VAL C 71 -32.83 -21.25 12.01
CA VAL C 71 -32.33 -20.74 10.74
C VAL C 71 -33.43 -19.97 10.03
N LYS C 72 -34.63 -20.53 9.96
CA LYS C 72 -35.74 -19.83 9.33
C LYS C 72 -35.95 -18.46 9.98
N LYS C 73 -35.94 -18.41 11.31
CA LYS C 73 -36.18 -17.16 12.01
C LYS C 73 -35.03 -16.16 11.81
N GLY C 74 -33.83 -16.62 11.47
CA GLY C 74 -32.75 -15.67 11.33
C GLY C 74 -32.68 -14.94 10.01
N TYR C 75 -33.64 -15.16 9.15
CA TYR C 75 -33.76 -14.38 7.92
C TYR C 75 -34.65 -13.17 8.16
N ARG C 76 -34.27 -12.04 7.57
CA ARG C 76 -35.11 -10.86 7.55
C ARG C 76 -36.08 -10.94 6.37
N ASP C 77 -36.80 -9.85 6.10
CA ASP C 77 -37.80 -9.88 5.03
C ASP C 77 -37.53 -8.84 3.93
N PRO C 78 -36.33 -8.77 3.35
CA PRO C 78 -36.16 -8.01 2.11
C PRO C 78 -36.93 -8.69 1.00
N PRO C 79 -37.17 -7.99 -0.12
CA PRO C 79 -37.95 -8.63 -1.20
C PRO C 79 -37.37 -9.95 -1.69
N TYR C 80 -36.04 -10.06 -1.85
CA TYR C 80 -35.46 -11.26 -2.41
C TYR C 80 -34.70 -12.09 -1.38
N HIS C 81 -33.80 -11.50 -0.60
CA HIS C 81 -32.91 -12.31 0.25
C HIS C 81 -33.58 -12.64 1.60
N ASN C 82 -34.64 -13.46 1.51
CA ASN C 82 -35.44 -13.86 2.67
C ASN C 82 -35.35 -15.38 2.86
N TRP C 83 -36.14 -15.92 3.80
CA TRP C 83 -36.11 -17.36 4.01
C TRP C 83 -36.58 -18.14 2.78
N MET C 84 -37.58 -17.62 2.04
CA MET C 84 -38.04 -18.39 0.88
C MET C 84 -36.94 -18.53 -0.17
N HIS C 85 -35.99 -17.60 -0.22
CA HIS C 85 -34.79 -17.78 -1.04
C HIS C 85 -33.94 -18.92 -0.51
N ALA C 86 -33.57 -18.84 0.76
CA ALA C 86 -32.77 -19.92 1.36
C ALA C 86 -33.46 -21.28 1.22
N PHE C 87 -34.77 -21.32 1.45
CA PHE C 87 -35.51 -22.57 1.29
C PHE C 87 -35.42 -23.09 -0.14
N SER C 88 -35.63 -22.21 -1.12
CA SER C 88 -35.60 -22.67 -2.50
C SER C 88 -34.19 -23.02 -2.95
N VAL C 89 -33.18 -22.34 -2.40
CA VAL C 89 -31.79 -22.72 -2.70
C VAL C 89 -31.48 -24.09 -2.13
N SER C 90 -31.94 -24.35 -0.91
CA SER C 90 -31.74 -25.67 -0.30
C SER C 90 -32.48 -26.76 -1.08
N HIS C 91 -33.69 -26.46 -1.55
CA HIS C 91 -34.42 -27.45 -2.32
C HIS C 91 -33.67 -27.82 -3.60
N PHE C 92 -33.00 -26.86 -4.22
CA PHE C 92 -32.26 -27.20 -5.44
C PHE C 92 -31.07 -28.09 -5.13
N CYS C 93 -30.39 -27.84 -4.00
CA CYS C 93 -29.36 -28.77 -3.54
C CYS C 93 -29.90 -30.19 -3.47
N TYR C 94 -31.09 -30.33 -2.88
CA TYR C 94 -31.78 -31.62 -2.86
C TYR C 94 -32.01 -32.15 -4.27
N LEU C 95 -32.43 -31.28 -5.20
CA LEU C 95 -32.63 -31.71 -6.58
C LEU C 95 -31.34 -32.20 -7.21
N LEU C 96 -30.21 -31.53 -6.92
CA LEU C 96 -28.92 -31.99 -7.41
C LEU C 96 -28.60 -33.37 -6.88
N TYR C 97 -28.82 -33.59 -5.59
CA TYR C 97 -28.55 -34.91 -5.01
C TYR C 97 -29.41 -35.98 -5.66
N LYS C 98 -30.71 -35.72 -5.81
CA LYS C 98 -31.63 -36.73 -6.32
C LYS C 98 -31.41 -37.01 -7.80
N ASN C 99 -31.09 -35.99 -8.58
CA ASN C 99 -31.10 -36.10 -10.03
C ASN C 99 -29.73 -36.33 -10.65
N LEU C 100 -28.65 -35.92 -9.99
CA LEU C 100 -27.33 -35.98 -10.58
C LEU C 100 -26.42 -37.02 -9.96
N GLU C 101 -26.85 -37.66 -8.87
CA GLU C 101 -26.08 -38.73 -8.24
C GLU C 101 -24.76 -38.18 -7.68
N LEU C 102 -24.93 -37.18 -6.81
CA LEU C 102 -23.78 -36.44 -6.30
C LEU C 102 -22.84 -37.34 -5.51
N THR C 103 -23.37 -38.44 -4.95
CA THR C 103 -22.54 -39.34 -4.16
C THR C 103 -21.48 -40.03 -4.99
N ASN C 104 -21.61 -40.02 -6.32
CA ASN C 104 -20.55 -40.51 -7.18
C ASN C 104 -19.37 -39.55 -7.28
N TYR C 105 -19.49 -38.31 -6.79
CA TYR C 105 -18.49 -37.27 -7.03
C TYR C 105 -18.01 -36.60 -5.75
N LEU C 106 -18.86 -36.54 -4.72
CA LEU C 106 -18.54 -35.88 -3.46
C LEU C 106 -18.68 -36.83 -2.29
N GLU C 107 -17.98 -36.51 -1.20
CA GLU C 107 -18.14 -37.25 0.03
C GLU C 107 -19.49 -36.92 0.67
N ASP C 108 -20.03 -37.86 1.44
CA ASP C 108 -21.33 -37.65 2.06
C ASP C 108 -21.31 -36.43 2.97
N ILE C 109 -20.20 -36.18 3.66
CA ILE C 109 -20.17 -35.03 4.56
C ILE C 109 -20.12 -33.73 3.77
N GLU C 110 -19.51 -33.75 2.59
CA GLU C 110 -19.49 -32.57 1.74
C GLU C 110 -20.88 -32.25 1.22
N ILE C 111 -21.62 -33.27 0.78
CA ILE C 111 -23.00 -33.06 0.32
C ILE C 111 -23.85 -32.54 1.46
N PHE C 112 -23.68 -33.14 2.64
CA PHE C 112 -24.38 -32.65 3.83
C PHE C 112 -24.07 -31.19 4.09
N ALA C 113 -22.77 -30.83 4.07
CA ALA C 113 -22.38 -29.45 4.39
C ALA C 113 -22.96 -28.48 3.38
N LEU C 114 -23.00 -28.89 2.11
CA LEU C 114 -23.60 -28.08 1.07
C LEU C 114 -25.06 -27.77 1.38
N PHE C 115 -25.83 -28.79 1.79
CA PHE C 115 -27.25 -28.54 2.07
C PHE C 115 -27.42 -27.64 3.29
N ILE C 116 -26.66 -27.89 4.36
CA ILE C 116 -26.75 -27.01 5.51
C ILE C 116 -26.31 -25.59 5.14
N SER C 117 -25.24 -25.48 4.34
CA SER C 117 -24.78 -24.18 3.91
C SER C 117 -25.86 -23.45 3.12
N CYS C 118 -26.57 -24.15 2.23
CA CYS C 118 -27.68 -23.54 1.52
C CYS C 118 -28.70 -22.96 2.50
N MET C 119 -29.04 -23.70 3.55
CA MET C 119 -30.02 -23.18 4.52
C MET C 119 -29.55 -21.89 5.17
N CYS C 120 -28.25 -21.78 5.47
CA CYS C 120 -27.72 -20.68 6.26
C CYS C 120 -27.08 -19.58 5.44
N HIS C 121 -27.02 -19.71 4.12
CA HIS C 121 -26.04 -18.93 3.37
C HIS C 121 -26.36 -17.44 3.25
N ASP C 122 -27.59 -17.00 3.55
CA ASP C 122 -27.94 -15.58 3.51
C ASP C 122 -28.50 -15.08 4.85
N LEU C 123 -28.23 -15.77 5.96
CA LEU C 123 -28.78 -15.40 7.25
C LEU C 123 -28.59 -13.92 7.55
N ASP C 124 -29.67 -13.28 7.99
CA ASP C 124 -29.66 -11.89 8.43
C ASP C 124 -29.29 -10.91 7.32
N HIS C 125 -29.47 -11.29 6.06
CA HIS C 125 -29.31 -10.36 4.95
C HIS C 125 -30.19 -9.14 5.17
N ARG C 126 -29.64 -7.95 4.86
CA ARG C 126 -30.36 -6.70 5.03
C ARG C 126 -30.78 -6.06 3.72
N GLY C 127 -30.73 -6.82 2.63
CA GLY C 127 -31.22 -6.33 1.36
C GLY C 127 -30.26 -5.42 0.64
N THR C 128 -28.98 -5.42 1.04
CA THR C 128 -27.96 -4.62 0.38
C THR C 128 -26.74 -5.49 0.11
N ASN C 129 -25.91 -5.04 -0.82
CA ASN C 129 -24.72 -5.80 -1.19
C ASN C 129 -23.56 -5.46 -0.26
N ASN C 130 -22.38 -5.97 -0.59
CA ASN C 130 -21.23 -5.81 0.30
C ASN C 130 -20.73 -4.38 0.31
N SER C 131 -20.58 -3.78 -0.88
CA SER C 131 -20.05 -2.42 -0.94
C SER C 131 -20.92 -1.45 -0.17
N PHE C 132 -22.24 -1.68 -0.16
CA PHE C 132 -23.09 -0.79 0.61
C PHE C 132 -22.78 -0.85 2.11
N GLN C 133 -22.51 -2.04 2.65
CA GLN C 133 -22.08 -2.10 4.05
C GLN C 133 -20.84 -1.24 4.27
N VAL C 134 -19.88 -1.32 3.35
CA VAL C 134 -18.63 -0.58 3.54
C VAL C 134 -18.88 0.92 3.40
N ALA C 135 -19.67 1.31 2.39
CA ALA C 135 -19.94 2.72 2.17
C ALA C 135 -20.70 3.33 3.34
N SER C 136 -21.62 2.58 3.93
CA SER C 136 -22.41 3.13 5.02
C SER C 136 -21.73 2.96 6.37
N LYS C 137 -20.52 2.38 6.38
CA LYS C 137 -19.73 2.19 7.59
C LYS C 137 -20.54 1.46 8.66
N SER C 138 -21.24 0.41 8.23
CA SER C 138 -22.00 -0.42 9.14
C SER C 138 -21.07 -1.17 10.09
N VAL C 139 -21.65 -1.69 11.18
CA VAL C 139 -20.90 -2.53 12.09
C VAL C 139 -20.33 -3.74 11.36
N LEU C 140 -21.12 -4.29 10.42
CA LEU C 140 -20.63 -5.45 9.69
C LEU C 140 -19.39 -5.09 8.89
N ALA C 141 -19.34 -3.87 8.36
CA ALA C 141 -18.16 -3.41 7.64
C ALA C 141 -16.97 -3.28 8.59
N ALA C 142 -17.18 -2.68 9.77
CA ALA C 142 -16.09 -2.60 10.74
C ALA C 142 -15.54 -3.99 11.05
N LEU C 143 -16.42 -4.99 11.16
CA LEU C 143 -15.97 -6.33 11.55
C LEU C 143 -15.30 -7.07 10.40
N TYR C 144 -15.78 -6.89 9.17
CA TYR C 144 -15.40 -7.78 8.07
C TYR C 144 -14.79 -7.11 6.84
N SER C 145 -14.83 -5.78 6.71
CA SER C 145 -14.41 -5.16 5.44
C SER C 145 -12.97 -5.50 5.09
N SER C 146 -12.08 -5.64 6.09
CA SER C 146 -10.68 -5.88 5.79
C SER C 146 -10.44 -7.29 5.26
N GLU C 147 -11.40 -8.18 5.42
CA GLU C 147 -11.27 -9.55 4.95
C GLU C 147 -12.03 -9.82 3.66
N GLY C 148 -12.94 -8.92 3.28
CA GLY C 148 -13.76 -9.10 2.10
C GLY C 148 -14.99 -9.95 2.37
N SER C 149 -15.86 -10.02 1.36
CA SER C 149 -17.12 -10.77 1.40
C SER C 149 -17.86 -10.50 2.72
N VAL C 150 -18.15 -9.23 2.93
CA VAL C 150 -18.64 -8.74 4.23
C VAL C 150 -19.89 -9.49 4.63
N MET C 151 -20.91 -9.51 3.77
CA MET C 151 -22.17 -10.11 4.18
C MET C 151 -22.01 -11.61 4.38
N GLU C 152 -21.21 -12.26 3.54
CA GLU C 152 -21.04 -13.70 3.63
C GLU C 152 -20.34 -14.09 4.93
N ARG C 153 -19.35 -13.30 5.36
CA ARG C 153 -18.74 -13.55 6.66
C ARG C 153 -19.77 -13.38 7.78
N HIS C 154 -20.68 -12.41 7.65
CA HIS C 154 -21.78 -12.29 8.60
C HIS C 154 -22.68 -13.52 8.58
N HIS C 155 -23.04 -14.01 7.39
CA HIS C 155 -23.92 -15.17 7.29
C HIS C 155 -23.32 -16.36 8.02
N PHE C 156 -22.03 -16.62 7.77
CA PHE C 156 -21.39 -17.74 8.44
C PHE C 156 -21.32 -17.51 9.94
N ALA C 157 -21.01 -16.29 10.37
CA ALA C 157 -20.99 -16.03 11.81
C ALA C 157 -22.38 -16.20 12.43
N GLN C 158 -23.45 -15.88 11.68
CA GLN C 158 -24.80 -16.10 12.23
C GLN C 158 -25.08 -17.59 12.36
N ALA C 159 -24.60 -18.38 11.40
CA ALA C 159 -24.79 -19.83 11.47
C ALA C 159 -24.07 -20.41 12.68
N ILE C 160 -22.83 -19.97 12.92
CA ILE C 160 -22.08 -20.35 14.13
C ILE C 160 -22.85 -19.93 15.39
N ALA C 161 -23.39 -18.71 15.42
CA ALA C 161 -24.16 -18.30 16.59
C ALA C 161 -25.36 -19.23 16.82
N ILE C 162 -26.04 -19.65 15.75
CA ILE C 162 -27.15 -20.58 15.92
C ILE C 162 -26.64 -21.91 16.48
N LEU C 163 -25.60 -22.48 15.86
CA LEU C 163 -25.09 -23.76 16.36
C LEU C 163 -24.65 -23.66 17.82
N ASN C 164 -24.23 -22.47 18.25
CA ASN C 164 -23.77 -22.23 19.62
C ASN C 164 -24.93 -21.93 20.58
N THR C 165 -26.17 -21.92 20.10
CA THR C 165 -27.35 -21.73 20.94
C THR C 165 -27.79 -23.06 21.54
N HIS C 166 -28.11 -23.05 22.83
CA HIS C 166 -28.51 -24.27 23.52
C HIS C 166 -29.62 -24.99 22.75
N GLY C 167 -29.45 -26.30 22.57
CA GLY C 167 -30.43 -27.12 21.89
C GLY C 167 -30.39 -27.10 20.39
N CYS C 168 -29.40 -26.43 19.78
CA CYS C 168 -29.37 -26.25 18.33
C CYS C 168 -28.13 -26.78 17.64
N ASN C 169 -27.19 -27.38 18.36
CA ASN C 169 -25.93 -27.84 17.76
C ASN C 169 -26.14 -29.23 17.17
N ILE C 170 -26.57 -29.27 15.90
CA ILE C 170 -26.82 -30.55 15.24
C ILE C 170 -25.57 -31.36 15.01
N PHE C 171 -24.38 -30.80 15.24
CA PHE C 171 -23.12 -31.50 15.01
C PHE C 171 -22.42 -31.88 16.31
N ASP C 172 -23.03 -31.66 17.48
CA ASP C 172 -22.23 -31.74 18.70
C ASP C 172 -21.90 -33.16 19.14
N HIS C 173 -22.43 -34.17 18.46
CA HIS C 173 -22.01 -35.55 18.69
C HIS C 173 -21.02 -36.05 17.63
N PHE C 174 -20.77 -35.28 16.56
CA PHE C 174 -19.83 -35.72 15.53
C PHE C 174 -18.45 -36.00 16.11
N SER C 175 -17.69 -36.86 15.43
CA SER C 175 -16.27 -36.97 15.72
C SER C 175 -15.61 -35.61 15.56
N ARG C 176 -14.47 -35.44 16.23
CA ARG C 176 -13.81 -34.14 16.16
C ARG C 176 -13.38 -33.82 14.73
N LYS C 177 -12.96 -34.85 13.98
CA LYS C 177 -12.66 -34.67 12.56
C LYS C 177 -13.89 -34.24 11.77
N ASP C 178 -14.99 -34.98 11.91
CA ASP C 178 -16.21 -34.64 11.17
C ASP C 178 -16.74 -33.27 11.57
N TYR C 179 -16.64 -32.93 12.86
CA TYR C 179 -17.08 -31.62 13.34
C TYR C 179 -16.30 -30.51 12.67
N GLN C 180 -14.97 -30.63 12.65
CA GLN C 180 -14.13 -29.59 12.06
C GLN C 180 -14.33 -29.51 10.55
N ARG C 181 -14.46 -30.67 9.91
CA ARG C 181 -14.75 -30.73 8.48
C ARG C 181 -16.03 -29.99 8.15
N MET C 182 -17.06 -30.17 8.98
CA MET C 182 -18.33 -29.49 8.73
C MET C 182 -18.15 -27.98 8.79
N LEU C 183 -17.50 -27.49 9.84
CA LEU C 183 -17.33 -26.05 10.01
C LEU C 183 -16.51 -25.47 8.87
N ASP C 184 -15.39 -26.11 8.54
CA ASP C 184 -14.56 -25.64 7.43
C ASP C 184 -15.32 -25.65 6.13
N LEU C 185 -16.12 -26.70 5.87
CA LEU C 185 -16.91 -26.73 4.65
C LEU C 185 -17.95 -25.61 4.62
N MET C 186 -18.68 -25.42 5.73
CA MET C 186 -19.70 -24.39 5.77
C MET C 186 -19.11 -22.99 5.55
N ARG C 187 -17.93 -22.74 6.14
CA ARG C 187 -17.27 -21.46 5.88
C ARG C 187 -16.92 -21.33 4.39
N ASP C 188 -16.30 -22.37 3.82
CA ASP C 188 -15.87 -22.24 2.44
C ASP C 188 -17.06 -22.09 1.49
N ILE C 189 -18.14 -22.84 1.75
CA ILE C 189 -19.28 -22.84 0.84
C ILE C 189 -20.06 -21.53 0.95
N ILE C 190 -20.25 -21.03 2.16
CA ILE C 190 -20.94 -19.74 2.29
C ILE C 190 -20.10 -18.61 1.71
N LEU C 191 -18.77 -18.65 1.87
CA LEU C 191 -17.93 -17.63 1.24
C LEU C 191 -18.03 -17.71 -0.28
N ALA C 192 -18.19 -18.92 -0.81
CA ALA C 192 -18.36 -19.13 -2.26
C ALA C 192 -19.62 -18.49 -2.81
N THR C 193 -20.59 -18.13 -1.95
CA THR C 193 -21.80 -17.49 -2.45
C THR C 193 -21.57 -16.04 -2.84
N ASP C 194 -20.44 -15.44 -2.47
CA ASP C 194 -20.13 -14.11 -2.97
C ASP C 194 -19.87 -14.22 -4.47
N LEU C 195 -20.71 -13.58 -5.30
CA LEU C 195 -20.47 -13.63 -6.73
C LEU C 195 -19.07 -13.15 -7.10
N ALA C 196 -18.46 -12.30 -6.28
CA ALA C 196 -17.09 -11.88 -6.57
C ALA C 196 -16.15 -13.08 -6.54
N HIS C 197 -16.41 -14.02 -5.64
CA HIS C 197 -15.59 -15.21 -5.53
C HIS C 197 -15.81 -16.17 -6.69
N HIS C 198 -17.07 -16.34 -7.12
CA HIS C 198 -17.36 -17.16 -8.29
C HIS C 198 -16.66 -16.62 -9.53
N LEU C 199 -16.73 -15.30 -9.74
CA LEU C 199 -16.10 -14.74 -10.93
C LEU C 199 -14.58 -14.85 -10.87
N ARG C 200 -14.01 -14.93 -9.67
CA ARG C 200 -12.55 -15.05 -9.53
C ARG C 200 -12.09 -16.49 -9.76
N ILE C 201 -12.91 -17.48 -9.41
CA ILE C 201 -12.53 -18.88 -9.57
C ILE C 201 -13.06 -19.48 -10.86
N PHE C 202 -13.66 -18.66 -11.73
CA PHE C 202 -14.35 -19.19 -12.90
C PHE C 202 -13.41 -19.93 -13.84
N LYS C 203 -12.17 -19.44 -13.98
CA LYS C 203 -11.21 -20.09 -14.87
C LYS C 203 -10.83 -21.48 -14.36
N ASP C 204 -10.61 -21.61 -13.04
CA ASP C 204 -10.31 -22.92 -12.46
C ASP C 204 -11.48 -23.88 -12.64
N LEU C 205 -12.71 -23.40 -12.52
CA LEU C 205 -13.87 -24.24 -12.81
C LEU C 205 -13.82 -24.75 -14.25
N GLN C 206 -13.57 -23.84 -15.20
CA GLN C 206 -13.41 -24.26 -16.60
C GLN C 206 -12.27 -25.27 -16.74
N LYS C 207 -11.14 -25.03 -16.05
CA LYS C 207 -10.01 -25.94 -16.13
C LYS C 207 -10.38 -27.33 -15.62
N MET C 208 -11.09 -27.40 -14.50
CA MET C 208 -11.51 -28.70 -13.97
C MET C 208 -12.43 -29.41 -14.96
N ALA C 209 -13.31 -28.65 -15.63
CA ALA C 209 -14.25 -29.27 -16.57
C ALA C 209 -13.56 -29.86 -17.79
N GLU C 210 -12.41 -29.32 -18.18
CA GLU C 210 -11.70 -29.82 -19.35
C GLU C 210 -10.81 -31.01 -19.02
N VAL C 211 -10.01 -30.88 -17.95
CA VAL C 211 -9.17 -32.00 -17.53
C VAL C 211 -10.04 -33.15 -17.04
N GLY C 212 -11.24 -32.84 -16.56
CA GLY C 212 -12.14 -33.86 -16.05
C GLY C 212 -12.11 -33.97 -14.54
N TYR C 213 -13.29 -33.95 -13.92
CA TYR C 213 -13.39 -34.07 -12.47
C TYR C 213 -12.72 -35.36 -11.99
N ASP C 214 -11.87 -35.23 -10.98
CA ASP C 214 -11.10 -36.35 -10.43
C ASP C 214 -11.53 -36.56 -8.99
N ARG C 215 -12.15 -37.72 -8.72
CA ARG C 215 -12.69 -38.02 -7.40
C ARG C 215 -11.59 -38.19 -6.35
N ASN C 216 -10.36 -38.50 -6.77
CA ASN C 216 -9.24 -38.57 -5.85
C ASN C 216 -8.59 -37.22 -5.59
N ASN C 217 -9.08 -36.16 -6.22
CA ASN C 217 -8.49 -34.83 -6.13
C ASN C 217 -9.35 -33.97 -5.20
N LYS C 218 -8.85 -33.70 -3.99
CA LYS C 218 -9.61 -32.92 -3.03
C LYS C 218 -9.76 -31.47 -3.47
N GLN C 219 -8.83 -30.97 -4.29
CA GLN C 219 -9.00 -29.64 -4.86
C GLN C 219 -10.22 -29.60 -5.78
N HIS C 220 -10.46 -30.68 -6.52
CA HIS C 220 -11.64 -30.77 -7.38
C HIS C 220 -12.92 -30.83 -6.56
N HIS C 221 -12.88 -31.51 -5.40
CA HIS C 221 -14.05 -31.48 -4.52
C HIS C 221 -14.38 -30.06 -4.10
N ARG C 222 -13.35 -29.25 -3.80
CA ARG C 222 -13.56 -27.88 -3.37
C ARG C 222 -14.22 -27.05 -4.46
N LEU C 223 -13.66 -27.12 -5.68
CA LEU C 223 -14.17 -26.35 -6.81
C LEU C 223 -15.61 -26.74 -7.14
N LEU C 224 -15.87 -28.05 -7.22
CA LEU C 224 -17.22 -28.52 -7.50
C LEU C 224 -18.21 -28.00 -6.47
N LEU C 225 -17.84 -28.07 -5.19
CA LEU C 225 -18.72 -27.54 -4.15
C LEU C 225 -19.07 -26.06 -4.38
N CYS C 226 -18.10 -25.25 -4.80
CA CYS C 226 -18.39 -23.85 -5.09
C CYS C 226 -19.34 -23.69 -6.26
N LEU C 227 -19.10 -24.45 -7.34
CA LEU C 227 -20.00 -24.41 -8.49
C LEU C 227 -21.40 -24.86 -8.13
N LEU C 228 -21.54 -25.95 -7.37
CA LEU C 228 -22.86 -26.42 -7.00
C LEU C 228 -23.57 -25.38 -6.13
N MET C 229 -22.85 -24.77 -5.19
CA MET C 229 -23.43 -23.71 -4.36
C MET C 229 -23.95 -22.57 -5.22
N THR C 230 -23.13 -22.09 -6.16
CA THR C 230 -23.58 -21.01 -7.05
C THR C 230 -24.78 -21.45 -7.88
N SER C 231 -24.75 -22.69 -8.39
CA SER C 231 -25.89 -23.22 -9.14
C SER C 231 -27.16 -23.21 -8.30
N CYS C 232 -27.05 -23.51 -6.99
CA CYS C 232 -28.23 -23.49 -6.12
C CYS C 232 -28.68 -22.05 -5.87
N ASP C 233 -27.73 -21.15 -5.60
CA ASP C 233 -28.05 -19.75 -5.32
C ASP C 233 -28.79 -19.08 -6.48
N LEU C 234 -28.51 -19.48 -7.73
CA LEU C 234 -29.13 -18.85 -8.91
C LEU C 234 -30.27 -19.65 -9.50
N SER C 235 -30.65 -20.77 -8.87
CA SER C 235 -31.52 -21.78 -9.46
C SER C 235 -32.94 -21.30 -9.74
N ASP C 236 -33.37 -20.16 -9.18
CA ASP C 236 -34.61 -19.55 -9.63
C ASP C 236 -34.65 -19.42 -11.15
N GLN C 237 -33.50 -19.20 -11.78
CA GLN C 237 -33.47 -18.97 -13.22
C GLN C 237 -33.61 -20.26 -14.04
N THR C 238 -33.63 -21.43 -13.38
CA THR C 238 -33.82 -22.70 -14.06
C THR C 238 -35.28 -23.13 -14.10
N LYS C 239 -36.20 -22.30 -13.60
CA LYS C 239 -37.61 -22.62 -13.61
C LYS C 239 -38.23 -21.99 -14.86
N GLY C 240 -39.56 -21.85 -14.89
CA GLY C 240 -40.23 -21.30 -16.04
C GLY C 240 -40.22 -19.79 -16.03
N TRP C 241 -40.82 -19.23 -17.08
CA TRP C 241 -40.84 -17.77 -17.23
C TRP C 241 -41.51 -17.09 -16.04
N LYS C 242 -42.59 -17.68 -15.52
CA LYS C 242 -43.30 -17.04 -14.40
C LYS C 242 -42.36 -16.80 -13.24
N THR C 243 -41.51 -17.79 -12.92
CA THR C 243 -40.60 -17.63 -11.79
C THR C 243 -39.54 -16.57 -12.06
N THR C 244 -38.89 -16.61 -13.24
CA THR C 244 -37.85 -15.62 -13.49
C THR C 244 -38.42 -14.22 -13.54
N ARG C 245 -39.66 -14.08 -14.03
CA ARG C 245 -40.28 -12.76 -14.06
C ARG C 245 -40.55 -12.25 -12.66
N LYS C 246 -41.09 -13.11 -11.80
CA LYS C 246 -41.36 -12.69 -10.42
C LYS C 246 -40.07 -12.43 -9.65
N ILE C 247 -39.02 -13.22 -9.90
CA ILE C 247 -37.79 -13.03 -9.13
C ILE C 247 -37.09 -11.75 -9.56
N ALA C 248 -37.15 -11.40 -10.86
CA ALA C 248 -36.59 -10.13 -11.30
C ALA C 248 -37.29 -8.97 -10.61
N GLU C 249 -38.62 -9.07 -10.48
CA GLU C 249 -39.37 -8.10 -9.71
C GLU C 249 -38.76 -7.92 -8.31
N LEU C 250 -38.57 -9.02 -7.58
CA LEU C 250 -38.04 -8.95 -6.21
C LEU C 250 -36.62 -8.43 -6.20
N ILE C 251 -35.79 -8.89 -7.13
CA ILE C 251 -34.39 -8.47 -7.19
C ILE C 251 -34.29 -6.96 -7.41
N TYR C 252 -35.04 -6.46 -8.40
CA TYR C 252 -34.87 -5.05 -8.73
C TYR C 252 -35.51 -4.15 -7.68
N LYS C 253 -36.60 -4.60 -7.06
CA LYS C 253 -37.14 -3.84 -5.93
C LYS C 253 -36.09 -3.73 -4.82
N GLU C 254 -35.39 -4.82 -4.51
CA GLU C 254 -34.35 -4.77 -3.49
C GLU C 254 -33.19 -3.88 -3.93
N PHE C 255 -32.68 -4.09 -5.16
CA PHE C 255 -31.62 -3.24 -5.70
C PHE C 255 -32.01 -1.76 -5.65
N PHE C 256 -33.21 -1.42 -6.16
CA PHE C 256 -33.56 -0.01 -6.26
C PHE C 256 -33.73 0.63 -4.89
N SER C 257 -34.15 -0.16 -3.90
CA SER C 257 -34.20 0.33 -2.54
C SER C 257 -32.81 0.70 -2.03
N GLN C 258 -31.82 -0.13 -2.35
CA GLN C 258 -30.44 0.23 -1.98
C GLN C 258 -29.98 1.48 -2.70
N GLY C 259 -30.25 1.57 -4.00
CA GLY C 259 -29.87 2.77 -4.73
C GLY C 259 -30.44 4.05 -4.12
N ASP C 260 -31.71 4.00 -3.69
CA ASP C 260 -32.32 5.15 -3.05
C ASP C 260 -31.56 5.56 -1.79
N LEU C 261 -31.14 4.59 -0.97
CA LEU C 261 -30.34 4.91 0.19
C LEU C 261 -29.01 5.54 -0.20
N GLU C 262 -28.35 4.98 -1.23
CA GLU C 262 -27.07 5.53 -1.64
C GLU C 262 -27.20 6.97 -2.08
N LYS C 263 -28.24 7.28 -2.85
CA LYS C 263 -28.50 8.67 -3.26
C LYS C 263 -28.70 9.58 -2.05
N ALA C 264 -29.43 9.11 -1.05
CA ALA C 264 -29.63 9.91 0.15
C ALA C 264 -28.35 10.07 0.94
N MET C 265 -27.37 9.19 0.73
CA MET C 265 -26.05 9.32 1.32
C MET C 265 -25.11 10.20 0.49
N GLY C 266 -25.61 10.79 -0.59
CA GLY C 266 -24.79 11.62 -1.45
C GLY C 266 -23.91 10.87 -2.42
N ASN C 267 -24.12 9.56 -2.59
CA ASN C 267 -23.34 8.75 -3.50
C ASN C 267 -24.15 8.42 -4.75
N ARG C 268 -23.46 7.89 -5.76
CA ARG C 268 -24.13 7.48 -6.98
C ARG C 268 -24.16 5.96 -7.04
N PRO C 269 -25.33 5.34 -7.00
CA PRO C 269 -25.38 3.87 -7.01
C PRO C 269 -24.98 3.34 -8.37
N MET C 270 -24.64 2.05 -8.39
CA MET C 270 -24.42 1.40 -9.68
C MET C 270 -25.71 1.42 -10.49
N GLU C 271 -25.56 1.36 -11.82
CA GLU C 271 -26.70 1.55 -12.71
C GLU C 271 -27.82 0.55 -12.43
N MET C 272 -27.46 -0.71 -12.14
CA MET C 272 -28.50 -1.69 -11.89
C MET C 272 -29.26 -1.44 -10.59
N MET C 273 -28.81 -0.52 -9.73
CA MET C 273 -29.51 -0.17 -8.51
C MET C 273 -30.14 1.23 -8.55
N ASP C 274 -30.08 1.89 -9.69
CA ASP C 274 -30.62 3.25 -9.86
C ASP C 274 -31.93 3.14 -10.63
N ARG C 275 -33.06 3.32 -9.93
CA ARG C 275 -34.35 3.11 -10.58
C ARG C 275 -34.61 4.12 -11.70
N GLU C 276 -33.83 5.21 -11.75
CA GLU C 276 -34.03 6.21 -12.80
C GLU C 276 -33.16 5.97 -14.02
N LYS C 277 -32.13 5.11 -13.90
CA LYS C 277 -31.25 4.79 -15.01
C LYS C 277 -31.35 3.33 -15.46
N ALA C 278 -31.70 2.41 -14.56
CA ALA C 278 -31.72 0.99 -14.89
C ALA C 278 -32.74 0.66 -15.97
N TYR C 279 -32.32 -0.11 -16.97
CA TYR C 279 -33.20 -0.58 -18.04
C TYR C 279 -33.28 -2.09 -17.90
N ILE C 280 -34.34 -2.54 -17.21
CA ILE C 280 -34.39 -3.92 -16.70
C ILE C 280 -34.11 -4.98 -17.77
N PRO C 281 -34.70 -4.93 -18.97
CA PRO C 281 -34.48 -6.04 -19.92
C PRO C 281 -33.03 -6.20 -20.34
N GLU C 282 -32.30 -5.10 -20.51
CA GLU C 282 -30.90 -5.21 -20.92
C GLU C 282 -30.05 -5.72 -19.76
N LEU C 283 -30.37 -5.28 -18.54
CA LEU C 283 -29.65 -5.77 -17.35
C LEU C 283 -29.90 -7.25 -17.14
N GLN C 284 -31.16 -7.69 -17.26
CA GLN C 284 -31.51 -9.09 -17.09
C GLN C 284 -30.83 -9.94 -18.15
N ILE C 285 -30.89 -9.50 -19.41
CA ILE C 285 -30.33 -10.29 -20.50
C ILE C 285 -28.82 -10.44 -20.31
N SER C 286 -28.15 -9.35 -19.95
CA SER C 286 -26.72 -9.41 -19.67
C SER C 286 -26.42 -10.35 -18.51
N PHE C 287 -27.20 -10.26 -17.43
CA PHE C 287 -26.98 -11.16 -16.30
C PHE C 287 -27.18 -12.61 -16.72
N MET C 288 -28.27 -12.89 -17.46
CA MET C 288 -28.55 -14.24 -17.90
C MET C 288 -27.46 -14.76 -18.84
N GLU C 289 -27.05 -13.93 -19.79
CA GLU C 289 -26.16 -14.41 -20.84
C GLU C 289 -24.72 -14.53 -20.36
N HIS C 290 -24.26 -13.63 -19.50
CA HIS C 290 -22.85 -13.58 -19.16
C HIS C 290 -22.54 -14.12 -17.76
N ILE C 291 -23.55 -14.31 -16.91
CA ILE C 291 -23.27 -14.85 -15.60
C ILE C 291 -24.02 -16.15 -15.40
N ALA C 292 -25.34 -16.13 -15.57
CA ALA C 292 -26.16 -17.30 -15.24
C ALA C 292 -25.90 -18.45 -16.21
N MET C 293 -25.98 -18.19 -17.52
CA MET C 293 -25.81 -19.27 -18.48
C MET C 293 -24.44 -19.95 -18.40
N PRO C 294 -23.31 -19.22 -18.31
CA PRO C 294 -22.02 -19.92 -18.19
C PRO C 294 -21.93 -20.83 -16.96
N ILE C 295 -22.61 -20.48 -15.88
CA ILE C 295 -22.67 -21.36 -14.70
C ILE C 295 -23.33 -22.69 -15.06
N TYR C 296 -24.52 -22.63 -15.66
CA TYR C 296 -25.24 -23.86 -15.95
C TYR C 296 -24.67 -24.59 -17.15
N LYS C 297 -23.93 -23.89 -18.03
CA LYS C 297 -23.18 -24.59 -19.06
C LYS C 297 -22.04 -25.41 -18.46
N LEU C 298 -21.30 -24.84 -17.50
CA LEU C 298 -20.29 -25.61 -16.79
C LEU C 298 -20.91 -26.80 -16.07
N LEU C 299 -22.07 -26.58 -15.43
CA LEU C 299 -22.74 -27.69 -14.76
C LEU C 299 -23.08 -28.80 -15.74
N GLN C 300 -23.59 -28.43 -16.91
CA GLN C 300 -23.91 -29.41 -17.93
C GLN C 300 -22.66 -30.09 -18.45
N ASP C 301 -21.55 -29.35 -18.55
CA ASP C 301 -20.29 -29.93 -19.02
C ASP C 301 -19.83 -31.05 -18.09
N LEU C 302 -20.12 -30.93 -16.80
CA LEU C 302 -19.71 -31.91 -15.80
C LEU C 302 -20.76 -32.97 -15.57
N PHE C 303 -22.03 -32.63 -15.71
CA PHE C 303 -23.14 -33.56 -15.49
C PHE C 303 -24.05 -33.48 -16.71
N PRO C 304 -23.98 -34.46 -17.62
CA PRO C 304 -24.89 -34.45 -18.78
C PRO C 304 -26.37 -34.36 -18.39
N LYS C 305 -26.78 -34.96 -17.27
CA LYS C 305 -28.17 -34.88 -16.84
C LYS C 305 -28.61 -33.47 -16.48
N ALA C 306 -27.69 -32.51 -16.38
CA ALA C 306 -28.02 -31.14 -16.04
C ALA C 306 -28.32 -30.27 -17.27
N ALA C 307 -28.34 -30.88 -18.46
CA ALA C 307 -28.52 -30.10 -19.69
C ALA C 307 -29.85 -29.33 -19.68
N GLU C 308 -30.91 -29.94 -19.15
CA GLU C 308 -32.20 -29.28 -19.14
C GLU C 308 -32.18 -28.01 -18.30
N LEU C 309 -31.27 -27.90 -17.33
CA LEU C 309 -31.15 -26.68 -16.54
C LEU C 309 -30.58 -25.55 -17.38
N TYR C 310 -29.47 -25.81 -18.09
CA TYR C 310 -28.92 -24.82 -19.00
C TYR C 310 -29.94 -24.40 -20.05
N GLU C 311 -30.62 -25.37 -20.66
CA GLU C 311 -31.61 -25.05 -21.69
C GLU C 311 -32.73 -24.18 -21.15
N ARG C 312 -33.15 -24.41 -19.90
CA ARG C 312 -34.18 -23.54 -19.31
C ARG C 312 -33.67 -22.12 -19.13
N VAL C 313 -32.42 -21.96 -18.66
CA VAL C 313 -31.86 -20.62 -18.46
C VAL C 313 -31.76 -19.90 -19.80
N ALA C 314 -31.24 -20.59 -20.82
CA ALA C 314 -31.17 -19.99 -22.15
C ALA C 314 -32.57 -19.62 -22.65
N SER C 315 -33.54 -20.51 -22.43
CA SER C 315 -34.90 -20.24 -22.90
C SER C 315 -35.50 -19.04 -22.17
N ASN C 316 -35.18 -18.86 -20.88
CA ASN C 316 -35.66 -17.70 -20.15
C ASN C 316 -34.97 -16.44 -20.63
N ARG C 317 -33.69 -16.54 -20.98
CA ARG C 317 -33.00 -15.38 -21.54
C ARG C 317 -33.64 -14.95 -22.85
N GLU C 318 -33.94 -15.91 -23.73
CA GLU C 318 -34.60 -15.57 -24.98
C GLU C 318 -35.97 -14.94 -24.73
N HIS C 319 -36.64 -15.35 -23.65
CA HIS C 319 -37.94 -14.77 -23.35
C HIS C 319 -37.80 -13.30 -22.97
N TRP C 320 -36.77 -12.95 -22.19
CA TRP C 320 -36.52 -11.54 -21.89
C TRP C 320 -36.31 -10.73 -23.16
N THR C 321 -35.65 -11.30 -24.16
CA THR C 321 -35.50 -10.61 -25.45
C THR C 321 -36.86 -10.36 -26.09
N LYS C 322 -37.78 -11.32 -25.98
CA LYS C 322 -39.05 -11.21 -26.69
C LYS C 322 -40.01 -10.25 -26.02
N VAL C 323 -39.81 -9.91 -24.75
CA VAL C 323 -40.67 -8.94 -24.06
C VAL C 323 -39.97 -7.61 -23.86
N SER C 324 -38.72 -7.47 -24.28
CA SER C 324 -37.98 -6.23 -24.03
C SER C 324 -38.71 -5.01 -24.58
N HIS C 325 -39.34 -5.18 -25.75
CA HIS C 325 -40.04 -4.08 -26.42
C HIS C 325 -41.14 -3.49 -25.55
N LYS C 326 -41.68 -4.27 -24.61
CA LYS C 326 -42.76 -3.75 -23.77
C LYS C 326 -42.28 -2.64 -22.85
N PHE C 327 -40.96 -2.51 -22.65
CA PHE C 327 -40.41 -1.46 -21.80
C PHE C 327 -40.31 -0.12 -22.49
N THR C 328 -40.68 -0.04 -23.76
CA THR C 328 -40.84 1.21 -24.47
C THR C 328 -42.33 1.45 -24.62
N ILE C 329 -42.80 2.64 -24.29
CA ILE C 329 -44.24 2.90 -24.30
C ILE C 329 -44.65 3.21 -25.73
N ARG C 330 -45.40 2.31 -26.34
CA ARG C 330 -46.01 2.53 -27.64
C ARG C 330 -47.50 2.76 -27.49
N GLY C 331 -48.07 3.52 -28.43
CA GLY C 331 -49.41 4.02 -28.20
C GLY C 331 -49.43 4.96 -27.01
N LEU C 332 -50.58 5.01 -26.35
CA LEU C 332 -50.73 5.81 -25.16
C LEU C 332 -50.60 4.94 -23.91
N PRO C 333 -50.28 5.53 -22.76
CA PRO C 333 -50.36 4.78 -21.50
C PRO C 333 -51.78 4.28 -21.27
N SER C 334 -51.90 3.32 -20.35
CA SER C 334 -53.19 2.65 -20.13
C SER C 334 -54.30 3.65 -19.81
N ASN C 335 -53.97 4.76 -19.16
CA ASN C 335 -54.99 5.75 -18.81
C ASN C 335 -55.40 6.64 -19.98
N ASN C 336 -54.82 6.44 -21.17
CA ASN C 336 -55.03 7.29 -22.33
C ASN C 336 -54.52 8.70 -22.12
N SER C 337 -53.65 8.91 -21.16
CA SER C 337 -53.16 10.24 -20.83
C SER C 337 -51.65 10.33 -21.07
N LEU C 338 -51.24 11.51 -21.51
CA LEU C 338 -49.83 11.86 -21.60
C LEU C 338 -49.38 12.70 -20.41
N ASP C 339 -50.19 12.74 -19.34
CA ASP C 339 -49.87 13.53 -18.15
C ASP C 339 -48.45 13.29 -17.67
N PHE C 340 -47.94 12.07 -17.83
CA PHE C 340 -46.64 11.73 -17.27
C PHE C 340 -45.50 12.53 -17.91
N LEU C 341 -45.73 13.14 -19.06
CA LEU C 341 -44.71 13.98 -19.68
C LEU C 341 -44.58 15.29 -18.92
N TYR D 7 -19.31 5.98 37.28
CA TYR D 7 -19.65 6.99 36.29
C TYR D 7 -19.78 8.32 37.00
N THR D 8 -20.76 8.41 37.87
CA THR D 8 -20.92 9.62 38.69
C THR D 8 -19.64 9.90 39.47
N LYS D 9 -18.98 8.85 39.94
CA LYS D 9 -17.74 9.02 40.70
C LYS D 9 -16.66 9.65 39.84
N LEU D 10 -16.56 9.25 38.57
CA LEU D 10 -15.63 9.87 37.63
C LEU D 10 -15.94 11.35 37.47
N ILE D 15 -11.34 15.50 36.28
CA ILE D 15 -10.10 15.02 35.67
C ILE D 15 -8.90 15.66 36.39
N GLN D 16 -7.95 14.81 36.86
CA GLN D 16 -6.90 15.32 37.74
C GLN D 16 -5.61 15.55 36.97
N PRO D 17 -4.86 16.60 37.30
CA PRO D 17 -3.49 16.73 36.78
C PRO D 17 -2.67 15.52 37.20
N VAL D 18 -1.86 15.01 36.27
CA VAL D 18 -1.11 13.78 36.54
C VAL D 18 -0.17 13.95 37.72
N ALA D 19 0.29 15.17 37.98
CA ALA D 19 1.07 15.45 39.18
C ALA D 19 0.30 15.10 40.43
N ALA D 20 -1.03 15.31 40.42
CA ALA D 20 -1.86 14.99 41.58
C ALA D 20 -2.03 13.50 41.77
N ILE D 21 -1.75 12.70 40.73
CA ILE D 21 -1.70 11.25 40.89
C ILE D 21 -0.38 10.84 41.52
N ASP D 22 0.73 11.29 40.93
CA ASP D 22 2.06 10.97 41.41
C ASP D 22 3.03 11.94 40.75
N SER D 23 3.97 12.49 41.52
CA SER D 23 4.92 13.43 40.94
C SER D 23 5.79 12.77 39.88
N ASN D 24 5.94 11.44 39.91
CA ASN D 24 6.73 10.72 38.93
C ASN D 24 5.85 10.00 37.90
N PHE D 25 4.57 10.36 37.82
CA PHE D 25 3.62 9.63 37.00
C PHE D 25 4.03 9.57 35.53
N ALA D 26 4.78 10.57 35.06
CA ALA D 26 5.20 10.61 33.67
C ALA D 26 6.62 10.11 33.45
N SER D 27 7.21 9.45 34.45
CA SER D 27 8.57 8.93 34.37
C SER D 27 8.58 7.45 34.00
N PHE D 28 9.57 7.05 33.19
CA PHE D 28 9.78 5.64 32.92
C PHE D 28 9.99 4.82 34.18
N THR D 29 10.43 5.44 35.28
CA THR D 29 10.65 4.68 36.50
C THR D 29 9.35 4.35 37.22
N TYR D 30 8.23 4.95 36.82
CA TYR D 30 6.97 4.79 37.52
C TYR D 30 6.34 3.43 37.21
N THR D 31 5.81 2.78 38.24
CA THR D 31 5.14 1.50 38.07
C THR D 31 3.63 1.72 38.14
N PRO D 32 2.92 1.74 37.02
CA PRO D 32 1.47 2.02 37.07
C PRO D 32 0.68 0.95 37.80
N ARG D 33 1.24 -0.26 37.98
CA ARG D 33 0.56 -1.25 38.81
C ARG D 33 0.49 -0.82 40.27
N SER D 34 1.30 0.15 40.70
CA SER D 34 1.23 0.66 42.06
C SER D 34 -0.04 1.45 42.33
N LEU D 35 -0.74 1.87 41.28
CA LEU D 35 -1.98 2.63 41.46
C LEU D 35 -3.12 1.70 41.82
N PRO D 36 -3.90 2.01 42.85
CA PRO D 36 -5.10 1.22 43.14
C PRO D 36 -5.97 1.09 41.90
N GLU D 37 -6.61 -0.08 41.74
CA GLU D 37 -7.40 -0.32 40.53
C GLU D 37 -8.58 0.65 40.44
N ASP D 38 -9.15 1.03 41.59
CA ASP D 38 -10.28 1.96 41.61
C ASP D 38 -9.94 3.33 41.06
N ASP D 39 -8.66 3.66 40.89
CA ASP D 39 -8.25 4.97 40.41
C ASP D 39 -7.75 4.92 38.98
N THR D 40 -7.76 3.75 38.35
CA THR D 40 -7.16 3.60 37.03
C THR D 40 -8.02 4.27 35.96
N SER D 41 -9.35 4.23 36.10
CA SER D 41 -10.19 4.94 35.15
C SER D 41 -9.91 6.44 35.19
N MET D 42 -9.87 7.00 36.41
CA MET D 42 -9.44 8.38 36.61
C MET D 42 -8.13 8.66 35.90
N ALA D 43 -7.17 7.73 36.00
CA ALA D 43 -5.85 7.96 35.41
C ALA D 43 -5.91 7.97 33.89
N ILE D 44 -6.75 7.12 33.30
CA ILE D 44 -6.90 7.12 31.84
C ILE D 44 -7.36 8.49 31.37
N LEU D 45 -8.40 9.04 32.01
CA LEU D 45 -8.86 10.37 31.67
C LEU D 45 -7.78 11.40 31.90
N SER D 46 -7.07 11.32 33.03
CA SER D 46 -6.00 12.27 33.31
C SER D 46 -4.92 12.20 32.22
N MET D 47 -4.62 11.01 31.72
CA MET D 47 -3.60 10.88 30.69
C MET D 47 -4.08 11.45 29.36
N LEU D 48 -5.32 11.16 28.99
CA LEU D 48 -5.88 11.75 27.77
C LEU D 48 -5.90 13.27 27.87
N GLN D 49 -6.22 13.81 29.05
CA GLN D 49 -6.22 15.25 29.23
C GLN D 49 -4.82 15.83 29.20
N ASP D 50 -3.85 15.15 29.81
CA ASP D 50 -2.48 15.65 29.83
C ASP D 50 -1.87 15.67 28.44
N MET D 51 -2.23 14.71 27.58
CA MET D 51 -1.84 14.74 26.18
C MET D 51 -2.70 15.70 25.36
N ASN D 52 -3.73 16.27 25.99
CA ASN D 52 -4.69 17.19 25.38
C ASN D 52 -5.50 16.53 24.27
N PHE D 53 -5.73 15.21 24.35
CA PHE D 53 -6.55 14.64 23.29
C PHE D 53 -8.02 14.92 23.47
N ILE D 54 -8.49 15.13 24.71
CA ILE D 54 -9.91 15.40 24.93
C ILE D 54 -10.31 16.74 24.31
N ASN D 55 -9.52 17.79 24.57
CA ASN D 55 -9.83 19.07 23.96
C ASN D 55 -9.57 19.06 22.46
N ASN D 56 -8.39 18.56 22.04
CA ASN D 56 -8.02 18.66 20.63
C ASN D 56 -8.94 17.84 19.73
N TYR D 57 -9.45 16.71 20.21
CA TYR D 57 -10.39 15.94 19.41
C TYR D 57 -11.84 16.16 19.79
N LYS D 58 -12.12 17.18 20.59
CA LYS D 58 -13.51 17.52 20.95
C LYS D 58 -14.25 16.30 21.47
N ILE D 59 -13.56 15.49 22.27
CA ILE D 59 -14.19 14.30 22.82
C ILE D 59 -15.20 14.72 23.87
N ASP D 60 -16.40 14.13 23.81
CA ASP D 60 -17.40 14.38 24.84
C ASP D 60 -17.03 13.64 26.11
N CYS D 61 -16.85 14.37 27.21
CA CYS D 61 -16.32 13.75 28.42
C CYS D 61 -17.24 12.69 29.01
N PRO D 62 -18.57 12.91 29.12
CA PRO D 62 -19.43 11.79 29.55
C PRO D 62 -19.29 10.55 28.69
N THR D 63 -19.29 10.70 27.36
CA THR D 63 -19.09 9.56 26.47
C THR D 63 -17.76 8.87 26.74
N LEU D 64 -16.72 9.65 27.01
CA LEU D 64 -15.41 9.09 27.26
C LEU D 64 -15.38 8.34 28.58
N ALA D 65 -15.99 8.91 29.63
CA ALA D 65 -16.08 8.20 30.90
C ALA D 65 -16.81 6.87 30.73
N ARG D 66 -17.94 6.89 30.00
CA ARG D 66 -18.70 5.66 29.80
C ARG D 66 -17.87 4.64 29.01
N PHE D 67 -17.22 5.10 27.95
CA PHE D 67 -16.34 4.22 27.17
C PHE D 67 -15.26 3.59 28.03
N CYS D 68 -14.54 4.41 28.80
CA CYS D 68 -13.51 3.89 29.69
C CYS D 68 -14.05 2.87 30.67
N LEU D 69 -15.23 3.14 31.25
CA LEU D 69 -15.82 2.18 32.19
C LEU D 69 -16.21 0.88 31.50
N MET D 70 -16.74 0.98 30.28
CA MET D 70 -17.10 -0.22 29.53
C MET D 70 -15.87 -1.04 29.16
N VAL D 71 -14.78 -0.37 28.78
CA VAL D 71 -13.54 -1.07 28.46
C VAL D 71 -13.03 -1.83 29.68
N LYS D 72 -12.94 -1.14 30.83
CA LYS D 72 -12.49 -1.78 32.06
C LYS D 72 -13.34 -3.01 32.38
N LYS D 73 -14.66 -2.87 32.23
CA LYS D 73 -15.61 -3.93 32.55
C LYS D 73 -15.48 -5.11 31.58
N GLY D 74 -14.98 -4.88 30.37
CA GLY D 74 -14.81 -5.93 29.39
C GLY D 74 -13.61 -6.83 29.61
N TYR D 75 -12.86 -6.66 30.69
CA TYR D 75 -11.77 -7.58 31.00
C TYR D 75 -12.25 -8.58 32.04
N ARG D 76 -11.82 -9.83 31.87
CA ARG D 76 -11.99 -10.88 32.87
C ARG D 76 -10.85 -10.77 33.87
N ASP D 77 -10.69 -11.77 34.74
CA ASP D 77 -9.64 -11.77 35.75
C ASP D 77 -8.77 -13.04 35.73
N PRO D 78 -8.14 -13.37 34.60
CA PRO D 78 -7.03 -14.32 34.65
C PRO D 78 -5.83 -13.69 35.36
N PRO D 79 -4.79 -14.45 35.68
CA PRO D 79 -3.69 -13.85 36.46
C PRO D 79 -3.03 -12.65 35.80
N TYR D 80 -2.79 -12.70 34.49
CA TYR D 80 -2.08 -11.65 33.79
C TYR D 80 -2.97 -10.81 32.88
N HIS D 81 -3.73 -11.45 31.98
CA HIS D 81 -4.42 -10.70 30.92
C HIS D 81 -5.75 -10.16 31.43
N ASN D 82 -5.63 -9.20 32.34
CA ASN D 82 -6.75 -8.54 33.01
C ASN D 82 -6.65 -7.02 32.79
N TRP D 83 -7.51 -6.26 33.47
CA TRP D 83 -7.54 -4.82 33.19
C TRP D 83 -6.27 -4.12 33.62
N MET D 84 -5.64 -4.55 34.73
CA MET D 84 -4.42 -3.89 35.16
C MET D 84 -3.29 -4.07 34.16
N HIS D 85 -3.32 -5.15 33.36
CA HIS D 85 -2.41 -5.25 32.23
C HIS D 85 -2.74 -4.18 31.18
N ALA D 86 -4.01 -4.10 30.78
CA ALA D 86 -4.39 -3.11 29.78
C ALA D 86 -4.08 -1.69 30.26
N PHE D 87 -4.39 -1.38 31.53
CA PHE D 87 -4.10 -0.04 32.04
C PHE D 87 -2.60 0.23 32.02
N SER D 88 -1.79 -0.73 32.48
CA SER D 88 -0.36 -0.46 32.51
C SER D 88 0.22 -0.35 31.11
N VAL D 89 -0.36 -1.09 30.15
CA VAL D 89 0.09 -0.98 28.77
C VAL D 89 -0.26 0.39 28.22
N SER D 90 -1.45 0.88 28.57
CA SER D 90 -1.86 2.21 28.12
C SER D 90 -1.00 3.29 28.77
N HIS D 91 -0.65 3.10 30.05
CA HIS D 91 0.23 4.05 30.72
C HIS D 91 1.57 4.16 30.00
N PHE D 92 2.11 3.02 29.54
CA PHE D 92 3.38 3.06 28.84
C PHE D 92 3.27 3.82 27.52
N CYS D 93 2.17 3.63 26.78
CA CYS D 93 1.95 4.46 25.60
C CYS D 93 2.04 5.94 25.94
N TYR D 94 1.36 6.35 27.01
CA TYR D 94 1.46 7.71 27.52
C TYR D 94 2.90 8.10 27.84
N LEU D 95 3.67 7.21 28.47
CA LEU D 95 5.07 7.51 28.77
C LEU D 95 5.86 7.73 27.50
N LEU D 96 5.57 6.97 26.45
CA LEU D 96 6.28 7.15 25.19
C LEU D 96 5.95 8.50 24.60
N TYR D 97 4.68 8.91 24.69
CA TYR D 97 4.31 10.24 24.24
C TYR D 97 5.05 11.32 25.03
N LYS D 98 5.16 11.17 26.35
CA LYS D 98 5.74 12.24 27.17
C LYS D 98 7.25 12.32 27.06
N ASN D 99 7.92 11.18 26.86
CA ASN D 99 9.37 11.09 26.96
C ASN D 99 10.09 10.98 25.62
N LEU D 100 9.45 10.42 24.60
CA LEU D 100 10.01 10.35 23.27
C LEU D 100 9.32 11.38 22.39
N GLU D 101 9.93 11.72 21.27
CA GLU D 101 9.34 12.74 20.40
C GLU D 101 8.45 12.04 19.36
N LEU D 102 7.40 11.39 19.87
CA LEU D 102 6.51 10.63 19.00
C LEU D 102 5.84 11.51 17.96
N THR D 103 5.58 12.78 18.29
CA THR D 103 4.95 13.66 17.32
C THR D 103 5.91 14.06 16.21
N ASN D 104 7.21 13.91 16.42
CA ASN D 104 8.14 14.10 15.31
C ASN D 104 8.00 13.02 14.24
N TYR D 105 7.47 11.85 14.59
CA TYR D 105 7.41 10.70 13.69
C TYR D 105 6.00 10.26 13.31
N LEU D 106 5.00 10.53 14.16
CA LEU D 106 3.66 10.00 13.96
C LEU D 106 2.65 11.12 13.99
N GLU D 107 1.54 10.91 13.27
CA GLU D 107 0.42 11.83 13.30
C GLU D 107 -0.29 11.76 14.63
N ASP D 108 -0.93 12.87 15.00
CA ASP D 108 -1.72 12.91 16.23
C ASP D 108 -2.73 11.77 16.27
N ILE D 109 -3.44 11.54 15.17
CA ILE D 109 -4.49 10.53 15.20
C ILE D 109 -3.90 9.13 15.33
N GLU D 110 -2.65 8.94 14.90
CA GLU D 110 -1.99 7.65 15.05
C GLU D 110 -1.62 7.40 16.51
N ILE D 111 -1.15 8.43 17.21
CA ILE D 111 -0.83 8.29 18.63
C ILE D 111 -2.09 8.04 19.44
N PHE D 112 -3.16 8.79 19.13
CA PHE D 112 -4.44 8.60 19.80
C PHE D 112 -4.98 7.20 19.59
N ALA D 113 -4.93 6.70 18.33
CA ALA D 113 -5.39 5.35 18.03
C ALA D 113 -4.57 4.32 18.78
N LEU D 114 -3.26 4.57 18.90
CA LEU D 114 -2.42 3.65 19.66
C LEU D 114 -2.83 3.60 21.13
N PHE D 115 -3.17 4.75 21.73
CA PHE D 115 -3.56 4.77 23.14
C PHE D 115 -4.89 4.06 23.34
N ILE D 116 -5.89 4.38 22.52
CA ILE D 116 -7.16 3.68 22.61
C ILE D 116 -6.98 2.18 22.34
N SER D 117 -6.11 1.81 21.37
CA SER D 117 -5.89 0.39 21.12
C SER D 117 -5.30 -0.29 22.33
N CYS D 118 -4.38 0.39 23.02
CA CYS D 118 -3.83 -0.16 24.24
C CYS D 118 -4.91 -0.47 25.26
N MET D 119 -5.88 0.45 25.42
CA MET D 119 -6.95 0.22 26.39
C MET D 119 -7.71 -1.05 26.05
N CYS D 120 -7.91 -1.31 24.76
CA CYS D 120 -8.82 -2.32 24.25
C CYS D 120 -8.14 -3.62 23.84
N HIS D 121 -6.81 -3.70 23.91
CA HIS D 121 -6.14 -4.68 23.05
C HIS D 121 -6.27 -6.12 23.53
N ASP D 122 -6.63 -6.36 24.79
CA ASP D 122 -6.83 -7.73 25.29
C ASP D 122 -8.25 -7.97 25.78
N LEU D 123 -9.22 -7.16 25.33
CA LEU D 123 -10.60 -7.28 25.81
C LEU D 123 -11.12 -8.72 25.80
N ASP D 124 -11.66 -9.13 26.94
CA ASP D 124 -12.29 -10.43 27.11
C ASP D 124 -11.30 -11.59 27.00
N HIS D 125 -10.01 -11.35 27.25
CA HIS D 125 -9.03 -12.45 27.27
C HIS D 125 -9.45 -13.46 28.33
N ARG D 126 -9.27 -14.74 28.00
CA ARG D 126 -9.66 -15.85 28.86
C ARG D 126 -8.46 -16.51 29.54
N GLY D 127 -7.26 -15.98 29.33
CA GLY D 127 -6.06 -16.55 29.89
C GLY D 127 -5.49 -17.72 29.12
N THR D 128 -5.93 -17.92 27.89
CA THR D 128 -5.41 -18.95 27.00
C THR D 128 -5.00 -18.30 25.70
N ASN D 129 -4.07 -18.95 24.99
CA ASN D 129 -3.50 -18.35 23.80
C ASN D 129 -4.33 -18.72 22.57
N ASN D 130 -3.79 -18.45 21.40
CA ASN D 130 -4.54 -18.67 20.17
C ASN D 130 -4.66 -20.14 19.83
N SER D 131 -3.56 -20.89 19.92
CA SER D 131 -3.62 -22.34 19.66
C SER D 131 -4.68 -23.01 20.49
N PHE D 132 -4.85 -22.55 21.72
CA PHE D 132 -5.79 -23.24 22.61
C PHE D 132 -7.22 -23.07 22.12
N GLN D 133 -7.57 -21.87 21.65
CA GLN D 133 -8.87 -21.68 21.04
C GLN D 133 -9.11 -22.69 19.93
N VAL D 134 -8.12 -22.92 19.09
CA VAL D 134 -8.29 -23.83 17.96
C VAL D 134 -8.42 -25.26 18.46
N ALA D 135 -7.54 -25.66 19.38
CA ALA D 135 -7.56 -27.01 19.90
C ALA D 135 -8.86 -27.31 20.65
N SER D 136 -9.38 -26.34 21.40
CA SER D 136 -10.60 -26.54 22.15
C SER D 136 -11.84 -26.31 21.30
N LYS D 137 -11.66 -25.98 20.03
CA LYS D 137 -12.76 -25.75 19.09
C LYS D 137 -13.78 -24.79 19.70
N SER D 138 -13.27 -23.71 20.27
CA SER D 138 -14.12 -22.68 20.85
C SER D 138 -14.84 -21.89 19.76
N VAL D 139 -15.89 -21.17 20.14
CA VAL D 139 -16.62 -20.35 19.17
C VAL D 139 -15.69 -19.33 18.54
N LEU D 140 -14.68 -18.85 19.27
CA LEU D 140 -13.74 -17.88 18.72
C LEU D 140 -12.93 -18.50 17.59
N ALA D 141 -12.52 -19.76 17.76
CA ALA D 141 -11.83 -20.46 16.69
C ALA D 141 -12.74 -20.66 15.49
N ALA D 142 -14.00 -21.03 15.73
CA ALA D 142 -14.92 -21.20 14.62
C ALA D 142 -15.03 -19.92 13.80
N LEU D 143 -15.04 -18.77 14.47
CA LEU D 143 -15.19 -17.46 13.81
C LEU D 143 -13.90 -16.98 13.14
N TYR D 144 -12.72 -17.27 13.73
CA TYR D 144 -11.52 -16.54 13.35
C TYR D 144 -10.32 -17.41 12.97
N SER D 145 -10.36 -18.71 13.21
CA SER D 145 -9.14 -19.50 13.06
C SER D 145 -8.59 -19.47 11.62
N SER D 146 -9.45 -19.38 10.61
CA SER D 146 -8.97 -19.43 9.24
C SER D 146 -8.25 -18.15 8.85
N GLU D 147 -8.52 -17.05 9.55
CA GLU D 147 -7.84 -15.79 9.29
C GLU D 147 -6.67 -15.56 10.23
N GLY D 148 -6.51 -16.36 11.28
CA GLY D 148 -5.41 -16.23 12.20
C GLY D 148 -5.64 -15.15 13.25
N SER D 149 -4.74 -15.13 14.23
CA SER D 149 -4.79 -14.25 15.39
C SER D 149 -6.17 -14.25 16.05
N VAL D 150 -6.57 -15.45 16.51
CA VAL D 150 -7.94 -15.68 16.97
C VAL D 150 -8.32 -14.71 18.08
N MET D 151 -7.51 -14.62 19.14
CA MET D 151 -7.90 -13.77 20.26
C MET D 151 -7.88 -12.29 19.86
N GLU D 152 -6.89 -11.91 19.06
CA GLU D 152 -6.74 -10.50 18.71
C GLU D 152 -7.91 -10.04 17.83
N ARG D 153 -8.37 -10.92 16.95
CA ARG D 153 -9.58 -10.61 16.20
C ARG D 153 -10.78 -10.45 17.14
N HIS D 154 -10.83 -11.26 18.20
CA HIS D 154 -11.89 -11.10 19.19
C HIS D 154 -11.76 -9.79 19.94
N HIS D 155 -10.54 -9.46 20.39
CA HIS D 155 -10.32 -8.20 21.11
C HIS D 155 -10.84 -7.00 20.29
N PHE D 156 -10.49 -6.94 19.00
CA PHE D 156 -10.97 -5.85 18.16
C PHE D 156 -12.49 -5.90 18.02
N ALA D 157 -13.05 -7.09 17.82
CA ALA D 157 -14.50 -7.19 17.70
C ALA D 157 -15.21 -6.76 18.99
N GLN D 158 -14.59 -7.02 20.15
CA GLN D 158 -15.18 -6.56 21.39
C GLN D 158 -15.12 -5.04 21.49
N ALA D 159 -14.01 -4.47 21.02
CA ALA D 159 -13.88 -3.00 21.00
C ALA D 159 -14.94 -2.36 20.11
N ILE D 160 -15.15 -2.92 18.92
CA ILE D 160 -16.22 -2.45 18.04
C ILE D 160 -17.57 -2.54 18.73
N ALA D 161 -17.81 -3.62 19.48
CA ALA D 161 -19.09 -3.76 20.17
C ALA D 161 -19.27 -2.69 21.23
N ILE D 162 -18.19 -2.33 21.94
CA ILE D 162 -18.28 -1.23 22.90
C ILE D 162 -18.60 0.07 22.20
N LEU D 163 -17.87 0.38 21.12
CA LEU D 163 -18.11 1.66 20.43
C LEU D 163 -19.52 1.73 19.89
N ASN D 164 -20.10 0.59 19.51
CA ASN D 164 -21.48 0.59 19.03
C ASN D 164 -22.52 0.49 20.13
N THR D 165 -22.09 0.51 21.39
CA THR D 165 -23.03 0.61 22.50
C THR D 165 -23.47 2.06 22.64
N HIS D 166 -24.77 2.24 22.86
CA HIS D 166 -25.32 3.59 22.95
C HIS D 166 -24.61 4.38 24.04
N GLY D 167 -24.27 5.64 23.72
CA GLY D 167 -23.60 6.52 24.64
C GLY D 167 -22.11 6.28 24.81
N CYS D 168 -21.53 5.36 24.04
CA CYS D 168 -20.13 5.00 24.23
C CYS D 168 -19.24 5.29 23.04
N ASN D 169 -19.77 5.81 21.93
CA ASN D 169 -18.93 5.98 20.74
C ASN D 169 -18.21 7.32 20.87
N ILE D 170 -16.98 7.25 21.37
CA ILE D 170 -16.19 8.47 21.54
C ILE D 170 -15.81 9.11 20.22
N PHE D 171 -15.96 8.39 19.10
CA PHE D 171 -15.60 8.90 17.78
C PHE D 171 -16.78 9.35 16.93
N ASP D 172 -18.02 9.32 17.43
CA ASP D 172 -19.13 9.47 16.50
C ASP D 172 -19.28 10.90 15.96
N HIS D 173 -18.51 11.86 16.46
CA HIS D 173 -18.52 13.20 15.91
C HIS D 173 -17.36 13.46 14.95
N PHE D 174 -16.43 12.51 14.82
CA PHE D 174 -15.35 12.63 13.85
C PHE D 174 -15.92 12.74 12.44
N SER D 175 -15.15 13.34 11.54
CA SER D 175 -15.49 13.25 10.13
C SER D 175 -15.47 11.79 9.69
N ARG D 176 -16.18 11.51 8.60
CA ARG D 176 -16.20 10.15 8.07
C ARG D 176 -14.80 9.62 7.86
N LYS D 177 -13.92 10.46 7.30
CA LYS D 177 -12.56 10.05 7.01
C LYS D 177 -11.79 9.74 8.30
N ASP D 178 -11.86 10.63 9.29
CA ASP D 178 -11.16 10.43 10.55
C ASP D 178 -11.74 9.25 11.32
N TYR D 179 -13.06 9.05 11.25
CA TYR D 179 -13.69 7.92 11.90
C TYR D 179 -13.19 6.62 11.30
N GLN D 180 -13.10 6.56 9.98
CA GLN D 180 -12.62 5.35 9.33
C GLN D 180 -11.14 5.12 9.64
N ARG D 181 -10.37 6.20 9.71
CA ARG D 181 -8.96 6.11 10.08
C ARG D 181 -8.81 5.48 11.46
N MET D 182 -9.63 5.92 12.42
CA MET D 182 -9.55 5.35 13.77
C MET D 182 -9.80 3.86 13.75
N LEU D 183 -10.84 3.42 13.05
CA LEU D 183 -11.15 1.99 13.02
C LEU D 183 -10.02 1.20 12.38
N ASP D 184 -9.52 1.70 11.25
CA ASP D 184 -8.46 1.01 10.52
C ASP D 184 -7.20 0.91 11.36
N LEU D 185 -6.83 1.99 12.05
CA LEU D 185 -5.69 1.98 12.95
C LEU D 185 -5.89 0.99 14.09
N MET D 186 -7.06 1.05 14.76
CA MET D 186 -7.29 0.14 15.88
C MET D 186 -7.22 -1.32 15.47
N ARG D 187 -7.76 -1.67 14.29
CA ARG D 187 -7.65 -3.04 13.77
C ARG D 187 -6.20 -3.41 13.55
N ASP D 188 -5.43 -2.53 12.92
CA ASP D 188 -4.05 -2.87 12.61
C ASP D 188 -3.24 -3.03 13.88
N ILE D 189 -3.48 -2.15 14.85
CA ILE D 189 -2.65 -2.08 16.04
C ILE D 189 -3.00 -3.25 16.96
N ILE D 190 -4.29 -3.55 17.11
CA ILE D 190 -4.65 -4.70 17.95
C ILE D 190 -4.15 -6.00 17.34
N LEU D 191 -4.26 -6.16 16.02
CA LEU D 191 -3.78 -7.39 15.40
C LEU D 191 -2.28 -7.54 15.53
N ALA D 192 -1.55 -6.43 15.65
CA ALA D 192 -0.11 -6.49 15.83
C ALA D 192 0.32 -6.97 17.20
N THR D 193 -0.62 -7.06 18.15
CA THR D 193 -0.29 -7.57 19.47
C THR D 193 -0.10 -9.08 19.46
N ASP D 194 -0.49 -9.78 18.40
CA ASP D 194 -0.17 -11.20 18.30
C ASP D 194 1.34 -11.33 18.08
N LEU D 195 2.03 -11.97 19.03
CA LEU D 195 3.47 -12.08 18.86
C LEU D 195 3.82 -12.81 17.59
N ALA D 196 2.93 -13.67 17.09
CA ALA D 196 3.20 -14.34 15.81
C ALA D 196 3.36 -13.31 14.70
N HIS D 197 2.58 -12.22 14.77
CA HIS D 197 2.65 -11.14 13.79
C HIS D 197 3.96 -10.35 13.95
N HIS D 198 4.30 -10.00 15.19
CA HIS D 198 5.56 -9.30 15.42
C HIS D 198 6.73 -10.08 14.83
N LEU D 199 6.76 -11.39 15.10
CA LEU D 199 7.84 -12.21 14.56
C LEU D 199 7.85 -12.22 13.04
N ARG D 200 6.67 -12.18 12.42
CA ARG D 200 6.60 -12.18 10.95
C ARG D 200 7.14 -10.87 10.38
N ILE D 201 6.85 -9.75 11.04
CA ILE D 201 7.26 -8.46 10.52
C ILE D 201 8.63 -8.02 11.06
N PHE D 202 9.29 -8.84 11.87
CA PHE D 202 10.52 -8.39 12.50
C PHE D 202 11.55 -7.94 11.47
N LYS D 203 11.71 -8.70 10.37
CA LYS D 203 12.70 -8.30 9.37
C LYS D 203 12.36 -6.96 8.73
N ASP D 204 11.06 -6.65 8.60
CA ASP D 204 10.66 -5.35 8.06
C ASP D 204 10.96 -4.24 9.06
N LEU D 205 10.81 -4.53 10.35
CA LEU D 205 11.20 -3.57 11.38
C LEU D 205 12.70 -3.32 11.34
N GLN D 206 13.49 -4.39 11.23
CA GLN D 206 14.94 -4.24 11.11
C GLN D 206 15.30 -3.40 9.90
N LYS D 207 14.68 -3.67 8.75
CA LYS D 207 14.97 -2.92 7.53
C LYS D 207 14.68 -1.44 7.72
N MET D 208 13.54 -1.13 8.36
CA MET D 208 13.20 0.26 8.63
C MET D 208 14.26 0.92 9.49
N ALA D 209 14.72 0.24 10.54
CA ALA D 209 15.77 0.81 11.37
C ALA D 209 17.08 0.96 10.59
N GLU D 210 17.34 0.07 9.62
CA GLU D 210 18.58 0.16 8.86
C GLU D 210 18.58 1.37 7.93
N VAL D 211 17.50 1.57 7.16
CA VAL D 211 17.49 2.69 6.23
C VAL D 211 17.17 3.99 6.94
N GLY D 212 16.64 3.91 8.15
CA GLY D 212 16.21 5.07 8.88
C GLY D 212 14.74 5.38 8.66
N TYR D 213 14.08 5.82 9.72
CA TYR D 213 12.66 6.13 9.64
C TYR D 213 12.41 7.27 8.65
N ASP D 214 11.45 7.06 7.75
CA ASP D 214 11.10 8.05 6.72
C ASP D 214 9.72 8.59 7.06
N ARG D 215 9.67 9.86 7.51
CA ARG D 215 8.40 10.44 7.95
C ARG D 215 7.35 10.45 6.86
N ASN D 216 7.76 10.37 5.59
CA ASN D 216 6.82 10.47 4.47
C ASN D 216 6.48 9.11 3.89
N ASN D 217 6.90 8.04 4.56
CA ASN D 217 6.64 6.67 4.12
C ASN D 217 5.53 6.11 5.01
N LYS D 218 4.35 5.90 4.40
CA LYS D 218 3.20 5.40 5.15
C LYS D 218 3.43 3.99 5.69
N GLN D 219 4.27 3.19 5.02
CA GLN D 219 4.51 1.85 5.57
C GLN D 219 5.38 1.94 6.82
N HIS D 220 6.26 2.94 6.89
CA HIS D 220 7.05 3.15 8.09
C HIS D 220 6.16 3.57 9.25
N HIS D 221 5.19 4.46 9.01
CA HIS D 221 4.25 4.80 10.08
C HIS D 221 3.58 3.54 10.61
N ARG D 222 3.09 2.69 9.69
CA ARG D 222 2.41 1.46 10.08
C ARG D 222 3.33 0.54 10.88
N LEU D 223 4.57 0.33 10.39
CA LEU D 223 5.53 -0.51 11.13
C LEU D 223 5.87 0.09 12.47
N LEU D 224 6.06 1.40 12.55
CA LEU D 224 6.41 1.99 13.83
C LEU D 224 5.28 1.81 14.83
N LEU D 225 4.02 1.91 14.38
CA LEU D 225 2.90 1.69 15.28
C LEU D 225 2.90 0.26 15.81
N CYS D 226 3.25 -0.71 14.98
CA CYS D 226 3.34 -2.09 15.47
C CYS D 226 4.42 -2.22 16.54
N LEU D 227 5.61 -1.68 16.26
CA LEU D 227 6.70 -1.71 17.23
C LEU D 227 6.34 -1.04 18.54
N LEU D 228 5.70 0.12 18.48
CA LEU D 228 5.31 0.81 19.71
C LEU D 228 4.28 0.00 20.48
N MET D 229 3.29 -0.56 19.78
CA MET D 229 2.29 -1.41 20.43
C MET D 229 2.96 -2.56 21.16
N THR D 230 3.87 -3.27 20.48
CA THR D 230 4.55 -4.38 21.13
C THR D 230 5.35 -3.88 22.33
N SER D 231 6.02 -2.74 22.17
CA SER D 231 6.83 -2.18 23.26
C SER D 231 5.96 -1.84 24.46
N CYS D 232 4.73 -1.39 24.21
CA CYS D 232 3.78 -1.16 25.30
C CYS D 232 3.36 -2.48 25.94
N ASP D 233 3.06 -3.48 25.10
CA ASP D 233 2.55 -4.76 25.59
C ASP D 233 3.56 -5.48 26.49
N LEU D 234 4.84 -5.32 26.22
CA LEU D 234 5.89 -5.96 26.99
C LEU D 234 6.50 -5.06 28.06
N SER D 235 5.94 -3.86 28.26
CA SER D 235 6.61 -2.83 29.05
C SER D 235 6.79 -3.19 30.51
N ASP D 236 6.11 -4.23 31.02
CA ASP D 236 6.42 -4.68 32.38
C ASP D 236 7.90 -4.95 32.55
N GLN D 237 8.57 -5.37 31.47
CA GLN D 237 9.97 -5.76 31.55
C GLN D 237 10.93 -4.58 31.60
N THR D 238 10.43 -3.35 31.41
CA THR D 238 11.23 -2.13 31.52
C THR D 238 11.20 -1.52 32.92
N LYS D 239 10.59 -2.20 33.89
CA LYS D 239 10.49 -1.70 35.25
C LYS D 239 11.58 -2.34 36.08
N GLY D 240 11.46 -2.20 37.40
CA GLY D 240 12.45 -2.79 38.28
C GLY D 240 12.29 -4.30 38.38
N TRP D 241 13.31 -4.94 38.95
CA TRP D 241 13.31 -6.40 39.07
C TRP D 241 12.05 -6.91 39.77
N LYS D 242 11.65 -6.27 40.86
CA LYS D 242 10.49 -6.72 41.62
C LYS D 242 9.24 -6.82 40.75
N THR D 243 9.03 -5.82 39.88
CA THR D 243 7.88 -5.86 38.99
C THR D 243 7.95 -7.08 38.08
N THR D 244 9.10 -7.31 37.46
CA THR D 244 9.22 -8.37 36.48
C THR D 244 9.13 -9.74 37.14
N ARG D 245 9.60 -9.85 38.39
CA ARG D 245 9.42 -11.09 39.13
C ARG D 245 7.96 -11.38 39.37
N LYS D 246 7.21 -10.37 39.85
CA LYS D 246 5.78 -10.57 40.07
C LYS D 246 5.06 -10.91 38.77
N ILE D 247 5.41 -10.21 37.68
CA ILE D 247 4.72 -10.45 36.42
C ILE D 247 5.06 -11.83 35.88
N ALA D 248 6.25 -12.34 36.15
CA ALA D 248 6.58 -13.73 35.82
C ALA D 248 5.66 -14.68 36.57
N GLU D 249 5.42 -14.43 37.86
CA GLU D 249 4.52 -15.27 38.64
C GLU D 249 3.15 -15.33 37.99
N LEU D 250 2.66 -14.18 37.55
CA LEU D 250 1.32 -14.09 36.97
C LEU D 250 1.26 -14.80 35.64
N ILE D 251 2.27 -14.58 34.80
CA ILE D 251 2.27 -15.13 33.46
C ILE D 251 2.33 -16.65 33.50
N TYR D 252 3.24 -17.21 34.31
CA TYR D 252 3.36 -18.67 34.37
C TYR D 252 2.14 -19.31 35.03
N LYS D 253 1.56 -18.65 36.04
CA LYS D 253 0.31 -19.18 36.59
C LYS D 253 -0.72 -19.32 35.49
N GLU D 254 -0.85 -18.31 34.64
CA GLU D 254 -1.79 -18.36 33.53
C GLU D 254 -1.42 -19.46 32.54
N PHE D 255 -0.14 -19.50 32.12
CA PHE D 255 0.37 -20.55 31.23
C PHE D 255 0.10 -21.96 31.78
N PHE D 256 0.51 -22.22 33.03
CA PHE D 256 0.37 -23.56 33.58
C PHE D 256 -1.09 -23.99 33.69
N SER D 257 -1.99 -23.05 33.98
CA SER D 257 -3.42 -23.39 33.99
C SER D 257 -3.88 -23.80 32.59
N GLN D 258 -3.41 -23.10 31.55
CA GLN D 258 -3.70 -23.55 30.20
C GLN D 258 -3.18 -24.97 29.97
N GLY D 259 -1.91 -25.22 30.33
CA GLY D 259 -1.35 -26.54 30.09
C GLY D 259 -2.08 -27.65 30.82
N ASP D 260 -2.57 -27.39 32.04
CA ASP D 260 -3.33 -28.42 32.74
C ASP D 260 -4.58 -28.80 31.94
N LEU D 261 -5.26 -27.80 31.38
CA LEU D 261 -6.43 -28.04 30.53
C LEU D 261 -6.08 -28.86 29.32
N GLU D 262 -4.95 -28.55 28.69
CA GLU D 262 -4.54 -29.26 27.47
C GLU D 262 -4.24 -30.72 27.78
N LYS D 263 -3.56 -30.98 28.90
CA LYS D 263 -3.32 -32.37 29.29
C LYS D 263 -4.64 -33.11 29.52
N ALA D 264 -5.60 -32.45 30.20
CA ALA D 264 -6.89 -33.08 30.42
C ALA D 264 -7.64 -33.32 29.12
N MET D 265 -7.34 -32.53 28.09
CA MET D 265 -7.91 -32.78 26.78
C MET D 265 -7.20 -33.89 26.03
N GLY D 266 -6.07 -34.36 26.56
CA GLY D 266 -5.28 -35.37 25.90
C GLY D 266 -4.18 -34.85 25.00
N ASN D 267 -3.86 -33.56 25.06
CA ASN D 267 -2.84 -32.94 24.22
C ASN D 267 -1.59 -32.62 25.03
N ARG D 268 -0.48 -32.51 24.31
CA ARG D 268 0.80 -32.15 24.93
C ARG D 268 0.95 -30.63 24.89
N PRO D 269 0.98 -29.95 26.03
CA PRO D 269 1.16 -28.49 26.01
C PRO D 269 2.56 -28.11 25.57
N MET D 270 2.70 -26.87 25.10
CA MET D 270 4.04 -26.38 24.83
C MET D 270 4.84 -26.36 26.12
N GLU D 271 6.17 -26.40 25.96
CA GLU D 271 7.06 -26.50 27.11
C GLU D 271 6.76 -25.43 28.16
N MET D 272 6.66 -24.17 27.74
CA MET D 272 6.47 -23.09 28.70
C MET D 272 5.12 -23.12 29.39
N MET D 273 4.18 -23.95 28.94
CA MET D 273 2.89 -24.06 29.61
C MET D 273 2.75 -25.37 30.37
N ASP D 274 3.80 -26.15 30.43
CA ASP D 274 3.77 -27.47 31.06
C ASP D 274 4.51 -27.38 32.38
N ARG D 275 3.78 -27.34 33.51
CA ARG D 275 4.42 -27.09 34.78
C ARG D 275 5.36 -28.21 35.21
N GLU D 276 5.37 -29.35 34.51
CA GLU D 276 6.35 -30.39 34.79
C GLU D 276 7.61 -30.25 33.95
N LYS D 277 7.57 -29.43 32.90
CA LYS D 277 8.71 -29.24 32.01
C LYS D 277 9.28 -27.85 32.04
N ALA D 278 8.47 -26.85 32.36
CA ALA D 278 8.88 -25.46 32.20
C ALA D 278 9.94 -25.11 33.25
N TYR D 279 11.13 -24.77 32.80
CA TYR D 279 12.19 -24.28 33.68
C TYR D 279 12.21 -22.76 33.57
N ILE D 280 11.53 -22.10 34.50
CA ILE D 280 11.28 -20.66 34.42
C ILE D 280 12.54 -19.82 34.15
N PRO D 281 13.69 -20.05 34.81
CA PRO D 281 14.82 -19.14 34.55
C PRO D 281 15.31 -19.19 33.11
N GLU D 282 15.45 -20.40 32.53
CA GLU D 282 15.95 -20.46 31.16
C GLU D 282 14.90 -19.98 30.17
N LEU D 283 13.60 -20.14 30.49
CA LEU D 283 12.57 -19.62 29.58
C LEU D 283 12.56 -18.10 29.61
N GLN D 284 12.65 -17.51 30.80
CA GLN D 284 12.70 -16.06 30.93
C GLN D 284 13.91 -15.47 30.24
N ILE D 285 15.09 -16.03 30.50
CA ILE D 285 16.32 -15.52 29.88
C ILE D 285 16.18 -15.54 28.37
N SER D 286 15.65 -16.62 27.81
CA SER D 286 15.51 -16.71 26.36
C SER D 286 14.49 -15.69 25.85
N PHE D 287 13.34 -15.58 26.53
CA PHE D 287 12.35 -14.61 26.14
C PHE D 287 12.93 -13.20 26.20
N MET D 288 13.65 -12.90 27.29
CA MET D 288 14.21 -11.56 27.48
C MET D 288 15.30 -11.27 26.46
N GLU D 289 16.18 -12.23 26.18
CA GLU D 289 17.30 -11.95 25.30
C GLU D 289 16.91 -11.99 23.84
N HIS D 290 15.99 -12.85 23.46
CA HIS D 290 15.74 -13.12 22.05
C HIS D 290 14.44 -12.57 21.54
N ILE D 291 13.52 -12.17 22.41
CA ILE D 291 12.29 -11.51 22.01
C ILE D 291 12.21 -10.07 22.53
N ALA D 292 12.36 -9.89 23.85
CA ALA D 292 12.12 -8.55 24.42
C ALA D 292 13.27 -7.58 24.13
N MET D 293 14.51 -8.01 24.36
CA MET D 293 15.63 -7.11 24.10
C MET D 293 15.71 -6.65 22.64
N PRO D 294 15.51 -7.51 21.63
CA PRO D 294 15.49 -6.99 20.24
C PRO D 294 14.41 -5.96 19.99
N ILE D 295 13.26 -6.06 20.65
CA ILE D 295 12.21 -5.05 20.50
C ILE D 295 12.70 -3.70 21.01
N TYR D 296 13.25 -3.68 22.23
CA TYR D 296 13.68 -2.41 22.77
C TYR D 296 14.98 -1.92 22.15
N LYS D 297 15.75 -2.82 21.55
CA LYS D 297 16.88 -2.38 20.74
C LYS D 297 16.40 -1.66 19.48
N LEU D 298 15.38 -2.19 18.82
CA LEU D 298 14.76 -1.46 17.72
C LEU D 298 14.22 -0.12 18.18
N LEU D 299 13.58 -0.10 19.36
CA LEU D 299 13.04 1.16 19.88
C LEU D 299 14.16 2.17 20.11
N GLN D 300 15.29 1.71 20.65
CA GLN D 300 16.43 2.58 20.91
C GLN D 300 17.09 3.04 19.62
N ASP D 301 17.12 2.18 18.59
CA ASP D 301 17.64 2.61 17.29
C ASP D 301 16.82 3.78 16.73
N LEU D 302 15.50 3.73 16.92
CA LEU D 302 14.63 4.75 16.36
C LEU D 302 14.50 5.96 17.25
N PHE D 303 14.55 5.77 18.57
CA PHE D 303 14.42 6.85 19.54
C PHE D 303 15.60 6.77 20.50
N PRO D 304 16.65 7.58 20.31
CA PRO D 304 17.80 7.48 21.22
C PRO D 304 17.44 7.66 22.68
N LYS D 305 16.39 8.43 22.99
CA LYS D 305 16.00 8.59 24.38
C LYS D 305 15.37 7.33 24.97
N ALA D 306 15.08 6.33 24.16
CA ALA D 306 14.58 5.05 24.65
C ALA D 306 15.68 4.12 25.17
N ALA D 307 16.92 4.62 25.24
CA ALA D 307 18.05 3.78 25.61
C ALA D 307 17.87 3.16 27.01
N GLU D 308 17.37 3.93 27.97
CA GLU D 308 17.25 3.40 29.33
C GLU D 308 16.27 2.23 29.39
N LEU D 309 15.30 2.18 28.47
CA LEU D 309 14.37 1.06 28.41
C LEU D 309 15.10 -0.23 28.06
N TYR D 310 15.88 -0.19 26.98
CA TYR D 310 16.70 -1.34 26.58
C TYR D 310 17.63 -1.77 27.72
N GLU D 311 18.31 -0.80 28.33
CA GLU D 311 19.25 -1.12 29.40
C GLU D 311 18.54 -1.78 30.58
N ARG D 312 17.32 -1.33 30.88
CA ARG D 312 16.60 -1.97 32.00
C ARG D 312 16.18 -3.39 31.64
N VAL D 313 15.75 -3.61 30.39
CA VAL D 313 15.42 -4.99 30.02
C VAL D 313 16.66 -5.86 30.11
N ALA D 314 17.81 -5.36 29.65
CA ALA D 314 19.04 -6.14 29.75
C ALA D 314 19.43 -6.36 31.20
N SER D 315 19.23 -5.35 32.04
CA SER D 315 19.53 -5.50 33.46
C SER D 315 18.65 -6.56 34.11
N ASN D 316 17.36 -6.60 33.72
CA ASN D 316 16.46 -7.62 34.25
C ASN D 316 16.81 -8.99 33.70
N ARG D 317 17.27 -9.06 32.45
CA ARG D 317 17.73 -10.34 31.91
C ARG D 317 18.90 -10.88 32.72
N GLU D 318 19.89 -10.02 33.03
CA GLU D 318 21.02 -10.46 33.84
C GLU D 318 20.59 -10.88 35.23
N HIS D 319 19.55 -10.25 35.79
CA HIS D 319 19.12 -10.67 37.12
C HIS D 319 18.59 -12.10 37.09
N TRP D 320 17.97 -12.53 35.98
CA TRP D 320 17.50 -13.92 35.90
C TRP D 320 18.65 -14.89 35.88
N THR D 321 19.76 -14.53 35.23
CA THR D 321 20.93 -15.40 35.29
C THR D 321 21.49 -15.46 36.70
N LYS D 322 21.44 -14.33 37.42
CA LYS D 322 21.99 -14.29 38.79
C LYS D 322 21.21 -15.18 39.75
N VAL D 323 19.87 -15.24 39.60
CA VAL D 323 19.04 -16.01 40.52
C VAL D 323 18.72 -17.39 40.01
N SER D 324 19.25 -17.77 38.84
CA SER D 324 18.92 -19.07 38.25
C SER D 324 19.27 -20.20 39.19
N HIS D 325 20.42 -20.11 39.86
CA HIS D 325 20.88 -21.16 40.77
C HIS D 325 19.89 -21.45 41.88
N LYS D 326 19.03 -20.49 42.24
CA LYS D 326 18.08 -20.72 43.33
C LYS D 326 17.01 -21.75 42.96
N PHE D 327 16.85 -22.04 41.68
CA PHE D 327 15.87 -23.02 41.23
C PHE D 327 16.37 -24.45 41.35
N THR D 328 17.63 -24.64 41.73
CA THR D 328 18.14 -25.94 42.13
C THR D 328 18.05 -26.04 43.64
N ILE D 329 17.38 -27.08 44.14
CA ILE D 329 17.24 -27.25 45.58
C ILE D 329 18.55 -27.85 46.09
N ARG D 330 19.38 -27.00 46.69
CA ARG D 330 20.53 -27.46 47.46
C ARG D 330 20.08 -27.78 48.87
N GLY D 331 20.72 -28.79 49.47
CA GLY D 331 20.31 -29.16 50.80
C GLY D 331 18.88 -29.68 50.83
N LEU D 332 18.21 -29.44 51.95
CA LEU D 332 16.82 -29.78 52.11
C LEU D 332 15.94 -28.57 51.86
N PRO D 333 14.68 -28.77 51.50
CA PRO D 333 13.74 -27.65 51.45
C PRO D 333 13.62 -26.98 52.81
N SER D 334 13.03 -25.79 52.80
CA SER D 334 12.96 -24.99 54.02
C SER D 334 12.16 -25.66 55.13
N ASN D 335 11.29 -26.61 54.80
CA ASN D 335 10.53 -27.35 55.82
C ASN D 335 11.27 -28.57 56.35
N ASN D 336 12.49 -28.82 55.88
CA ASN D 336 13.30 -29.98 56.28
C ASN D 336 12.66 -31.31 55.86
N SER D 337 11.78 -31.30 54.87
CA SER D 337 11.05 -32.49 54.48
C SER D 337 11.33 -32.85 53.04
N LEU D 338 11.35 -34.16 52.75
CA LEU D 338 11.42 -34.66 51.38
C LEU D 338 10.08 -35.21 50.90
N ASP D 339 8.97 -34.79 51.52
CA ASP D 339 7.67 -35.32 51.14
C ASP D 339 7.30 -34.95 49.71
N PHE D 340 7.89 -33.88 49.17
CA PHE D 340 7.59 -33.46 47.81
C PHE D 340 8.13 -34.42 46.75
N LEU D 341 8.87 -35.46 47.15
CA LEU D 341 9.35 -36.45 46.18
C LEU D 341 8.28 -37.47 45.81
N ASP D 342 7.20 -37.56 46.58
CA ASP D 342 6.18 -38.59 46.36
C ASP D 342 4.88 -37.97 45.85
N3 7OJ E . 35.04 14.27 6.93
C4 7OJ E . 35.40 12.99 6.69
C6 7OJ E . 33.69 12.72 5.01
C8 7OJ E . 36.25 11.08 6.59
C10 7OJ E . 33.63 16.17 6.51
C13 7OJ E . 31.13 11.05 2.70
C17 7OJ E . 34.04 9.57 1.33
C20 7OJ E . 35.69 8.81 3.08
C21 7OJ E . 36.98 8.42 3.37
C22 7OJ E . 37.62 8.71 1.09
C23 7OJ E . 36.33 9.10 0.79
C18 7OJ E . 35.39 9.15 1.78
C27 7OJ E . 37.94 8.38 2.38
C1 7OJ E . 33.30 13.99 5.22
C2 7OJ E . 34.04 14.74 6.25
C12 7OJ E . 31.66 12.04 3.71
C16 7OJ E . 34.02 11.52 2.86
C14 7OJ E . 32.04 10.91 1.52
C11 7OJ E . 33.11 11.77 4.05
N7 7OJ E . 36.35 12.28 7.23
N9 7OJ E . 35.28 11.02 5.67
N5 7OJ E . 34.74 12.25 5.75
N15 7OJ E . 33.42 10.65 1.88
O19 7OJ E . 33.53 8.91 0.44
F28 7OJ E . 39.20 7.98 2.70
F25 7OJ E . 30.97 9.84 3.33
F26 7OJ E . 29.91 11.46 2.27
BR24 7OJ E . 37.53 7.92 5.10
ZN ZN F . 26.79 16.36 2.45
MG MG G . 26.00 13.86 -0.17
N3 7OJ H . -1.78 8.97 -33.85
C4 7OJ H . -1.17 10.07 -34.33
C6 7OJ H . 0.39 10.16 -32.51
C8 7OJ H . -0.50 11.75 -35.39
C10 7OJ H . -1.95 7.28 -32.15
C13 7OJ H . 2.96 11.32 -29.93
C17 7OJ H . 4.84 12.01 -32.84
C20 7OJ H . 3.53 13.02 -34.71
C21 7OJ H . 3.49 13.35 -36.05
C22 7OJ H . 5.66 12.42 -36.39
C23 7OJ H . 5.72 12.07 -35.06
C18 7OJ H . 4.66 12.38 -34.24
C27 7OJ H . 4.55 13.06 -36.88
C1 7OJ H . -0.18 9.07 -31.98
C2 7OJ H . -1.31 8.50 -32.74
C12 7OJ H . 1.72 10.64 -30.45
C16 7OJ H . 2.79 10.59 -32.74
C14 7OJ H . 4.19 11.00 -30.76
C11 7OJ H . 1.54 10.90 -31.94
N7 7OJ H . -1.43 10.75 -35.42
N9 7OJ H . 0.33 11.73 -34.35
N5 7OJ H . -0.12 10.65 -33.68
N15 7OJ H . 3.95 11.21 -32.17
O19 7OJ H . 5.85 12.47 -32.34
F28 7OJ H . 4.53 13.38 -38.19
F25 7OJ H . 2.73 12.65 -29.96
F26 7OJ H . 3.18 11.04 -28.62
BR24 7OJ H . 1.94 14.24 -36.70
ZN ZN I . 1.30 6.71 -25.08
MG MG J . 4.61 8.31 -24.38
N3 7OJ K . -31.60 -14.03 -10.52
C4 7OJ K . -31.23 -12.79 -10.83
C6 7OJ K . -29.79 -12.60 -8.91
C8 7OJ K . -30.91 -10.90 -11.65
C10 7OJ K . -31.48 -15.91 -9.07
C13 7OJ K . -27.69 -11.09 -6.05
C17 7OJ K . -25.90 -9.62 -8.72
C20 7OJ K . -27.36 -8.77 -10.58
C21 7OJ K . -27.43 -8.32 -11.89
C22 7OJ K . -25.08 -8.62 -12.18
C23 7OJ K . -24.99 -9.06 -10.89
C18 7OJ K . -26.12 -9.14 -10.11
C27 7OJ K . -26.30 -8.26 -12.68
C1 7OJ K . -30.12 -13.83 -8.55
C2 7OJ K . -31.08 -14.52 -9.45
C12 7OJ K . -28.68 -12.00 -6.72
C16 7OJ K . -27.55 -11.48 -8.95
C14 7OJ K . -26.40 -10.97 -6.83
C11 7OJ K . -28.86 -11.68 -8.19
N7 7OJ K . -31.61 -12.05 -11.85
N9 7OJ K . -30.13 -10.88 -10.57
N5 7OJ K . -30.34 -12.09 -10.05
N15 7OJ K . -26.64 -10.65 -8.21
O19 7OJ K . -25.03 -9.05 -8.08
F28 7OJ K . -26.40 -7.82 -13.95
F25 7OJ K . -28.25 -9.84 -5.94
F26 7OJ K . -27.40 -11.49 -4.79
BR24 7OJ K . -29.08 -7.80 -12.65
ZN ZN L . -28.40 -16.44 -1.77
MG MG M . -25.78 -14.11 -0.51
N3 7OJ N . 6.74 -10.60 30.14
C4 7OJ N . 6.90 -11.91 29.93
C6 7OJ N . 5.02 -11.99 28.42
C8 7OJ N . 7.49 -13.91 29.86
C10 7OJ N . 5.55 -8.54 29.77
C13 7OJ N . 2.00 -13.38 26.39
C17 7OJ N . 4.53 -15.36 24.88
C20 7OJ N . 6.23 -16.21 26.50
C21 7OJ N . 7.48 -16.76 26.71
C22 7OJ N . 7.92 -16.75 24.35
C23 7OJ N . 6.67 -16.20 24.13
C18 7OJ N . 5.86 -15.93 25.20
C27 7OJ N . 8.31 -17.03 25.64
C1 7OJ N . 4.81 -10.67 28.61
C2 7OJ N . 5.75 -10.02 29.53
C12 7OJ N . 2.72 -12.47 27.35
C16 7OJ N . 4.94 -13.36 26.32
C14 7OJ N . 2.80 -13.70 25.15
C11 7OJ N . 4.18 -12.84 27.54
N7 7OJ N . 7.81 -12.71 30.43
N9 7OJ N . 6.44 -13.87 29.04
N5 7OJ N . 6.06 -12.58 29.09
N15 7OJ N . 4.13 -14.18 25.47
O19 7OJ N . 3.85 -15.99 24.09
F28 7OJ N . 9.53 -17.56 25.91
F25 7OJ N . 1.74 -14.55 27.05
F26 7OJ N . 0.80 -12.82 26.08
BR24 7OJ N . 8.15 -17.20 28.44
ZN ZN O . -1.51 -7.50 26.11
MG MG P . -2.94 -9.95 23.75
#